data_3JVI
# 
_entry.id   3JVI 
# 
_audit_conform.dict_name       mmcif_pdbx.dic 
_audit_conform.dict_version    5.378 
_audit_conform.dict_location   http://mmcif.pdb.org/dictionaries/ascii/mmcif_pdbx.dic 
# 
loop_
_database_2.database_id 
_database_2.database_code 
_database_2.pdbx_database_accession 
_database_2.pdbx_DOI 
PDB   3JVI         pdb_00003jvi 10.2210/pdb3jvi/pdb 
RCSB  RCSB055211   ?            ?                   
WWPDB D_1000055211 ?            ?                   
# 
loop_
_pdbx_database_related.db_name 
_pdbx_database_related.db_id 
_pdbx_database_related.details 
_pdbx_database_related.content_type 
PDB      3ILY                 
'Apo crystal structure of protein tyrosine phosphatase from Entamoeba histolytica featuring a disordered active site' unspecified 
PDB      3JS5                 
;Crystal structure of protein tyrosine phosphatase from Entamoeba histolytica with PTR mimic Hepes in the active site. High resolution, alternative crystal form with 1 molecule in asymmetric unit, enzyme-substrate complex mimic
;
unspecified 
TargetDB SSGCID-EnhiA.01424.b . unspecified 
# 
_pdbx_database_status.entry_id                        3JVI 
_pdbx_database_status.deposit_site                    RCSB 
_pdbx_database_status.process_site                    RCSB 
_pdbx_database_status.recvd_initial_deposition_date   2009-09-16 
_pdbx_database_status.status_code                     REL 
_pdbx_database_status.status_code_sf                  REL 
_pdbx_database_status.status_code_mr                  ? 
_pdbx_database_status.SG_entry                        Y 
_pdbx_database_status.status_code_cs                  ? 
_pdbx_database_status.pdb_format_compatible           Y 
_pdbx_database_status.methods_development_category    ? 
_pdbx_database_status.status_code_nmr_data            ? 
# 
_audit_author.name           'Seattle Structural Genomics Center for Infectious Disease (SSGCID)' 
_audit_author.pdbx_ordinal   1 
# 
_citation.id                        primary 
_citation.title                     
'Crystal structure and putative substrate identification for the Entamoeba histolytica low molecular weight tyrosine phosphatase.' 
_citation.journal_abbrev            Mol.Biochem.Parasitol. 
_citation.journal_volume            193 
_citation.page_first                33 
_citation.page_last                 44 
_citation.year                      2014 
_citation.journal_id_ASTM           MBIPDP 
_citation.country                   NE 
_citation.journal_id_ISSN           0166-6851 
_citation.journal_id_CSD            2085 
_citation.book_publisher            ? 
_citation.pdbx_database_id_PubMed   24548880 
_citation.pdbx_database_id_DOI      10.1016/j.molbiopara.2014.01.003 
# 
loop_
_citation_author.citation_id 
_citation_author.name 
_citation_author.ordinal 
_citation_author.identifier_ORCID 
primary 'Linford, A.S.'     1 ? 
primary 'Jiang, N.M.'       2 ? 
primary 'Edwards, T.E.'     3 ? 
primary 'Sherman, N.E.'     4 ? 
primary 'Van Voorhis, W.C.' 5 ? 
primary 'Stewart, L.J.'     6 ? 
primary 'Myler, P.J.'       7 ? 
primary 'Staker, B.L.'      8 ? 
primary 'Petri, W.A.'       9 ? 
# 
_cell.length_a           44.995 
_cell.length_b           44.995 
_cell.length_c           133.316 
_cell.angle_alpha        90.000 
_cell.angle_beta         90.000 
_cell.angle_gamma        90.000 
_cell.entry_id           3JVI 
_cell.pdbx_unique_axis   ? 
_cell.Z_PDB              8 
_cell.length_a_esd       ? 
_cell.length_b_esd       ? 
_cell.length_c_esd       ? 
_cell.angle_alpha_esd    ? 
_cell.angle_beta_esd     ? 
_cell.angle_gamma_esd    ? 
# 
_symmetry.space_group_name_H-M             'P 43 21 2' 
_symmetry.entry_id                         3JVI 
_symmetry.Int_Tables_number                96 
_symmetry.pdbx_full_space_group_name_H-M   ? 
_symmetry.cell_setting                     ? 
_symmetry.space_group_name_Hall            ? 
# 
loop_
_entity.id 
_entity.type 
_entity.src_method 
_entity.pdbx_description 
_entity.formula_weight 
_entity.pdbx_number_of_molecules 
_entity.pdbx_ec 
_entity.pdbx_mutation 
_entity.pdbx_fragment 
_entity.details 
1 polymer     man 'Protein tyrosine phosphatase' 18391.029 1   ? ? ? ? 
2 non-polymer syn 'SULFATE ION'                  96.063    1   ? ? ? ? 
3 water       nat water                          18.015    144 ? ? ? ? 
# 
_entity_poly.entity_id                      1 
_entity_poly.type                           'polypeptide(L)' 
_entity_poly.nstd_linkage                   no 
_entity_poly.nstd_monomer                   no 
_entity_poly.pdbx_seq_one_letter_code       
;GPGSMKLLFVCLGNICRSPAAEAVMKKVIQNHHLTEKYICDSAGTCSYHEGQQADSRMRKVGKSRGYQVDSISRPVVSSD
FKNFDYIFAMDNDNYYELLDRCPEQYKQKIFKMVDFCTTIKTTEVPDPYYGGEKGFHRVIDILEDACENLIIKLEEGKLI
N
;
_entity_poly.pdbx_seq_one_letter_code_can   
;GPGSMKLLFVCLGNICRSPAAEAVMKKVIQNHHLTEKYICDSAGTCSYHEGQQADSRMRKVGKSRGYQVDSISRPVVSSD
FKNFDYIFAMDNDNYYELLDRCPEQYKQKIFKMVDFCTTIKTTEVPDPYYGGEKGFHRVIDILEDACENLIIKLEEGKLI
N
;
_entity_poly.pdbx_strand_id                 A 
_entity_poly.pdbx_target_identifier         SSGCID-EnhiA.01424.b 
# 
loop_
_entity_poly_seq.entity_id 
_entity_poly_seq.num 
_entity_poly_seq.mon_id 
_entity_poly_seq.hetero 
1 1   GLY n 
1 2   PRO n 
1 3   GLY n 
1 4   SER n 
1 5   MET n 
1 6   LYS n 
1 7   LEU n 
1 8   LEU n 
1 9   PHE n 
1 10  VAL n 
1 11  CYS n 
1 12  LEU n 
1 13  GLY n 
1 14  ASN n 
1 15  ILE n 
1 16  CYS n 
1 17  ARG n 
1 18  SER n 
1 19  PRO n 
1 20  ALA n 
1 21  ALA n 
1 22  GLU n 
1 23  ALA n 
1 24  VAL n 
1 25  MET n 
1 26  LYS n 
1 27  LYS n 
1 28  VAL n 
1 29  ILE n 
1 30  GLN n 
1 31  ASN n 
1 32  HIS n 
1 33  HIS n 
1 34  LEU n 
1 35  THR n 
1 36  GLU n 
1 37  LYS n 
1 38  TYR n 
1 39  ILE n 
1 40  CYS n 
1 41  ASP n 
1 42  SER n 
1 43  ALA n 
1 44  GLY n 
1 45  THR n 
1 46  CYS n 
1 47  SER n 
1 48  TYR n 
1 49  HIS n 
1 50  GLU n 
1 51  GLY n 
1 52  GLN n 
1 53  GLN n 
1 54  ALA n 
1 55  ASP n 
1 56  SER n 
1 57  ARG n 
1 58  MET n 
1 59  ARG n 
1 60  LYS n 
1 61  VAL n 
1 62  GLY n 
1 63  LYS n 
1 64  SER n 
1 65  ARG n 
1 66  GLY n 
1 67  TYR n 
1 68  GLN n 
1 69  VAL n 
1 70  ASP n 
1 71  SER n 
1 72  ILE n 
1 73  SER n 
1 74  ARG n 
1 75  PRO n 
1 76  VAL n 
1 77  VAL n 
1 78  SER n 
1 79  SER n 
1 80  ASP n 
1 81  PHE n 
1 82  LYS n 
1 83  ASN n 
1 84  PHE n 
1 85  ASP n 
1 86  TYR n 
1 87  ILE n 
1 88  PHE n 
1 89  ALA n 
1 90  MET n 
1 91  ASP n 
1 92  ASN n 
1 93  ASP n 
1 94  ASN n 
1 95  TYR n 
1 96  TYR n 
1 97  GLU n 
1 98  LEU n 
1 99  LEU n 
1 100 ASP n 
1 101 ARG n 
1 102 CYS n 
1 103 PRO n 
1 104 GLU n 
1 105 GLN n 
1 106 TYR n 
1 107 LYS n 
1 108 GLN n 
1 109 LYS n 
1 110 ILE n 
1 111 PHE n 
1 112 LYS n 
1 113 MET n 
1 114 VAL n 
1 115 ASP n 
1 116 PHE n 
1 117 CYS n 
1 118 THR n 
1 119 THR n 
1 120 ILE n 
1 121 LYS n 
1 122 THR n 
1 123 THR n 
1 124 GLU n 
1 125 VAL n 
1 126 PRO n 
1 127 ASP n 
1 128 PRO n 
1 129 TYR n 
1 130 TYR n 
1 131 GLY n 
1 132 GLY n 
1 133 GLU n 
1 134 LYS n 
1 135 GLY n 
1 136 PHE n 
1 137 HIS n 
1 138 ARG n 
1 139 VAL n 
1 140 ILE n 
1 141 ASP n 
1 142 ILE n 
1 143 LEU n 
1 144 GLU n 
1 145 ASP n 
1 146 ALA n 
1 147 CYS n 
1 148 GLU n 
1 149 ASN n 
1 150 LEU n 
1 151 ILE n 
1 152 ILE n 
1 153 LYS n 
1 154 LEU n 
1 155 GLU n 
1 156 GLU n 
1 157 GLY n 
1 158 LYS n 
1 159 LEU n 
1 160 ILE n 
1 161 ASN n 
# 
_entity_src_gen.entity_id                          1 
_entity_src_gen.pdbx_src_id                        1 
_entity_src_gen.pdbx_alt_source_flag               sample 
_entity_src_gen.pdbx_seq_type                      ? 
_entity_src_gen.pdbx_beg_seq_num                   ? 
_entity_src_gen.pdbx_end_seq_num                   ? 
_entity_src_gen.gene_src_common_name               ? 
_entity_src_gen.gene_src_genus                     ? 
_entity_src_gen.pdbx_gene_src_gene                 EHI_153650 
_entity_src_gen.gene_src_species                   ? 
_entity_src_gen.gene_src_strain                    HM-1:IMSS 
_entity_src_gen.gene_src_tissue                    ? 
_entity_src_gen.gene_src_tissue_fraction           ? 
_entity_src_gen.gene_src_details                   ? 
_entity_src_gen.pdbx_gene_src_fragment             ? 
_entity_src_gen.pdbx_gene_src_scientific_name      'Entamoeba histolytica' 
_entity_src_gen.pdbx_gene_src_ncbi_taxonomy_id     294381 
_entity_src_gen.pdbx_gene_src_variant              ? 
_entity_src_gen.pdbx_gene_src_cell_line            ? 
_entity_src_gen.pdbx_gene_src_atcc                 ? 
_entity_src_gen.pdbx_gene_src_organ                ? 
_entity_src_gen.pdbx_gene_src_organelle            ? 
_entity_src_gen.pdbx_gene_src_cell                 ? 
_entity_src_gen.pdbx_gene_src_cellular_location    ? 
_entity_src_gen.host_org_common_name               ? 
_entity_src_gen.pdbx_host_org_scientific_name      'Escherichia coli' 
_entity_src_gen.pdbx_host_org_ncbi_taxonomy_id     562 
_entity_src_gen.host_org_genus                     ? 
_entity_src_gen.pdbx_host_org_gene                 ? 
_entity_src_gen.pdbx_host_org_organ                ? 
_entity_src_gen.host_org_species                   ? 
_entity_src_gen.pdbx_host_org_tissue               ? 
_entity_src_gen.pdbx_host_org_tissue_fraction      ? 
_entity_src_gen.pdbx_host_org_strain               ? 
_entity_src_gen.pdbx_host_org_variant              ? 
_entity_src_gen.pdbx_host_org_cell_line            ? 
_entity_src_gen.pdbx_host_org_atcc                 ? 
_entity_src_gen.pdbx_host_org_culture_collection   ? 
_entity_src_gen.pdbx_host_org_cell                 ? 
_entity_src_gen.pdbx_host_org_organelle            ? 
_entity_src_gen.pdbx_host_org_cellular_location    ? 
_entity_src_gen.pdbx_host_org_vector_type          Plasmid 
_entity_src_gen.pdbx_host_org_vector               ? 
_entity_src_gen.host_org_details                   ? 
_entity_src_gen.expression_system_id               ? 
_entity_src_gen.plasmid_name                       AVA0421 
_entity_src_gen.plasmid_details                    ? 
_entity_src_gen.pdbx_description                   ? 
# 
_struct_ref.id                         1 
_struct_ref.db_name                    UNP 
_struct_ref.db_code                    C4LSE7_ENTHI 
_struct_ref.pdbx_db_accession          C4LSE7 
_struct_ref.entity_id                  1 
_struct_ref.pdbx_seq_one_letter_code   
;MKLLFVCLGNICRSPAAEAVMKKVIQNHHLTEKYICDSAGTCSYHEGQQADSRMRKVGKSRGYQVDSISRPVVSSDFKNF
DYIFAMDNDNYYELLDRCPEQYKQKIFKMVDFCTTIKTTEVPDPYYGGEKGFHRVIDILEDACENLIIKLEEGKLIN
;
_struct_ref.pdbx_align_begin           1 
_struct_ref.pdbx_db_isoform            ? 
# 
_struct_ref_seq.align_id                      1 
_struct_ref_seq.ref_id                        1 
_struct_ref_seq.pdbx_PDB_id_code              3JVI 
_struct_ref_seq.pdbx_strand_id                A 
_struct_ref_seq.seq_align_beg                 5 
_struct_ref_seq.pdbx_seq_align_beg_ins_code   ? 
_struct_ref_seq.seq_align_end                 161 
_struct_ref_seq.pdbx_seq_align_end_ins_code   ? 
_struct_ref_seq.pdbx_db_accession             C4LSE7 
_struct_ref_seq.db_align_beg                  1 
_struct_ref_seq.pdbx_db_align_beg_ins_code    ? 
_struct_ref_seq.db_align_end                  157 
_struct_ref_seq.pdbx_db_align_end_ins_code    ? 
_struct_ref_seq.pdbx_auth_seq_align_beg       1 
_struct_ref_seq.pdbx_auth_seq_align_end       157 
# 
loop_
_struct_ref_seq_dif.align_id 
_struct_ref_seq_dif.pdbx_pdb_id_code 
_struct_ref_seq_dif.mon_id 
_struct_ref_seq_dif.pdbx_pdb_strand_id 
_struct_ref_seq_dif.seq_num 
_struct_ref_seq_dif.pdbx_pdb_ins_code 
_struct_ref_seq_dif.pdbx_seq_db_name 
_struct_ref_seq_dif.pdbx_seq_db_accession_code 
_struct_ref_seq_dif.db_mon_id 
_struct_ref_seq_dif.pdbx_seq_db_seq_num 
_struct_ref_seq_dif.details 
_struct_ref_seq_dif.pdbx_auth_seq_num 
_struct_ref_seq_dif.pdbx_ordinal 
1 3JVI GLY A 1 ? UNP C4LSE7 ? ? 'expression tag' -3 1 
1 3JVI PRO A 2 ? UNP C4LSE7 ? ? 'expression tag' -2 2 
1 3JVI GLY A 3 ? UNP C4LSE7 ? ? 'expression tag' -1 3 
1 3JVI SER A 4 ? UNP C4LSE7 ? ? 'expression tag' 0  4 
# 
loop_
_chem_comp.id 
_chem_comp.type 
_chem_comp.mon_nstd_flag 
_chem_comp.name 
_chem_comp.pdbx_synonyms 
_chem_comp.formula 
_chem_comp.formula_weight 
ALA 'L-peptide linking' y ALANINE         ? 'C3 H7 N O2'     89.093  
ARG 'L-peptide linking' y ARGININE        ? 'C6 H15 N4 O2 1' 175.209 
ASN 'L-peptide linking' y ASPARAGINE      ? 'C4 H8 N2 O3'    132.118 
ASP 'L-peptide linking' y 'ASPARTIC ACID' ? 'C4 H7 N O4'     133.103 
CYS 'L-peptide linking' y CYSTEINE        ? 'C3 H7 N O2 S'   121.158 
GLN 'L-peptide linking' y GLUTAMINE       ? 'C5 H10 N2 O3'   146.144 
GLU 'L-peptide linking' y 'GLUTAMIC ACID' ? 'C5 H9 N O4'     147.129 
GLY 'peptide linking'   y GLYCINE         ? 'C2 H5 N O2'     75.067  
HIS 'L-peptide linking' y HISTIDINE       ? 'C6 H10 N3 O2 1' 156.162 
HOH non-polymer         . WATER           ? 'H2 O'           18.015  
ILE 'L-peptide linking' y ISOLEUCINE      ? 'C6 H13 N O2'    131.173 
LEU 'L-peptide linking' y LEUCINE         ? 'C6 H13 N O2'    131.173 
LYS 'L-peptide linking' y LYSINE          ? 'C6 H15 N2 O2 1' 147.195 
MET 'L-peptide linking' y METHIONINE      ? 'C5 H11 N O2 S'  149.211 
PHE 'L-peptide linking' y PHENYLALANINE   ? 'C9 H11 N O2'    165.189 
PRO 'L-peptide linking' y PROLINE         ? 'C5 H9 N O2'     115.130 
SER 'L-peptide linking' y SERINE          ? 'C3 H7 N O3'     105.093 
SO4 non-polymer         . 'SULFATE ION'   ? 'O4 S -2'        96.063  
THR 'L-peptide linking' y THREONINE       ? 'C4 H9 N O3'     119.119 
TYR 'L-peptide linking' y TYROSINE        ? 'C9 H11 N O3'    181.189 
VAL 'L-peptide linking' y VALINE          ? 'C5 H11 N O2'    117.146 
# 
_exptl.crystals_number   1 
_exptl.entry_id          3JVI 
_exptl.method            'X-RAY DIFFRACTION' 
# 
_exptl_crystal.id                    1 
_exptl_crystal.density_Matthews      1.83 
_exptl_crystal.density_meas          ? 
_exptl_crystal.density_percent_sol   32.95 
_exptl_crystal.description           ? 
_exptl_crystal.F_000                 ? 
_exptl_crystal.preparation           ? 
# 
_exptl_crystal_grow.crystal_id      1 
_exptl_crystal_grow.method          'VAPOR DIFFUSION, SITTING DROP' 
_exptl_crystal_grow.pH              7.0 
_exptl_crystal_grow.temp            289 
_exptl_crystal_grow.temp_details    ? 
_exptl_crystal_grow.pdbx_details    
;Emerald Biosystems Wizard II screen condition 41, 2.0 M Ammonium sulfate, 0.1 M Tris-HCl pH 7.0, 0.2 M Lithium sulfate, 26.1 mg/mL protein. Crystal tracking ID 203693h5, expression tag removed with 3C protease, VAPOR DIFFUSION, SITTING DROP, temperature 289K
;
_exptl_crystal_grow.pdbx_pH_range   ? 
# 
_diffrn.id                     1 
_diffrn.ambient_temp           100 
_diffrn.ambient_temp_details   ? 
_diffrn.crystal_id             1 
# 
_diffrn_detector.diffrn_id              1 
_diffrn_detector.detector               CCD 
_diffrn_detector.type                   'RIGAKU SATURN 944+' 
_diffrn_detector.pdbx_collection_date   2009-08-20 
_diffrn_detector.details                ? 
# 
_diffrn_radiation.diffrn_id                        1 
_diffrn_radiation.wavelength_id                    1 
_diffrn_radiation.pdbx_diffrn_protocol             'SINGLE WAVELENGTH' 
_diffrn_radiation.monochromator                    ? 
_diffrn_radiation.pdbx_monochromatic_or_laue_m_l   M 
_diffrn_radiation.pdbx_scattering_type             x-ray 
# 
_diffrn_radiation_wavelength.id           1 
_diffrn_radiation_wavelength.wavelength   1.5418 
_diffrn_radiation_wavelength.wt           1.0 
# 
_diffrn_source.diffrn_id                   1 
_diffrn_source.source                      'ROTATING ANODE' 
_diffrn_source.type                        'RIGAKU FR-E+ SUPERBRIGHT' 
_diffrn_source.pdbx_wavelength             ? 
_diffrn_source.pdbx_wavelength_list        1.5418 
_diffrn_source.pdbx_synchrotron_site       ? 
_diffrn_source.pdbx_synchrotron_beamline   ? 
# 
_reflns.entry_id                     3JVI 
_reflns.observed_criterion_sigma_F   ? 
_reflns.observed_criterion_sigma_I   ? 
_reflns.d_resolution_high            1.80 
_reflns.d_resolution_low             50.0 
_reflns.number_all                   13504 
_reflns.number_obs                   12964 
_reflns.percent_possible_obs         96.2 
_reflns.pdbx_Rmerge_I_obs            0.062 
_reflns.pdbx_Rsym_value              ? 
_reflns.pdbx_netI_over_sigmaI        22.84 
_reflns.B_iso_Wilson_estimate        ? 
_reflns.pdbx_redundancy              7.6 
_reflns.R_free_details               ? 
_reflns.limit_h_max                  ? 
_reflns.limit_h_min                  ? 
_reflns.limit_k_max                  ? 
_reflns.limit_k_min                  ? 
_reflns.limit_l_max                  ? 
_reflns.limit_l_min                  ? 
_reflns.observed_criterion_F_max     ? 
_reflns.observed_criterion_F_min     ? 
_reflns.pdbx_chi_squared             ? 
_reflns.pdbx_scaling_rejects         ? 
_reflns.pdbx_ordinal                 1 
_reflns.pdbx_diffrn_id               1 
# 
_reflns_shell.d_res_high             1.80 
_reflns_shell.d_res_low              1.86 
_reflns_shell.percent_possible_obs   ? 
_reflns_shell.percent_possible_all   100 
_reflns_shell.Rmerge_I_obs           0.254 
_reflns_shell.meanI_over_sigI_obs    5.71 
_reflns_shell.pdbx_Rsym_value        ? 
_reflns_shell.pdbx_redundancy        4.6 
_reflns_shell.number_unique_all      1287 
_reflns_shell.number_measured_all    ? 
_reflns_shell.number_measured_obs    ? 
_reflns_shell.number_unique_obs      ? 
_reflns_shell.pdbx_chi_squared       ? 
_reflns_shell.pdbx_ordinal           1 
_reflns_shell.pdbx_diffrn_id         1 
# 
_refine.entry_id                                 3JVI 
_refine.ls_d_res_high                            1.80 
_refine.ls_d_res_low                             42.64 
_refine.pdbx_ls_sigma_F                          0.00 
_refine.pdbx_data_cutoff_high_absF               ? 
_refine.pdbx_data_cutoff_low_absF                ? 
_refine.ls_percent_reflns_obs                    96.120 
_refine.ls_number_reflns_obs                     12911 
_refine.ls_number_reflns_all                     ? 
_refine.pdbx_ls_cross_valid_method               THROUGHOUT 
_refine.pdbx_R_Free_selection_details            RANDOM 
_refine.details                                  
'1. HYDROGENS HAVE BEEN ADDED IN THE RIDING POSITIONS. 2. U VALUES: RESIDUAL ONLY.' 
_refine.ls_R_factor_all                          ? 
_refine.ls_R_factor_obs                          0.206 
_refine.ls_R_factor_R_work                       0.204 
_refine.ls_wR_factor_R_work                      0.197 
_refine.ls_R_factor_R_free                       0.249 
_refine.ls_wR_factor_R_free                      0.237 
_refine.ls_percent_reflns_R_free                 5.000 
_refine.ls_number_reflns_R_free                  644 
_refine.ls_R_factor_R_free_error                 ? 
_refine.B_iso_mean                               13.914 
_refine.solvent_model_param_bsol                 ? 
_refine.solvent_model_param_ksol                 ? 
_refine.pdbx_isotropic_thermal_model             ? 
_refine.aniso_B[1][1]                            3.030 
_refine.aniso_B[2][2]                            3.030 
_refine.aniso_B[3][3]                            -6.060 
_refine.aniso_B[1][2]                            0.000 
_refine.aniso_B[1][3]                            0.000 
_refine.aniso_B[2][3]                            0.000 
_refine.correlation_coeff_Fo_to_Fc               0.942 
_refine.correlation_coeff_Fo_to_Fc_free          0.909 
_refine.overall_SU_R_Cruickshank_DPI             0.037 
_refine.overall_SU_R_free                        0.033 
_refine.pdbx_overall_ESU_R                       0.037 
_refine.pdbx_overall_ESU_R_Free                  0.033 
_refine.overall_SU_ML                            0.079 
_refine.overall_SU_B                             5.859 
_refine.solvent_model_details                    MASK 
_refine.pdbx_solvent_vdw_probe_radii             1.400 
_refine.pdbx_solvent_ion_probe_radii             0.800 
_refine.pdbx_solvent_shrinkage_radii             0.800 
_refine.ls_number_parameters                     ? 
_refine.ls_number_restraints                     ? 
_refine.pdbx_starting_model                      'PDB entry 3IDO' 
_refine.pdbx_method_to_determine_struct          'MOLECULAR REPLACEMENT' 
_refine.pdbx_stereochemistry_target_values       'MAXIMUM LIKELIHOOD' 
_refine.pdbx_stereochem_target_val_spec_case     ? 
_refine.overall_FOM_work_R_set                   0.854 
_refine.B_iso_max                                41.75 
_refine.B_iso_min                                3.42 
_refine.occupancy_max                            1.00 
_refine.occupancy_min                            0.50 
_refine.pdbx_ls_sigma_I                          ? 
_refine.ls_redundancy_reflns_obs                 ? 
_refine.ls_R_factor_R_free_error_details         ? 
_refine.pdbx_data_cutoff_high_rms_absF           ? 
_refine.overall_FOM_free_R_set                   ? 
_refine.pdbx_overall_phase_error                 ? 
_refine.pdbx_refine_id                           'X-RAY DIFFRACTION' 
_refine.pdbx_TLS_residual_ADP_flag               'LIKELY RESIDUAL' 
_refine.pdbx_diffrn_id                           1 
_refine.pdbx_overall_SU_R_free_Cruickshank_DPI   ? 
_refine.pdbx_overall_SU_R_Blow_DPI               ? 
_refine.pdbx_overall_SU_R_free_Blow_DPI          ? 
# 
_refine_hist.pdbx_refine_id                   'X-RAY DIFFRACTION' 
_refine_hist.cycle_id                         LAST 
_refine_hist.pdbx_number_atoms_protein        1235 
_refine_hist.pdbx_number_atoms_nucleic_acid   0 
_refine_hist.pdbx_number_atoms_ligand         5 
_refine_hist.number_atoms_solvent             144 
_refine_hist.number_atoms_total               1384 
_refine_hist.d_res_high                       1.80 
_refine_hist.d_res_low                        42.64 
# 
loop_
_refine_ls_restr.type 
_refine_ls_restr.number 
_refine_ls_restr.dev_ideal 
_refine_ls_restr.dev_ideal_target 
_refine_ls_restr.weight 
_refine_ls_restr.pdbx_refine_id 
_refine_ls_restr.pdbx_restraint_function 
r_bond_refined_d       1293 0.012  0.022  ? 'X-RAY DIFFRACTION' ? 
r_angle_refined_deg    1749 1.273  1.967  ? 'X-RAY DIFFRACTION' ? 
r_dihedral_angle_1_deg 164  5.272  5.000  ? 'X-RAY DIFFRACTION' ? 
r_dihedral_angle_2_deg 62   30.639 24.839 ? 'X-RAY DIFFRACTION' ? 
r_dihedral_angle_3_deg 239  15.100 15.000 ? 'X-RAY DIFFRACTION' ? 
r_dihedral_angle_4_deg 7    14.868 15.000 ? 'X-RAY DIFFRACTION' ? 
r_chiral_restr         193  0.098  0.200  ? 'X-RAY DIFFRACTION' ? 
r_gen_planes_refined   976  0.006  0.021  ? 'X-RAY DIFFRACTION' ? 
r_mcbond_it            794  0.761  1.500  ? 'X-RAY DIFFRACTION' ? 
r_mcangle_it           1289 1.422  2.000  ? 'X-RAY DIFFRACTION' ? 
r_scbond_it            499  2.115  3.000  ? 'X-RAY DIFFRACTION' ? 
r_scangle_it           456  3.249  4.500  ? 'X-RAY DIFFRACTION' ? 
# 
_refine_ls_shell.d_res_high                       1.800 
_refine_ls_shell.d_res_low                        1.847 
_refine_ls_shell.pdbx_total_number_of_bins_used   20 
_refine_ls_shell.percent_reflns_obs               97.550 
_refine_ls_shell.number_reflns_R_work             874 
_refine_ls_shell.R_factor_all                     ? 
_refine_ls_shell.R_factor_R_work                  0.260 
_refine_ls_shell.R_factor_R_free                  0.361 
_refine_ls_shell.percent_reflns_R_free            ? 
_refine_ls_shell.number_reflns_R_free             41 
_refine_ls_shell.R_factor_R_free_error            ? 
_refine_ls_shell.number_reflns_all                915 
_refine_ls_shell.number_reflns_obs                ? 
_refine_ls_shell.redundancy_reflns_obs            ? 
_refine_ls_shell.pdbx_refine_id                   'X-RAY DIFFRACTION' 
# 
_struct.entry_id                  3JVI 
_struct.title                     
'Product state mimic crystal structure of protein tyrosine phosphatase from Entamoeba histolytica' 
_struct.pdbx_model_details        ? 
_struct.pdbx_CASP_flag            ? 
_struct.pdbx_model_type_details   ? 
# 
_struct_keywords.entry_id        3JVI 
_struct_keywords.pdbx_keywords   HYDROLASE 
_struct_keywords.text            
'NIAID, SSGCID, Seattle Structural Genomics Center for Infectious Disease, parasitic protozoan, dysentery, liver abscess, HYDROLASE' 
# 
loop_
_struct_asym.id 
_struct_asym.pdbx_blank_PDB_chainid_flag 
_struct_asym.pdbx_modified 
_struct_asym.entity_id 
_struct_asym.details 
A N N 1 ? 
B N N 2 ? 
C N N 3 ? 
# 
_struct_biol.id        1 
_struct_biol.details   ? 
# 
loop_
_struct_conf.conf_type_id 
_struct_conf.id 
_struct_conf.pdbx_PDB_helix_id 
_struct_conf.beg_label_comp_id 
_struct_conf.beg_label_asym_id 
_struct_conf.beg_label_seq_id 
_struct_conf.pdbx_beg_PDB_ins_code 
_struct_conf.end_label_comp_id 
_struct_conf.end_label_asym_id 
_struct_conf.end_label_seq_id 
_struct_conf.pdbx_end_PDB_ins_code 
_struct_conf.beg_auth_comp_id 
_struct_conf.beg_auth_asym_id 
_struct_conf.beg_auth_seq_id 
_struct_conf.end_auth_comp_id 
_struct_conf.end_auth_asym_id 
_struct_conf.end_auth_seq_id 
_struct_conf.pdbx_PDB_helix_class 
_struct_conf.details 
_struct_conf.pdbx_PDB_helix_length 
HELX_P HELX_P1 1 CYS A 16  ? HIS A 32  ? CYS A 12  HIS A 28  1 ? 17 
HELX_P HELX_P2 2 LEU A 34  ? GLU A 36  ? LEU A 30  GLU A 32  5 ? 3  
HELX_P HELX_P3 3 ASP A 55  ? ARG A 65  ? ASP A 51  ARG A 61  1 ? 11 
HELX_P HELX_P4 4 VAL A 77  ? PHE A 84  ? VAL A 73  PHE A 80  1 ? 8  
HELX_P HELX_P5 5 ASP A 91  ? CYS A 102 ? ASP A 87  CYS A 98  1 ? 12 
HELX_P HELX_P6 6 PRO A 103 ? GLN A 108 ? PRO A 99  GLN A 104 5 ? 6  
HELX_P HELX_P7 7 VAL A 114 ? CYS A 117 ? VAL A 110 CYS A 113 5 ? 4  
HELX_P HELX_P8 8 GLY A 132 ? GLY A 157 ? GLY A 128 GLY A 153 1 ? 26 
# 
_struct_conf_type.id          HELX_P 
_struct_conf_type.criteria    ? 
_struct_conf_type.reference   ? 
# 
_struct_sheet.id               A 
_struct_sheet.type             ? 
_struct_sheet.number_strands   4 
_struct_sheet.details          ? 
# 
loop_
_struct_sheet_order.sheet_id 
_struct_sheet_order.range_id_1 
_struct_sheet_order.range_id_2 
_struct_sheet_order.offset 
_struct_sheet_order.sense 
A 1 2 ? parallel 
A 2 3 ? parallel 
A 3 4 ? parallel 
# 
loop_
_struct_sheet_range.sheet_id 
_struct_sheet_range.id 
_struct_sheet_range.beg_label_comp_id 
_struct_sheet_range.beg_label_asym_id 
_struct_sheet_range.beg_label_seq_id 
_struct_sheet_range.pdbx_beg_PDB_ins_code 
_struct_sheet_range.end_label_comp_id 
_struct_sheet_range.end_label_asym_id 
_struct_sheet_range.end_label_seq_id 
_struct_sheet_range.pdbx_end_PDB_ins_code 
_struct_sheet_range.beg_auth_comp_id 
_struct_sheet_range.beg_auth_asym_id 
_struct_sheet_range.beg_auth_seq_id 
_struct_sheet_range.end_auth_comp_id 
_struct_sheet_range.end_auth_asym_id 
_struct_sheet_range.end_auth_seq_id 
A 1 TYR A 38  ? GLY A 44  ? TYR A 34  GLY A 40  
A 2 MET A 5   ? CYS A 11  ? MET A 1   CYS A 7   
A 3 TYR A 86  ? ALA A 89  ? TYR A 82  ALA A 85  
A 4 ILE A 110 ? LYS A 112 ? ILE A 106 LYS A 108 
# 
loop_
_pdbx_struct_sheet_hbond.sheet_id 
_pdbx_struct_sheet_hbond.range_id_1 
_pdbx_struct_sheet_hbond.range_id_2 
_pdbx_struct_sheet_hbond.range_1_label_atom_id 
_pdbx_struct_sheet_hbond.range_1_label_comp_id 
_pdbx_struct_sheet_hbond.range_1_label_asym_id 
_pdbx_struct_sheet_hbond.range_1_label_seq_id 
_pdbx_struct_sheet_hbond.range_1_PDB_ins_code 
_pdbx_struct_sheet_hbond.range_1_auth_atom_id 
_pdbx_struct_sheet_hbond.range_1_auth_comp_id 
_pdbx_struct_sheet_hbond.range_1_auth_asym_id 
_pdbx_struct_sheet_hbond.range_1_auth_seq_id 
_pdbx_struct_sheet_hbond.range_2_label_atom_id 
_pdbx_struct_sheet_hbond.range_2_label_comp_id 
_pdbx_struct_sheet_hbond.range_2_label_asym_id 
_pdbx_struct_sheet_hbond.range_2_label_seq_id 
_pdbx_struct_sheet_hbond.range_2_PDB_ins_code 
_pdbx_struct_sheet_hbond.range_2_auth_atom_id 
_pdbx_struct_sheet_hbond.range_2_auth_comp_id 
_pdbx_struct_sheet_hbond.range_2_auth_asym_id 
_pdbx_struct_sheet_hbond.range_2_auth_seq_id 
A 1 2 O ILE A 39 ? O ILE A 35 N LEU A 7   ? N LEU A 3   
A 2 3 N VAL A 10 ? N VAL A 6  O PHE A 88  ? O PHE A 84  
A 3 4 N ALA A 89 ? N ALA A 85 O PHE A 111 ? O PHE A 107 
# 
_struct_site.id                   AC1 
_struct_site.pdbx_evidence_code   Software 
_struct_site.pdbx_auth_asym_id    A 
_struct_site.pdbx_auth_comp_id    SO4 
_struct_site.pdbx_auth_seq_id     201 
_struct_site.pdbx_auth_ins_code   ? 
_struct_site.pdbx_num_residues    10 
_struct_site.details              'BINDING SITE FOR RESIDUE SO4 A 201' 
# 
loop_
_struct_site_gen.id 
_struct_site_gen.site_id 
_struct_site_gen.pdbx_num_res 
_struct_site_gen.label_comp_id 
_struct_site_gen.label_asym_id 
_struct_site_gen.label_seq_id 
_struct_site_gen.pdbx_auth_ins_code 
_struct_site_gen.auth_comp_id 
_struct_site_gen.auth_asym_id 
_struct_site_gen.auth_seq_id 
_struct_site_gen.label_atom_id 
_struct_site_gen.label_alt_id 
_struct_site_gen.symmetry 
_struct_site_gen.details 
1  AC1 10 CYS A 11 ? CYS A 7   . ? 1_555 ? 
2  AC1 10 LEU A 12 ? LEU A 8   . ? 1_555 ? 
3  AC1 10 GLY A 13 ? GLY A 9   . ? 1_555 ? 
4  AC1 10 ASN A 14 ? ASN A 10  . ? 1_555 ? 
5  AC1 10 ILE A 15 ? ILE A 11  . ? 1_555 ? 
6  AC1 10 CYS A 16 ? CYS A 12  . ? 1_555 ? 
7  AC1 10 ARG A 17 ? ARG A 13  . ? 1_555 ? 
8  AC1 10 SER A 18 ? SER A 14  . ? 1_555 ? 
9  AC1 10 HOH C .  ? HOH A 288 . ? 1_555 ? 
10 AC1 10 HOH C .  ? HOH A 289 . ? 1_555 ? 
# 
_atom_sites.entry_id                    3JVI 
_atom_sites.fract_transf_matrix[1][1]   0.00463811 
_atom_sites.fract_transf_matrix[1][2]   -0.01069209 
_atom_sites.fract_transf_matrix[1][3]   -0.01892400 
_atom_sites.fract_transf_matrix[2][1]   -0.00907641 
_atom_sites.fract_transf_matrix[2][2]   0.01662948 
_atom_sites.fract_transf_matrix[2][3]   -0.01162023 
_atom_sites.fract_transf_matrix[3][1]   0.00666564 
_atom_sites.fract_transf_matrix[3][2]   0.00342678 
_atom_sites.fract_transf_matrix[3][3]   -0.00030244 
_atom_sites.fract_transf_vector[1]      -0.017003 
_atom_sites.fract_transf_vector[2]      0.377633 
_atom_sites.fract_transf_vector[3]      -0.141011 
# 
loop_
_atom_type.symbol 
C 
N 
O 
S 
# 
loop_
_atom_site.group_PDB 
_atom_site.id 
_atom_site.type_symbol 
_atom_site.label_atom_id 
_atom_site.label_alt_id 
_atom_site.label_comp_id 
_atom_site.label_asym_id 
_atom_site.label_entity_id 
_atom_site.label_seq_id 
_atom_site.pdbx_PDB_ins_code 
_atom_site.Cartn_x 
_atom_site.Cartn_y 
_atom_site.Cartn_z 
_atom_site.occupancy 
_atom_site.B_iso_or_equiv 
_atom_site.pdbx_formal_charge 
_atom_site.auth_seq_id 
_atom_site.auth_comp_id 
_atom_site.auth_asym_id 
_atom_site.auth_atom_id 
_atom_site.pdbx_PDB_model_num 
ATOM   1    N N   . SER A 1 4   ? -3.897  10.938  14.435  1.00 24.99 ? 0   SER A N   1 
ATOM   2    C CA  . SER A 1 4   ? -4.372  9.915   13.443  1.00 24.45 ? 0   SER A CA  1 
ATOM   3    C C   . SER A 1 4   ? -3.249  9.009   12.952  1.00 22.92 ? 0   SER A C   1 
ATOM   4    O O   . SER A 1 4   ? -2.104  9.434   12.798  1.00 23.01 ? 0   SER A O   1 
ATOM   5    C CB  . SER A 1 4   ? -5.034  10.586  12.247  1.00 25.79 ? 0   SER A CB  1 
ATOM   6    O OG  . SER A 1 4   ? -4.204  11.599  11.707  1.00 29.28 ? 0   SER A OG  1 
ATOM   7    N N   . MET A 1 5   ? -3.594  7.757   12.689  1.00 20.22 ? 1   MET A N   1 
ATOM   8    C CA  . MET A 1 5   ? -2.631  6.765   12.260  1.00 18.11 ? 1   MET A CA  1 
ATOM   9    C C   . MET A 1 5   ? -2.360  6.880   10.761  1.00 15.72 ? 1   MET A C   1 
ATOM   10   O O   . MET A 1 5   ? -3.285  6.795   9.961   1.00 15.82 ? 1   MET A O   1 
ATOM   11   C CB  . MET A 1 5   ? -3.152  5.369   12.603  1.00 18.76 ? 1   MET A CB  1 
ATOM   12   C CG  . MET A 1 5   ? -3.239  5.106   14.116  1.00 21.69 ? 1   MET A CG  1 
ATOM   13   S SD  . MET A 1 5   ? -1.584  4.939   14.826  1.00 28.85 ? 1   MET A SD  1 
ATOM   14   C CE  . MET A 1 5   ? -0.888  3.709   13.745  1.00 23.07 ? 1   MET A CE  1 
ATOM   15   N N   . LYS A 1 6   ? -1.091  7.051   10.403  1.00 13.17 ? 2   LYS A N   1 
ATOM   16   C CA  . LYS A 1 6   ? -0.673  7.312   9.010   1.00 11.22 ? 2   LYS A CA  1 
ATOM   17   C C   . LYS A 1 6   ? 0.044   6.104   8.407   1.00 9.96  ? 2   LYS A C   1 
ATOM   18   O O   . LYS A 1 6   ? 1.078   5.650   8.920   1.00 9.62  ? 2   LYS A O   1 
ATOM   19   C CB  . LYS A 1 6   ? 0.219   8.568   8.947   1.00 11.81 ? 2   LYS A CB  1 
ATOM   20   C CG  . LYS A 1 6   ? -0.448  9.825   9.559   1.00 12.29 ? 2   LYS A CG  1 
ATOM   21   C CD  . LYS A 1 6   ? 0.572   10.897  9.944   1.00 15.80 ? 2   LYS A CD  1 
ATOM   22   C CE  . LYS A 1 6   ? 0.733   10.984  11.456  1.00 18.10 ? 2   LYS A CE  1 
ATOM   23   N NZ  . LYS A 1 6   ? -0.349  11.795  12.119  1.00 18.86 ? 2   LYS A NZ  1 
ATOM   24   N N   . LEU A 1 7   ? -0.511  5.624   7.294   1.00 7.62  ? 3   LEU A N   1 
ATOM   25   C CA  . LEU A 1 7   ? -0.083  4.417   6.613   1.00 7.35  ? 3   LEU A CA  1 
ATOM   26   C C   . LEU A 1 7   ? 0.469   4.752   5.233   1.00 5.87  ? 3   LEU A C   1 
ATOM   27   O O   . LEU A 1 7   ? -0.200  5.403   4.430   1.00 6.99  ? 3   LEU A O   1 
ATOM   28   C CB  . LEU A 1 7   ? -1.293  3.454   6.472   1.00 6.17  ? 3   LEU A CB  1 
ATOM   29   C CG  . LEU A 1 7   ? -2.082  3.196   7.767   1.00 6.71  ? 3   LEU A CG  1 
ATOM   30   C CD1 . LEU A 1 7   ? -3.315  2.350   7.432   1.00 7.02  ? 3   LEU A CD1 1 
ATOM   31   C CD2 . LEU A 1 7   ? -1.198  2.536   8.863   1.00 4.02  ? 3   LEU A CD2 1 
ATOM   32   N N   . LEU A 1 8   ? 1.684   4.290   4.951   1.00 5.46  ? 4   LEU A N   1 
ATOM   33   C CA  . LEU A 1 8   ? 2.277   4.484   3.652   1.00 5.77  ? 4   LEU A CA  1 
ATOM   34   C C   . LEU A 1 8   ? 2.450   3.167   2.895   1.00 5.72  ? 4   LEU A C   1 
ATOM   35   O O   . LEU A 1 8   ? 3.037   2.242   3.407   1.00 5.00  ? 4   LEU A O   1 
ATOM   36   C CB  . LEU A 1 8   ? 3.639   5.163   3.819   1.00 5.26  ? 4   LEU A CB  1 
ATOM   37   C CG  . LEU A 1 8   ? 4.390   5.487   2.526   1.00 6.61  ? 4   LEU A CG  1 
ATOM   38   C CD1 . LEU A 1 8   ? 3.608   6.578   1.693   1.00 7.56  ? 4   LEU A CD1 1 
ATOM   39   C CD2 . LEU A 1 8   ? 5.829   5.937   2.881   1.00 5.86  ? 4   LEU A CD2 1 
ATOM   40   N N   . PHE A 1 9   ? 1.995   3.119   1.645   1.00 6.00  ? 5   PHE A N   1 
ATOM   41   C CA  . PHE A 1 9   ? 2.131   1.910   0.819   1.00 6.42  ? 5   PHE A CA  1 
ATOM   42   C C   . PHE A 1 9   ? 3.173   2.135   -0.269  1.00 7.16  ? 5   PHE A C   1 
ATOM   43   O O   . PHE A 1 9   ? 3.126   3.137   -0.974  1.00 7.00  ? 5   PHE A O   1 
ATOM   44   C CB  . PHE A 1 9   ? 0.766   1.517   0.227   1.00 6.89  ? 5   PHE A CB  1 
ATOM   45   C CG  . PHE A 1 9   ? -0.249  1.214   1.287   1.00 7.10  ? 5   PHE A CG  1 
ATOM   46   C CD1 . PHE A 1 9   ? -0.340  -0.072  1.808   1.00 7.17  ? 5   PHE A CD1 1 
ATOM   47   C CD2 . PHE A 1 9   ? -1.019  2.224   1.851   1.00 7.68  ? 5   PHE A CD2 1 
ATOM   48   C CE1 . PHE A 1 9   ? -1.208  -0.374  2.826   1.00 8.36  ? 5   PHE A CE1 1 
ATOM   49   C CE2 . PHE A 1 9   ? -1.915  1.932   2.878   1.00 6.45  ? 5   PHE A CE2 1 
ATOM   50   C CZ  . PHE A 1 9   ? -2.015  0.631   3.363   1.00 5.46  ? 5   PHE A CZ  1 
ATOM   51   N N   . VAL A 1 10  ? 4.137   1.221   -0.374  1.00 7.49  ? 6   VAL A N   1 
ATOM   52   C CA  . VAL A 1 10  ? 5.367   1.510   -1.147  1.00 7.89  ? 6   VAL A CA  1 
ATOM   53   C C   . VAL A 1 10  ? 5.645   0.420   -2.163  1.00 9.71  ? 6   VAL A C   1 
ATOM   54   O O   . VAL A 1 10  ? 5.564   -0.776  -1.875  1.00 9.03  ? 6   VAL A O   1 
ATOM   55   C CB  . VAL A 1 10  ? 6.626   1.705   -0.243  1.00 7.38  ? 6   VAL A CB  1 
ATOM   56   C CG1 . VAL A 1 10  ? 7.895   1.994   -1.091  1.00 7.37  ? 6   VAL A CG1 1 
ATOM   57   C CG2 . VAL A 1 10  ? 6.423   2.881   0.704   1.00 7.52  ? 6   VAL A CG2 1 
ATOM   58   N N   . CYS A 1 11  ? 6.000   0.851   -3.357  1.00 12.39 ? 7   CYS A N   1 
ATOM   59   C CA  . CYS A 1 11  ? 6.519   -0.075  -4.349  1.00 14.71 ? 7   CYS A CA  1 
ATOM   60   C C   . CYS A 1 11  ? 7.706   0.573   -5.043  1.00 14.35 ? 7   CYS A C   1 
ATOM   61   O O   . CYS A 1 11  ? 8.330   1.488   -4.506  1.00 14.39 ? 7   CYS A O   1 
ATOM   62   C CB  . CYS A 1 11  ? 5.434   -0.359  -5.363  1.00 15.27 ? 7   CYS A CB  1 
ATOM   63   S SG  . CYS A 1 11  ? 5.127   1.155   -6.357  1.00 27.08 ? 7   CYS A SG  1 
ATOM   64   N N   . LEU A 1 12  ? 8.001   0.111   -6.255  1.00 14.51 ? 8   LEU A N   1 
ATOM   65   C CA  . LEU A 1 12  ? 9.083   0.686   -7.027  1.00 14.43 ? 8   LEU A CA  1 
ATOM   66   C C   . LEU A 1 12  ? 8.738   2.047   -7.676  1.00 14.48 ? 8   LEU A C   1 
ATOM   67   O O   . LEU A 1 12  ? 9.347   3.064   -7.345  1.00 14.24 ? 8   LEU A O   1 
ATOM   68   C CB  . LEU A 1 12  ? 9.576   -0.348  -8.058  1.00 14.57 ? 8   LEU A CB  1 
ATOM   69   C CG  . LEU A 1 12  ? 10.673  0.078   -9.024  1.00 14.19 ? 8   LEU A CG  1 
ATOM   70   C CD1 . LEU A 1 12  ? 11.954  0.317   -8.256  1.00 14.32 ? 8   LEU A CD1 1 
ATOM   71   C CD2 . LEU A 1 12  ? 10.854  -0.990  -10.083 1.00 15.01 ? 8   LEU A CD2 1 
ATOM   72   N N   . GLY A 1 13  ? 7.763   2.068   -8.589  1.00 15.04 ? 9   GLY A N   1 
ATOM   73   C CA  . GLY A 1 13  ? 7.394   3.296   -9.320  1.00 15.10 ? 9   GLY A CA  1 
ATOM   74   C C   . GLY A 1 13  ? 6.246   4.173   -8.789  1.00 15.15 ? 9   GLY A C   1 
ATOM   75   O O   . GLY A 1 13  ? 6.107   5.325   -9.215  1.00 15.90 ? 9   GLY A O   1 
ATOM   76   N N   . ASN A 1 14  ? 5.441   3.650   -7.864  1.00 14.60 ? 10  ASN A N   1 
ATOM   77   C CA  . ASN A 1 14  ? 4.198   4.323   -7.376  1.00 14.04 ? 10  ASN A CA  1 
ATOM   78   C C   . ASN A 1 14  ? 3.211   4.702   -8.490  1.00 14.28 ? 10  ASN A C   1 
ATOM   79   O O   . ASN A 1 14  ? 2.684   5.829   -8.528  1.00 13.14 ? 10  ASN A O   1 
ATOM   80   C CB  . ASN A 1 14  ? 4.504   5.520   -6.450  1.00 13.74 ? 10  ASN A CB  1 
ATOM   81   C CG  . ASN A 1 14  ? 3.263   6.056   -5.723  1.00 13.01 ? 10  ASN A CG  1 
ATOM   82   O OD1 . ASN A 1 14  ? 2.383   5.296   -5.269  1.00 12.78 ? 10  ASN A OD1 1 
ATOM   83   N ND2 . ASN A 1 14  ? 3.194   7.370   -5.606  1.00 10.66 ? 10  ASN A ND2 1 
ATOM   84   N N   . ILE A 1 15  ? 2.962   3.739   -9.379  1.00 14.06 ? 11  ILE A N   1 
ATOM   85   C CA  . ILE A 1 15  ? 2.037   3.913   -10.509 1.00 14.64 ? 11  ILE A CA  1 
ATOM   86   C C   . ILE A 1 15  ? 0.987   2.793   -10.612 1.00 14.01 ? 11  ILE A C   1 
ATOM   87   O O   . ILE A 1 15  ? -0.122  3.012   -11.120 1.00 13.83 ? 11  ILE A O   1 
ATOM   88   C CB  . ILE A 1 15  ? 2.788   4.031   -11.870 1.00 15.17 ? 11  ILE A CB  1 
ATOM   89   C CG1 . ILE A 1 15  ? 3.812   2.901   -12.034 1.00 16.19 ? 11  ILE A CG1 1 
ATOM   90   C CG2 . ILE A 1 15  ? 3.422   5.437   -12.041 1.00 15.19 ? 11  ILE A CG2 1 
ATOM   91   C CD1 . ILE A 1 15  ? 4.517   2.883   -13.344 1.00 18.00 ? 11  ILE A CD1 1 
ATOM   92   N N   . CYS A 1 16  ? 1.304   1.610   -10.100 1.00 13.91 ? 12  CYS A N   1 
ATOM   93   C CA  . CYS A 1 16  ? 0.361   0.497   -10.236 1.00 14.45 ? 12  CYS A CA  1 
ATOM   94   C C   . CYS A 1 16  ? -0.055  -0.191  -8.926  1.00 13.12 ? 12  CYS A C   1 
ATOM   95   O O   . CYS A 1 16  ? -1.146  0.067   -8.421  1.00 13.66 ? 12  CYS A O   1 
ATOM   96   C CB  . CYS A 1 16  ? 0.841   -0.487  -11.317 1.00 14.49 ? 12  CYS A CB  1 
ATOM   97   S SG  . CYS A 1 16  ? -0.448  -1.600  -11.857 1.00 17.91 ? 12  CYS A SG  1 
ATOM   98   N N   . ARG A 1 17  ? 0.804   -1.044  -8.368  1.00 12.31 ? 13  ARG A N   1 
ATOM   99   C CA  . ARG A 1 17  ? 0.476   -1.771  -7.136  1.00 10.96 ? 13  ARG A CA  1 
ATOM   100  C C   . ARG A 1 17  ? 0.290   -0.855  -5.900  1.00 10.80 ? 13  ARG A C   1 
ATOM   101  O O   . ARG A 1 17  ? -0.727  -0.960  -5.198  1.00 11.19 ? 13  ARG A O   1 
ATOM   102  C CB  . ARG A 1 17  ? 1.517   -2.859  -6.847  1.00 11.10 ? 13  ARG A CB  1 
ATOM   103  C CG  . ARG A 1 17  ? 1.629   -3.955  -7.923  1.00 12.59 ? 13  ARG A CG  1 
ATOM   104  C CD  . ARG A 1 17  ? 2.906   -4.769  -7.724  1.00 18.00 ? 13  ARG A CD  1 
ATOM   105  N NE  . ARG A 1 17  ? 4.004   -3.885  -7.311  1.00 23.19 ? 13  ARG A NE  1 
ATOM   106  C CZ  . ARG A 1 17  ? 5.186   -4.281  -6.839  1.00 25.67 ? 13  ARG A CZ  1 
ATOM   107  N NH1 . ARG A 1 17  ? 5.458   -5.578  -6.725  1.00 26.37 ? 13  ARG A NH1 1 
ATOM   108  N NH2 . ARG A 1 17  ? 6.103   -3.364  -6.492  1.00 25.58 ? 13  ARG A NH2 1 
ATOM   109  N N   . SER A 1 18  ? 1.256   0.035   -5.636  1.00 10.05 ? 14  SER A N   1 
ATOM   110  C CA  . SER A 1 18  ? 1.149   0.935   -4.478  1.00 9.72  ? 14  SER A CA  1 
ATOM   111  C C   . SER A 1 18  ? -0.044  1.917   -4.495  1.00 8.45  ? 14  SER A C   1 
ATOM   112  O O   . SER A 1 18  ? -0.659  2.108   -3.449  1.00 9.15  ? 14  SER A O   1 
ATOM   113  C CB  . SER A 1 18  ? 2.473   1.628   -4.098  1.00 10.83 ? 14  SER A CB  1 
ATOM   114  O OG  . SER A 1 18  ? 2.936   2.470   -5.123  1.00 12.22 ? 14  SER A OG  1 
ATOM   115  N N   . PRO A 1 19  ? -0.401  2.505   -5.663  1.00 7.31  ? 15  PRO A N   1 
ATOM   116  C CA  . PRO A 1 19  ? -1.626  3.320   -5.672  1.00 7.39  ? 15  PRO A CA  1 
ATOM   117  C C   . PRO A 1 19  ? -2.879  2.484   -5.421  1.00 6.87  ? 15  PRO A C   1 
ATOM   118  O O   . PRO A 1 19  ? -3.804  2.948   -4.774  1.00 6.53  ? 15  PRO A O   1 
ATOM   119  C CB  . PRO A 1 19  ? -1.666  3.878   -7.095  1.00 7.99  ? 15  PRO A CB  1 
ATOM   120  C CG  . PRO A 1 19  ? -0.270  3.937   -7.512  1.00 6.84  ? 15  PRO A CG  1 
ATOM   121  C CD  . PRO A 1 19  ? 0.384   2.707   -6.889  1.00 6.81  ? 15  PRO A CD  1 
ATOM   122  N N   . ALA A 1 20  ? -2.902  1.268   -5.957  1.00 6.70  ? 16  ALA A N   1 
ATOM   123  C CA  . ALA A 1 20  ? -4.009  0.346   -5.709  1.00 6.45  ? 16  ALA A CA  1 
ATOM   124  C C   . ALA A 1 20  ? -4.124  0.005   -4.233  1.00 6.44  ? 16  ALA A C   1 
ATOM   125  O O   . ALA A 1 20  ? -5.236  -0.023  -3.685  1.00 6.60  ? 16  ALA A O   1 
ATOM   126  C CB  . ALA A 1 20  ? -3.819  -0.910  -6.523  1.00 6.76  ? 16  ALA A CB  1 
ATOM   127  N N   . ALA A 1 21  ? -2.982  -0.250  -3.580  1.00 5.63  ? 17  ALA A N   1 
ATOM   128  C CA  . ALA A 1 21  ? -2.973  -0.598  -2.159  1.00 6.29  ? 17  ALA A CA  1 
ATOM   129  C C   . ALA A 1 21  ? -3.530  0.528   -1.295  1.00 6.37  ? 17  ALA A C   1 
ATOM   130  O O   . ALA A 1 21  ? -4.324  0.288   -0.366  1.00 6.33  ? 17  ALA A O   1 
ATOM   131  C CB  . ALA A 1 21  ? -1.555  -0.966  -1.698  1.00 5.97  ? 17  ALA A CB  1 
ATOM   132  N N   . GLU A 1 22  ? -3.110  1.754   -1.605  1.00 5.90  ? 18  GLU A N   1 
ATOM   133  C CA  . GLU A 1 22  ? -3.624  2.936   -0.924  1.00 6.99  ? 18  GLU A CA  1 
ATOM   134  C C   . GLU A 1 22  ? -5.144  3.028   -1.075  1.00 6.57  ? 18  GLU A C   1 
ATOM   135  O O   . GLU A 1 22  ? -5.861  3.292   -0.086  1.00 7.19  ? 18  GLU A O   1 
ATOM   136  C CB  . GLU A 1 22  ? -2.959  4.199   -1.497  1.00 7.04  ? 18  GLU A CB  1 
ATOM   137  C CG  . GLU A 1 22  ? -3.527  5.487   -0.891  1.00 10.99 ? 18  GLU A CG  1 
ATOM   138  C CD  . GLU A 1 22  ? -3.097  6.754   -1.623  1.00 11.86 ? 18  GLU A CD  1 
ATOM   139  O OE1 . GLU A 1 22  ? -2.178  6.716   -2.480  1.00 13.75 ? 18  GLU A OE1 1 
ATOM   140  O OE2 . GLU A 1 22  ? -3.710  7.799   -1.329  1.00 15.08 ? 18  GLU A OE2 1 
ATOM   141  N N   . ALA A 1 23  ? -5.625  2.833   -2.310  1.00 6.49  ? 19  ALA A N   1 
ATOM   142  C CA  . ALA A 1 23  ? -7.070  2.874   -2.638  1.00 6.86  ? 19  ALA A CA  1 
ATOM   143  C C   . ALA A 1 23  ? -7.890  1.785   -1.957  1.00 6.42  ? 19  ALA A C   1 
ATOM   144  O O   . ALA A 1 23  ? -8.991  2.057   -1.464  1.00 6.36  ? 19  ALA A O   1 
ATOM   145  C CB  . ALA A 1 23  ? -7.307  2.812   -4.172  1.00 5.79  ? 19  ALA A CB  1 
ATOM   146  N N   . VAL A 1 24  ? -7.381  0.557   -1.975  1.00 6.26  ? 20  VAL A N   1 
ATOM   147  C CA  . VAL A 1 24  ? -8.046  -0.553  -1.265  1.00 6.17  ? 20  VAL A CA  1 
ATOM   148  C C   . VAL A 1 24  ? -8.080  -0.299  0.237   1.00 5.46  ? 20  VAL A C   1 
ATOM   149  O O   . VAL A 1 24  ? -9.158  -0.367  0.885   1.00 6.51  ? 20  VAL A O   1 
ATOM   150  C CB  . VAL A 1 24  ? -7.423  -1.907  -1.626  1.00 6.51  ? 20  VAL A CB  1 
ATOM   151  C CG1 . VAL A 1 24  ? -8.077  -3.073  -0.805  1.00 6.78  ? 20  VAL A CG1 1 
ATOM   152  C CG2 . VAL A 1 24  ? -7.569  -2.142  -3.160  1.00 4.92  ? 20  VAL A CG2 1 
ATOM   153  N N   . MET A 1 25  ? -6.936  0.094   0.796   1.00 5.12  ? 21  MET A N   1 
ATOM   154  C CA  . MET A 1 25  ? -6.906  0.347   2.245   1.00 5.75  ? 21  MET A CA  1 
ATOM   155  C C   . MET A 1 25  ? -7.887  1.450   2.644   1.00 6.39  ? 21  MET A C   1 
ATOM   156  O O   . MET A 1 25  ? -8.585  1.346   3.668   1.00 6.05  ? 21  MET A O   1 
ATOM   157  C CB  . MET A 1 25  ? -5.488  0.688   2.734   1.00 5.90  ? 21  MET A CB  1 
ATOM   158  C CG  . MET A 1 25  ? -5.372  0.675   4.269   1.00 7.11  ? 21  MET A CG  1 
ATOM   159  S SD  . MET A 1 25  ? -5.421  -1.022  4.857   1.00 9.64  ? 21  MET A SD  1 
ATOM   160  C CE  . MET A 1 25  ? -5.680  -0.822  6.627   1.00 10.06 ? 21  MET A CE  1 
ATOM   161  N N   . LYS A 1 26  ? -7.947  2.498   1.840   1.00 7.10  ? 22  LYS A N   1 
ATOM   162  C CA  . LYS A 1 26  ? -8.824  3.640   2.122   1.00 8.38  ? 22  LYS A CA  1 
ATOM   163  C C   . LYS A 1 26  ? -10.296 3.174   2.217   1.00 8.21  ? 22  LYS A C   1 
ATOM   164  O O   . LYS A 1 26  ? -11.026 3.512   3.164   1.00 8.50  ? 22  LYS A O   1 
ATOM   165  C CB  . LYS A 1 26  ? -8.633  4.682   1.012   1.00 9.28  ? 22  LYS A CB  1 
ATOM   166  C CG  . LYS A 1 26  ? -9.444  5.931   1.200   1.00 13.41 ? 22  LYS A CG  1 
ATOM   167  C CD  . LYS A 1 26  ? -9.128  6.986   0.152   1.00 17.90 ? 22  LYS A CD  1 
ATOM   168  C CE  . LYS A 1 26  ? -10.087 8.158   0.325   1.00 22.68 ? 22  LYS A CE  1 
ATOM   169  N NZ  . LYS A 1 26  ? -9.778  9.266   -0.598  1.00 25.68 ? 22  LYS A NZ  1 
ATOM   170  N N   . LYS A 1 27  ? -10.717 2.380   1.239   1.00 7.44  ? 23  LYS A N   1 
ATOM   171  C CA  . LYS A 1 27  ? -12.076 1.869   1.194   1.00 8.15  ? 23  LYS A CA  1 
ATOM   172  C C   . LYS A 1 27  ? -12.389 0.923   2.341   1.00 8.69  ? 23  LYS A C   1 
ATOM   173  O O   . LYS A 1 27  ? -13.503 0.961   2.902   1.00 9.34  ? 23  LYS A O   1 
ATOM   174  C CB  . LYS A 1 27  ? -12.344 1.236   -0.176  1.00 7.44  ? 23  LYS A CB  1 
ATOM   175  C CG  . LYS A 1 27  ? -13.746 0.680   -0.381  1.00 10.26 ? 23  LYS A CG  1 
ATOM   176  C CD  . LYS A 1 27  ? -14.847 1.756   -0.297  1.00 9.62  ? 23  LYS A CD  1 
ATOM   177  C CE  . LYS A 1 27  ? -16.226 1.101   -0.472  1.00 15.23 ? 23  LYS A CE  1 
ATOM   178  N NZ  . LYS A 1 27  ? -16.579 1.030   -1.938  1.00 18.34 ? 23  LYS A NZ  1 
ATOM   179  N N   . VAL A 1 28  ? -11.423 0.072   2.688   1.00 8.46  ? 24  VAL A N   1 
ATOM   180  C CA  . VAL A 1 28  ? -11.568 -0.883  3.787   1.00 10.62 ? 24  VAL A CA  1 
ATOM   181  C C   . VAL A 1 28  ? -11.762 -0.115  5.094   1.00 10.44 ? 24  VAL A C   1 
ATOM   182  O O   . VAL A 1 28  ? -12.673 -0.399  5.864   1.00 11.16 ? 24  VAL A O   1 
ATOM   183  C CB  . VAL A 1 28  ? -10.320 -1.842  3.886   1.00 9.91  ? 24  VAL A CB  1 
ATOM   184  C CG1 . VAL A 1 28  ? -10.231 -2.512  5.260   1.00 10.55 ? 24  VAL A CG1 1 
ATOM   185  C CG2 . VAL A 1 28  ? -10.325 -2.886  2.771   1.00 10.67 ? 24  VAL A CG2 1 
ATOM   186  N N   . ILE A 1 29  ? -10.912 0.841   5.373   1.00 11.16 ? 25  ILE A N   1 
ATOM   187  C CA  . ILE A 1 29  ? -11.048 1.724   6.509   1.00 10.30 ? 25  ILE A CA  1 
ATOM   188  C C   . ILE A 1 29  ? -12.445 2.357   6.557   1.00 11.11 ? 25  ILE A C   1 
ATOM   189  O O   . ILE A 1 29  ? -13.094 2.435   7.566   1.00 11.29 ? 25  ILE A O   1 
ATOM   190  C CB  . ILE A 1 29  ? -9.952  2.810   6.444   1.00 10.81 ? 25  ILE A CB  1 
ATOM   191  C CG1 . ILE A 1 29  ? -8.578  2.176   6.664   1.00 9.50  ? 25  ILE A CG1 1 
ATOM   192  C CG2 . ILE A 1 29  ? -10.226 3.981   7.375   1.00 9.54  ? 25  ILE A CG2 1 
ATOM   193  C CD1 . ILE A 1 29  ? -7.558  2.986   6.481   1.00 10.39 ? 25  ILE A CD1 1 
ATOM   194  N N   . GLN A 1 30  ? -12.861 2.816   5.413   1.00 11.86 ? 26  GLN A N   1 
ATOM   195  C CA  . GLN A 1 30  ? -14.171 3.417   5.224   1.00 12.25 ? 26  GLN A CA  1 
ATOM   196  C C   . GLN A 1 30  ? -15.340 2.484   5.585   1.00 12.58 ? 26  GLN A C   1 
ATOM   197  O O   . GLN A 1 30  ? -16.223 2.857   6.232   1.00 12.61 ? 26  GLN A O   1 
ATOM   198  C CB  . GLN A 1 30  ? -14.329 3.851   3.800   1.00 12.87 ? 26  GLN A CB  1 
ATOM   199  C CG  . GLN A 1 30  ? -15.635 4.506   3.468   1.00 14.32 ? 26  GLN A CG  1 
ATOM   200  C CD  . GLN A 1 30  ? -15.781 4.794   1.953   1.00 17.72 ? 26  GLN A CD  1 
ATOM   201  O OE1 . GLN A 1 30  ? -14.925 5.334   1.361   1.00 18.64 ? 26  GLN A OE1 1 
ATOM   202  N NE2 . GLN A 1 30  ? -16.866 4.430   1.401   1.00 20.16 ? 26  GLN A NE2 1 
ATOM   203  N N   . ASN A 1 31  ? -15.321 1.301   5.046   1.00 13.10 ? 27  ASN A N   1 
ATOM   204  C CA  . ASN A 1 31  ? -16.230 0.240   5.348   1.00 13.57 ? 27  ASN A CA  1 
ATOM   205  C C   . ASN A 1 31  ? -16.329 -0.082  6.824   1.00 13.80 ? 27  ASN A C   1 
ATOM   206  O O   . ASN A 1 31  ? -17.290 -0.548  7.254   1.00 13.76 ? 27  ASN A O   1 
ATOM   207  C CB  . ASN A 1 31  ? -15.791 -1.025  4.667   1.00 14.70 ? 27  ASN A CB  1 
ATOM   208  C CG  . ASN A 1 31  ? -16.043 -1.036  3.150   1.00 15.69 ? 27  ASN A CG  1 
ATOM   209  O OD1 . ASN A 1 31  ? -16.488 -0.095  2.602   1.00 16.47 ? 27  ASN A OD1 1 
ATOM   210  N ND2 . ASN A 1 31  ? -15.674 -2.121  2.516   1.00 17.99 ? 27  ASN A ND2 1 
ATOM   211  N N   . HIS A 1 32  ? -15.238 0.099   7.526   1.00 13.73 ? 28  HIS A N   1 
ATOM   212  C CA  . HIS A 1 32  ? -15.138 -0.094  8.971   1.00 13.74 ? 28  HIS A CA  1 
ATOM   213  C C   . HIS A 1 32  ? -15.443 1.170   9.750   1.00 13.45 ? 28  HIS A C   1 
ATOM   214  O O   . HIS A 1 32  ? -15.384 1.209   10.937  1.00 13.61 ? 28  HIS A O   1 
ATOM   215  C CB  . HIS A 1 32  ? -13.735 -0.612  9.330   1.00 13.62 ? 28  HIS A CB  1 
ATOM   216  C CG  . HIS A 1 32  ? -13.484 -2.030  8.961   1.00 14.20 ? 28  HIS A CG  1 
ATOM   217  N ND1 . HIS A 1 32  ? -13.319 -3.008  9.892   1.00 14.72 ? 28  HIS A ND1 1 
ATOM   218  C CD2 . HIS A 1 32  ? -13.299 -2.620  7.766   1.00 13.60 ? 28  HIS A CD2 1 
ATOM   219  C CE1 . HIS A 1 32  ? -13.096 -4.147  9.289   1.00 14.86 ? 28  HIS A CE1 1 
ATOM   220  N NE2 . HIS A 1 32  ? -13.069 -3.934  7.996   1.00 14.03 ? 28  HIS A NE2 1 
ATOM   221  N N   . HIS A 1 33  ? -15.849 2.179   9.042   1.00 13.20 ? 29  HIS A N   1 
ATOM   222  C CA  . HIS A 1 33  ? -16.197 3.469   9.652   1.00 14.03 ? 29  HIS A CA  1 
ATOM   223  C C   . HIS A 1 33  ? -15.051 3.985   10.540  1.00 13.63 ? 29  HIS A C   1 
ATOM   224  O O   . HIS A 1 33  ? -15.281 4.456   11.662  1.00 13.44 ? 29  HIS A O   1 
ATOM   225  C CB  . HIS A 1 33  ? -17.545 3.404   10.416  1.00 14.43 ? 29  HIS A CB  1 
ATOM   226  C CG  . HIS A 1 33  ? -18.703 2.974   9.566   1.00 17.48 ? 29  HIS A CG  1 
ATOM   227  N ND1 . HIS A 1 33  ? -19.195 1.686   9.573   1.00 20.57 ? 29  HIS A ND1 1 
ATOM   228  C CD2 . HIS A 1 33  ? -19.444 3.655   8.660   1.00 19.38 ? 29  HIS A CD2 1 
ATOM   229  C CE1 . HIS A 1 33  ? -20.191 1.592   8.710   1.00 21.12 ? 29  HIS A CE1 1 
ATOM   230  N NE2 . HIS A 1 33  ? -20.361 2.772   8.141   1.00 21.32 ? 29  HIS A NE2 1 
ATOM   231  N N   . LEU A 1 34  ? -13.818 3.893   10.025  1.00 13.13 ? 30  LEU A N   1 
ATOM   232  C CA  . LEU A 1 34  ? -12.615 4.317   10.753  1.00 13.16 ? 30  LEU A CA  1 
ATOM   233  C C   . LEU A 1 34  ? -11.806 5.443   10.062  1.00 13.46 ? 30  LEU A C   1 
ATOM   234  O O   . LEU A 1 34  ? -10.627 5.682   10.392  1.00 14.61 ? 30  LEU A O   1 
ATOM   235  C CB  . LEU A 1 34  ? -11.726 3.095   11.012  1.00 13.18 ? 30  LEU A CB  1 
ATOM   236  C CG  . LEU A 1 34  ? -12.239 2.080   12.042  1.00 13.61 ? 30  LEU A CG  1 
ATOM   237  C CD1 . LEU A 1 34  ? -11.470 0.778   11.943  1.00 14.78 ? 30  LEU A CD1 1 
ATOM   238  C CD2 . LEU A 1 34  ? -12.152 2.644   13.467  1.00 14.98 ? 30  LEU A CD2 1 
ATOM   239  N N   . THR A 1 35  ? -12.436 6.131   9.109   1.00 14.42 ? 31  THR A N   1 
ATOM   240  C CA  . THR A 1 35  ? -11.751 7.137   8.289   1.00 14.81 ? 31  THR A CA  1 
ATOM   241  C C   . THR A 1 35  ? -11.176 8.292   9.099   1.00 14.80 ? 31  THR A C   1 
ATOM   242  O O   . THR A 1 35  ? -10.113 8.808   8.756   1.00 15.11 ? 31  THR A O   1 
ATOM   243  C CB  . THR A 1 35  ? -12.635 7.666   7.160   1.00 15.30 ? 31  THR A CB  1 
ATOM   244  O OG1 . THR A 1 35  ? -13.077 6.567   6.352   1.00 16.74 ? 31  THR A OG1 1 
ATOM   245  C CG2 . THR A 1 35  ? -11.872 8.665   6.293   1.00 14.89 ? 31  THR A CG2 1 
ATOM   246  N N   A GLU A 1 36  ? -11.858 8.671   10.177  0.50 14.64 ? 32  GLU A N   1 
ATOM   247  N N   B GLU A 1 36  ? -11.864 8.672   10.178  0.50 14.76 ? 32  GLU A N   1 
ATOM   248  C CA  A GLU A 1 36  ? -11.384 9.756   11.035  0.50 14.71 ? 32  GLU A CA  1 
ATOM   249  C CA  B GLU A 1 36  ? -11.397 9.750   11.059  0.50 14.97 ? 32  GLU A CA  1 
ATOM   250  C C   A GLU A 1 36  ? -10.034 9.423   11.674  0.50 14.76 ? 32  GLU A C   1 
ATOM   251  C C   B GLU A 1 36  ? -10.036 9.422   11.675  0.50 14.89 ? 32  GLU A C   1 
ATOM   252  O O   A GLU A 1 36  ? -9.239  10.322  11.951  0.50 14.61 ? 32  GLU A O   1 
ATOM   253  O O   B GLU A 1 36  ? -9.240  10.322  11.939  0.50 14.74 ? 32  GLU A O   1 
ATOM   254  C CB  A GLU A 1 36  ? -12.416 10.063  12.122  0.50 14.45 ? 32  GLU A CB  1 
ATOM   255  C CB  B GLU A 1 36  ? -12.419 10.027  12.175  0.50 14.77 ? 32  GLU A CB  1 
ATOM   256  C CG  A GLU A 1 36  ? -12.057 11.245  12.991  0.50 14.78 ? 32  GLU A CG  1 
ATOM   257  C CG  B GLU A 1 36  ? -13.779 10.501  11.684  0.50 15.98 ? 32  GLU A CG  1 
ATOM   258  C CD  A GLU A 1 36  ? -13.036 11.433  14.130  0.50 14.97 ? 32  GLU A CD  1 
ATOM   259  C CD  B GLU A 1 36  ? -14.710 10.897  12.821  0.50 16.24 ? 32  GLU A CD  1 
ATOM   260  O OE1 A GLU A 1 36  ? -12.660 12.069  15.135  0.50 14.03 ? 32  GLU A OE1 1 
ATOM   261  O OE1 B GLU A 1 36  ? -14.221 11.021  13.963  0.50 17.61 ? 32  GLU A OE1 1 
ATOM   262  O OE2 A GLU A 1 36  ? -14.179 10.938  14.020  0.50 16.59 ? 32  GLU A OE2 1 
ATOM   263  O OE2 B GLU A 1 36  ? -15.922 11.087  12.578  0.50 14.64 ? 32  GLU A OE2 1 
ATOM   264  N N   . LYS A 1 37  ? -9.789  8.132   11.898  1.00 14.93 ? 33  LYS A N   1 
ATOM   265  C CA  . LYS A 1 37  ? -8.579  7.661   12.598  1.00 15.48 ? 33  LYS A CA  1 
ATOM   266  C C   . LYS A 1 37  ? -7.380  7.321   11.715  1.00 15.69 ? 33  LYS A C   1 
ATOM   267  O O   . LYS A 1 37  ? -6.264  7.158   12.230  1.00 16.47 ? 33  LYS A O   1 
ATOM   268  C CB  . LYS A 1 37  ? -8.903  6.428   13.438  1.00 15.68 ? 33  LYS A CB  1 
ATOM   269  N N   . TYR A 1 38  ? -7.606  7.194   10.409  1.00 15.51 ? 34  TYR A N   1 
ATOM   270  C CA  . TYR A 1 38  ? -6.567  6.697   9.510   1.00 15.73 ? 34  TYR A CA  1 
ATOM   271  C C   . TYR A 1 38  ? -6.419  7.543   8.276   1.00 15.26 ? 34  TYR A C   1 
ATOM   272  O O   . TYR A 1 38  ? -7.403  7.971   7.669   1.00 15.36 ? 34  TYR A O   1 
ATOM   273  C CB  . TYR A 1 38  ? -6.860  5.257   9.080   1.00 15.91 ? 34  TYR A CB  1 
ATOM   274  C CG  . TYR A 1 38  ? -6.781  4.275   10.227  1.00 16.12 ? 34  TYR A CG  1 
ATOM   275  C CD1 . TYR A 1 38  ? -5.567  3.729   10.611  1.00 15.67 ? 34  TYR A CD1 1 
ATOM   276  C CD2 . TYR A 1 38  ? -7.927  3.915   10.946  1.00 14.52 ? 34  TYR A CD2 1 
ATOM   277  C CE1 . TYR A 1 38  ? -5.482  2.844   11.655  1.00 14.79 ? 34  TYR A CE1 1 
ATOM   278  C CE2 . TYR A 1 38  ? -7.851  3.022   12.003  1.00 14.70 ? 34  TYR A CE2 1 
ATOM   279  C CZ  . TYR A 1 38  ? -6.624  2.493   12.355  1.00 15.98 ? 34  TYR A CZ  1 
ATOM   280  O OH  . TYR A 1 38  ? -6.522  1.620   13.408  1.00 15.75 ? 34  TYR A OH  1 
ATOM   281  N N   . ILE A 1 39  ? -5.172  7.747   7.891   1.00 14.13 ? 35  ILE A N   1 
ATOM   282  C CA  A ILE A 1 39  ? -4.865  8.402   6.639   0.50 13.65 ? 35  ILE A CA  1 
ATOM   283  C CA  B ILE A 1 39  ? -4.874  8.394   6.635   0.50 13.67 ? 35  ILE A CA  1 
ATOM   284  C C   . ILE A 1 39  ? -3.864  7.541   5.868   1.00 12.65 ? 35  ILE A C   1 
ATOM   285  O O   . ILE A 1 39  ? -2.919  6.997   6.460   1.00 12.73 ? 35  ILE A O   1 
ATOM   286  C CB  A ILE A 1 39  ? -4.376  9.846   6.871   0.50 13.96 ? 35  ILE A CB  1 
ATOM   287  C CB  B ILE A 1 39  ? -4.413  9.846   6.843   0.50 13.96 ? 35  ILE A CB  1 
ATOM   288  C CG1 A ILE A 1 39  ? -4.220  10.608  5.552   0.50 14.63 ? 35  ILE A CG1 1 
ATOM   289  C CG1 B ILE A 1 39  ? -4.472  10.628  5.533   0.50 14.74 ? 35  ILE A CG1 1 
ATOM   290  C CG2 A ILE A 1 39  ? -3.110  9.872   7.694   0.50 14.57 ? 35  ILE A CG2 1 
ATOM   291  C CG2 B ILE A 1 39  ? -3.023  9.902   7.428   0.50 14.64 ? 35  ILE A CG2 1 
ATOM   292  C CD1 A ILE A 1 39  ? -4.736  12.037  5.654   0.50 14.55 ? 35  ILE A CD1 1 
ATOM   293  C CD1 B ILE A 1 39  ? -3.159  10.720  4.860   0.50 13.66 ? 35  ILE A CD1 1 
ATOM   294  N N   . CYS A 1 40  ? -4.093  7.414   4.564   1.00 11.72 ? 36  CYS A N   1 
ATOM   295  C CA  . CYS A 1 40  ? -3.313  6.513   3.696   1.00 10.27 ? 36  CYS A CA  1 
ATOM   296  C C   . CYS A 1 40  ? -2.639  7.344   2.633   1.00 9.66  ? 36  CYS A C   1 
ATOM   297  O O   . CYS A 1 40  ? -3.173  8.375   2.206   1.00 9.94  ? 36  CYS A O   1 
ATOM   298  C CB  . CYS A 1 40  ? -4.235  5.509   3.005   1.00 10.51 ? 36  CYS A CB  1 
ATOM   299  S SG  . CYS A 1 40  ? -5.078  4.295   4.121   1.00 12.77 ? 36  CYS A SG  1 
ATOM   300  N N   . ASP A 1 41  ? -1.463  6.896   2.208   1.00 8.52  ? 37  ASP A N   1 
ATOM   301  C CA  . ASP A 1 41  ? -0.690  7.554   1.166   1.00 7.47  ? 37  ASP A CA  1 
ATOM   302  C C   . ASP A 1 41  ? 0.116   6.450   0.485   1.00 7.57  ? 37  ASP A C   1 
ATOM   303  O O   . ASP A 1 41  ? 0.158   5.297   0.963   1.00 6.04  ? 37  ASP A O   1 
ATOM   304  C CB  . ASP A 1 41  ? 0.227   8.650   1.759   1.00 7.41  ? 37  ASP A CB  1 
ATOM   305  C CG  . ASP A 1 41  ? 0.786   9.644   0.703   1.00 8.24  ? 37  ASP A CG  1 
ATOM   306  O OD1 . ASP A 1 41  ? 0.308   9.699   -0.467  1.00 8.06  ? 37  ASP A OD1 1 
ATOM   307  O OD2 . ASP A 1 41  ? 1.733   10.381  1.061   1.00 6.61  ? 37  ASP A OD2 1 
ATOM   308  N N   . SER A 1 42  ? 0.709   6.796   -0.653  1.00 6.53  ? 38  SER A N   1 
ATOM   309  C CA  . SER A 1 42  ? 1.622   5.897   -1.323  1.00 7.81  ? 38  SER A CA  1 
ATOM   310  C C   . SER A 1 42  ? 2.787   6.659   -1.942  1.00 6.93  ? 38  SER A C   1 
ATOM   311  O O   . SER A 1 42  ? 2.703   7.872   -2.160  1.00 7.77  ? 38  SER A O   1 
ATOM   312  C CB  . SER A 1 42  ? 0.890   5.003   -2.340  1.00 7.81  ? 38  SER A CB  1 
ATOM   313  O OG  . SER A 1 42  ? 0.356   5.754   -3.390  1.00 9.28  ? 38  SER A OG  1 
ATOM   314  N N   . ALA A 1 43  ? 3.883   5.940   -2.175  1.00 7.72  ? 39  ALA A N   1 
ATOM   315  C CA  . ALA A 1 43  ? 5.114   6.512   -2.716  1.00 9.05  ? 39  ALA A CA  1 
ATOM   316  C C   . ALA A 1 43  ? 5.960   5.382   -3.308  1.00 9.48  ? 39  ALA A C   1 
ATOM   317  O O   . ALA A 1 43  ? 5.652   4.205   -3.090  1.00 9.27  ? 39  ALA A O   1 
ATOM   318  C CB  . ALA A 1 43  ? 5.873   7.289   -1.605  1.00 9.60  ? 39  ALA A CB  1 
ATOM   319  N N   . GLY A 1 44  ? 6.987   5.735   -4.079  1.00 9.97  ? 40  GLY A N   1 
ATOM   320  C CA  . GLY A 1 44  ? 7.858   4.745   -4.721  1.00 10.68 ? 40  GLY A CA  1 
ATOM   321  C C   . GLY A 1 44  ? 9.326   4.884   -4.324  1.00 12.30 ? 40  GLY A C   1 
ATOM   322  O O   . GLY A 1 44  ? 9.815   5.994   -4.072  1.00 11.41 ? 40  GLY A O   1 
ATOM   323  N N   . THR A 1 45  ? 10.045  3.760   -4.296  1.00 14.19 ? 41  THR A N   1 
ATOM   324  C CA  . THR A 1 45  ? 11.503  3.782   -4.068  1.00 15.56 ? 41  THR A CA  1 
ATOM   325  C C   . THR A 1 45  ? 12.291  4.389   -5.245  1.00 17.05 ? 41  THR A C   1 
ATOM   326  O O   . THR A 1 45  ? 13.457  4.794   -5.094  1.00 17.01 ? 41  THR A O   1 
ATOM   327  C CB  . THR A 1 45  ? 12.084  2.378   -3.755  1.00 15.41 ? 41  THR A CB  1 
ATOM   328  O OG1 . THR A 1 45  ? 11.921  1.524   -4.892  1.00 15.23 ? 41  THR A OG1 1 
ATOM   329  C CG2 . THR A 1 45  ? 11.411  1.755   -2.525  1.00 17.02 ? 41  THR A CG2 1 
ATOM   330  N N   . CYS A 1 46  ? 11.662  4.438   -6.410  1.00 18.32 ? 42  CYS A N   1 
ATOM   331  C CA  . CYS A 1 46  ? 12.283  5.051   -7.584  1.00 20.81 ? 42  CYS A CA  1 
ATOM   332  C C   . CYS A 1 46  ? 11.592  6.370   -7.952  1.00 21.77 ? 42  CYS A C   1 
ATOM   333  O O   . CYS A 1 46  ? 10.369  6.442   -8.029  1.00 21.11 ? 42  CYS A O   1 
ATOM   334  C CB  . CYS A 1 46  ? 12.266  4.074   -8.760  1.00 20.71 ? 42  CYS A CB  1 
ATOM   335  S SG  . CYS A 1 46  ? 13.301  4.560   -10.166 1.00 25.16 ? 42  CYS A SG  1 
ATOM   336  N N   . SER A 1 47  ? 12.405  7.407   -8.181  1.00 23.28 ? 43  SER A N   1 
ATOM   337  C CA  . SER A 1 47  ? 11.924  8.759   -8.528  1.00 24.48 ? 43  SER A CA  1 
ATOM   338  C C   . SER A 1 47  ? 11.558  8.941   -10.002 1.00 25.03 ? 43  SER A C   1 
ATOM   339  O O   . SER A 1 47  ? 11.107  10.025  -10.392 1.00 24.64 ? 43  SER A O   1 
ATOM   340  C CB  . SER A 1 47  ? 12.992  9.799   -8.172  1.00 24.13 ? 43  SER A CB  1 
ATOM   341  O OG  . SER A 1 47  ? 13.298  9.778   -6.789  1.00 26.46 ? 43  SER A OG  1 
ATOM   342  N N   . TYR A 1 48  ? 11.764  7.896   -10.807 1.00 26.06 ? 44  TYR A N   1 
ATOM   343  C CA  . TYR A 1 48  ? 11.608  7.964   -12.267 1.00 26.88 ? 44  TYR A CA  1 
ATOM   344  C C   . TYR A 1 48  ? 10.251  8.505   -12.725 1.00 27.61 ? 44  TYR A C   1 
ATOM   345  O O   . TYR A 1 48  ? 10.179  9.363   -13.619 1.00 28.12 ? 44  TYR A O   1 
ATOM   346  C CB  . TYR A 1 48  ? 11.859  6.589   -12.904 1.00 27.22 ? 44  TYR A CB  1 
ATOM   347  N N   . HIS A 1 49  ? 9.202   8.002   -12.134 1.00 27.72 ? 45  HIS A N   1 
ATOM   348  C CA  . HIS A 1 49  ? 7.897   8.333   -12.565 1.00 28.24 ? 45  HIS A CA  1 
ATOM   349  C C   . HIS A 1 49  ? 7.254   9.516   -11.895 1.00 27.96 ? 45  HIS A C   1 
ATOM   350  O O   . HIS A 1 49  ? 6.112   9.744   -12.093 1.00 28.10 ? 45  HIS A O   1 
ATOM   351  C CB  . HIS A 1 49  ? 7.024   7.105   -12.391 1.00 28.51 ? 45  HIS A CB  1 
ATOM   352  C CG  . HIS A 1 49  ? 7.369   5.975   -13.307 1.00 29.89 ? 45  HIS A CG  1 
ATOM   353  N ND1 . HIS A 1 49  ? 8.303   5.019   -13.019 1.00 32.28 ? 45  HIS A ND1 1 
ATOM   354  C CD2 . HIS A 1 49  ? 6.852   5.634   -14.499 1.00 31.14 ? 45  HIS A CD2 1 
ATOM   355  C CE1 . HIS A 1 49  ? 8.348   4.141   -13.992 1.00 32.00 ? 45  HIS A CE1 1 
ATOM   356  N NE2 . HIS A 1 49  ? 7.488   4.506   -14.912 1.00 32.17 ? 45  HIS A NE2 1 
ATOM   357  N N   . GLU A 1 50  ? 8.001   10.273  -11.107 1.00 27.69 ? 46  GLU A N   1 
ATOM   358  C CA  . GLU A 1 50  ? 7.394   11.207  -10.183 1.00 26.77 ? 46  GLU A CA  1 
ATOM   359  C C   . GLU A 1 50  ? 6.475   12.125  -10.956 1.00 26.15 ? 46  GLU A C   1 
ATOM   360  O O   . GLU A 1 50  ? 6.823   12.466  -12.035 1.00 25.98 ? 46  GLU A O   1 
ATOM   361  C CB  . GLU A 1 50  ? 8.442   12.004  -9.458  1.00 26.94 ? 46  GLU A CB  1 
ATOM   362  N N   . GLY A 1 51  ? 5.303   12.430  -10.393 1.00 25.12 ? 47  GLY A N   1 
ATOM   363  C CA  . GLY A 1 51  ? 4.278   13.268  -10.996 1.00 23.81 ? 47  GLY A CA  1 
ATOM   364  C C   . GLY A 1 51  ? 3.049   12.647  -11.694 1.00 23.08 ? 47  GLY A C   1 
ATOM   365  O O   . GLY A 1 51  ? 2.025   13.246  -11.825 1.00 23.28 ? 47  GLY A O   1 
ATOM   366  N N   . GLN A 1 52  ? 3.191   11.408  -12.107 1.00 21.75 ? 48  GLN A N   1 
ATOM   367  C CA  . GLN A 1 52  ? 2.193   10.691  -12.871 1.00 20.51 ? 48  GLN A CA  1 
ATOM   368  C C   . GLN A 1 52  ? 0.890   10.201  -12.205 1.00 18.81 ? 48  GLN A C   1 
ATOM   369  O O   . GLN A 1 52  ? 0.858   9.836   -11.065 1.00 18.01 ? 48  GLN A O   1 
ATOM   370  C CB  . GLN A 1 52  ? 2.900   9.528   -13.573 1.00 20.67 ? 48  GLN A CB  1 
ATOM   371  C CG  . GLN A 1 52  ? 3.929   9.916   -14.565 1.00 22.93 ? 48  GLN A CG  1 
ATOM   372  C CD  . GLN A 1 52  ? 4.706   8.759   -15.205 1.00 25.73 ? 48  GLN A CD  1 
ATOM   373  O OE1 . GLN A 1 52  ? 4.244   7.666   -15.320 1.00 28.76 ? 48  GLN A OE1 1 
ATOM   374  N NE2 . GLN A 1 52  ? 5.899   9.036   -15.626 1.00 27.05 ? 48  GLN A NE2 1 
ATOM   375  N N   . GLN A 1 53  ? -0.176  10.214  -12.963 1.00 16.66 ? 49  GLN A N   1 
ATOM   376  C CA  . GLN A 1 53  ? -1.382  9.602   -12.612 1.00 14.92 ? 49  GLN A CA  1 
ATOM   377  C C   . GLN A 1 53  ? -1.105  8.068   -12.474 1.00 13.42 ? 49  GLN A C   1 
ATOM   378  O O   . GLN A 1 53  ? -0.241  7.559   -13.119 1.00 11.58 ? 49  GLN A O   1 
ATOM   379  C CB  . GLN A 1 53  ? -2.421  9.824   -13.724 1.00 15.64 ? 49  GLN A CB  1 
ATOM   380  C CG  . GLN A 1 53  ? -3.413  10.957  -13.578 1.00 17.73 ? 49  GLN A CG  1 
ATOM   381  C CD  . GLN A 1 53  ? -4.542  10.875  -14.607 1.00 20.75 ? 49  GLN A CD  1 
ATOM   382  O OE1 . GLN A 1 53  ? -4.297  10.900  -15.778 1.00 21.54 ? 49  GLN A OE1 1 
ATOM   383  N NE2 . GLN A 1 53  ? -5.776  10.690  -14.145 1.00 21.36 ? 49  GLN A NE2 1 
ATOM   384  N N   . ALA A 1 54  ? -1.917  7.378   -11.678 1.00 11.94 ? 50  ALA A N   1 
ATOM   385  C CA  . ALA A 1 54  ? -1.808  5.919   -11.561 1.00 11.09 ? 50  ALA A CA  1 
ATOM   386  C C   . ALA A 1 54  ? -2.173  5.265   -12.906 1.00 10.45 ? 50  ALA A C   1 
ATOM   387  O O   . ALA A 1 54  ? -2.843  5.863   -13.724 1.00 9.50  ? 50  ALA A O   1 
ATOM   388  C CB  . ALA A 1 54  ? -2.701  5.387   -10.470 1.00 12.00 ? 50  ALA A CB  1 
ATOM   389  N N   . ASP A 1 55  ? -1.687  4.046   -13.119 1.00 10.24 ? 51  ASP A N   1 
ATOM   390  C CA  . ASP A 1 55  ? -1.915  3.294   -14.341 1.00 10.13 ? 51  ASP A CA  1 
ATOM   391  C C   . ASP A 1 55  ? -3.392  3.320   -14.757 1.00 9.65  ? 51  ASP A C   1 
ATOM   392  O O   . ASP A 1 55  ? -4.265  3.022   -13.937 1.00 10.96 ? 51  ASP A O   1 
ATOM   393  C CB  . ASP A 1 55  ? -1.451  1.854   -14.086 1.00 10.44 ? 51  ASP A CB  1 
ATOM   394  C CG  . ASP A 1 55  ? -1.620  0.967   -15.281 1.00 9.88  ? 51  ASP A CG  1 
ATOM   395  O OD1 . ASP A 1 55  ? -0.629  0.742   -16.001 1.00 14.75 ? 51  ASP A OD1 1 
ATOM   396  O OD2 . ASP A 1 55  ? -2.736  0.466   -15.497 1.00 9.76  ? 51  ASP A OD2 1 
ATOM   397  N N   . SER A 1 56  ? -3.662  3.703   -16.006 1.00 9.03  ? 52  SER A N   1 
ATOM   398  C CA  . SER A 1 56  ? -5.039  3.820   -16.516 1.00 8.64  ? 52  SER A CA  1 
ATOM   399  C C   . SER A 1 56  ? -5.862  2.544   -16.371 1.00 9.02  ? 52  SER A C   1 
ATOM   400  O O   . SER A 1 56  ? -7.052  2.616   -16.074 1.00 7.97  ? 52  SER A O   1 
ATOM   401  C CB  . SER A 1 56  ? -5.063  4.313   -17.971 1.00 8.76  ? 52  SER A CB  1 
ATOM   402  O OG  . SER A 1 56  ? -4.402  3.402   -18.822 1.00 6.75  ? 52  SER A OG  1 
ATOM   403  N N   . ARG A 1 57  ? -5.243  1.383   -16.591 1.00 9.01  ? 53  ARG A N   1 
ATOM   404  C CA  . ARG A 1 57  ? -5.993  0.132   -16.503 1.00 9.92  ? 53  ARG A CA  1 
ATOM   405  C C   . ARG A 1 57  ? -6.312  -0.180  -15.037 1.00 10.44 ? 53  ARG A C   1 
ATOM   406  O O   . ARG A 1 57  ? -7.428  -0.587  -14.713 1.00 10.84 ? 53  ARG A O   1 
ATOM   407  C CB  . ARG A 1 57  ? -5.243  -1.034  -17.150 1.00 9.37  ? 53  ARG A CB  1 
ATOM   408  C CG  . ARG A 1 57  ? -6.028  -2.352  -17.169 1.00 10.35 ? 53  ARG A CG  1 
ATOM   409  C CD  . ARG A 1 57  ? -7.418  -2.186  -17.817 1.00 8.35  ? 53  ARG A CD  1 
ATOM   410  N NE  . ARG A 1 57  ? -8.149  -3.447  -17.954 1.00 9.83  ? 53  ARG A NE  1 
ATOM   411  C CZ  . ARG A 1 57  ? -9.168  -3.625  -18.796 1.00 12.00 ? 53  ARG A CZ  1 
ATOM   412  N NH1 . ARG A 1 57  ? -9.560  -2.618  -19.584 1.00 11.62 ? 53  ARG A NH1 1 
ATOM   413  N NH2 . ARG A 1 57  ? -9.794  -4.807  -18.868 1.00 10.94 ? 53  ARG A NH2 1 
ATOM   414  N N   . MET A 1 58  ? -5.338  0.030   -14.157 1.00 10.41 ? 54  MET A N   1 
ATOM   415  C CA  . MET A 1 58  ? -5.587  -0.123  -12.755 1.00 11.29 ? 54  MET A CA  1 
ATOM   416  C C   . MET A 1 58  ? -6.714  0.816   -12.293 1.00 11.27 ? 54  MET A C   1 
ATOM   417  O O   . MET A 1 58  ? -7.552  0.397   -11.574 1.00 11.92 ? 54  MET A O   1 
ATOM   418  C CB  . MET A 1 58  ? -4.344  0.018   -11.899 1.00 11.43 ? 54  MET A CB  1 
ATOM   419  C CG  . MET A 1 58  ? -4.586  -0.292  -10.447 1.00 11.11 ? 54  MET A CG  1 
ATOM   420  S SD  . MET A 1 58  ? -5.113  -1.975  -10.206 1.00 14.93 ? 54  MET A SD  1 
ATOM   421  C CE  . MET A 1 58  ? -3.636  -2.743  -10.149 1.00 12.90 ? 54  MET A CE  1 
ATOM   422  N N   . ARG A 1 59  ? -6.741  2.068   -12.735 1.00 10.54 ? 55  ARG A N   1 
ATOM   423  C CA  . ARG A 1 59  ? -7.793  2.914   -12.284 1.00 10.95 ? 55  ARG A CA  1 
ATOM   424  C C   . ARG A 1 59  ? -9.158  2.404   -12.709 1.00 10.62 ? 55  ARG A C   1 
ATOM   425  O O   . ARG A 1 59  ? -10.084 2.490   -12.010 1.00 10.64 ? 55  ARG A O   1 
ATOM   426  C CB  . ARG A 1 59  ? -7.669  4.351   -12.748 1.00 10.91 ? 55  ARG A CB  1 
ATOM   427  C CG  . ARG A 1 59  ? -6.399  4.975   -12.340 1.00 14.57 ? 55  ARG A CG  1 
ATOM   428  C CD  . ARG A 1 59  ? -6.466  6.425   -12.606 1.00 17.22 ? 55  ARG A CD  1 
ATOM   429  N NE  . ARG A 1 59  ? -5.427  6.822   -13.475 1.00 23.28 ? 55  ARG A NE  1 
ATOM   430  C CZ  . ARG A 1 59  ? -5.544  7.271   -14.713 1.00 26.47 ? 55  ARG A CZ  1 
ATOM   431  N NH1 . ARG A 1 59  ? -6.699  7.387   -15.284 1.00 26.01 ? 55  ARG A NH1 1 
ATOM   432  N NH2 . ARG A 1 59  ? -4.448  7.590   -15.391 1.00 27.77 ? 55  ARG A NH2 1 
ATOM   433  N N   . LYS A 1 60  ? -9.209  1.819   -13.882 1.00 10.57 ? 56  LYS A N   1 
ATOM   434  C CA  . LYS A 1 60  ? -10.475 1.395   -14.415 1.00 10.53 ? 56  LYS A CA  1 
ATOM   435  C C   . LYS A 1 60  ? -10.963 0.148   -13.681 1.00 10.55 ? 56  LYS A C   1 
ATOM   436  O O   . LYS A 1 60  ? -12.041 0.090   -13.215 1.00 10.09 ? 56  LYS A O   1 
ATOM   437  C CB  . LYS A 1 60  ? -10.352 1.155   -15.908 1.00 11.68 ? 56  LYS A CB  1 
ATOM   438  C CG  . LYS A 1 60  ? -11.307 0.199   -16.515 1.00 13.21 ? 56  LYS A CG  1 
ATOM   439  C CD  . LYS A 1 60  ? -12.534 0.864   -17.165 1.00 19.18 ? 56  LYS A CD  1 
ATOM   440  C CE  . LYS A 1 60  ? -12.220 2.116   -17.986 1.00 19.22 ? 56  LYS A CE  1 
ATOM   441  N NZ  . LYS A 1 60  ? -13.205 2.588   -18.881 1.00 20.51 ? 56  LYS A NZ  1 
ATOM   442  N N   . VAL A 1 61  ? -10.068 -0.809  -13.579 1.00 9.81  ? 57  VAL A N   1 
ATOM   443  C CA  . VAL A 1 61  ? -10.335 -2.007  -12.846 1.00 10.17 ? 57  VAL A CA  1 
ATOM   444  C C   . VAL A 1 61  ? -10.710 -1.713  -11.383 1.00 9.74  ? 57  VAL A C   1 
ATOM   445  O O   . VAL A 1 61  ? -11.659 -2.189  -10.898 1.00 9.77  ? 57  VAL A O   1 
ATOM   446  C CB  . VAL A 1 61  ? -9.205  -3.070  -12.946 1.00 9.96  ? 57  VAL A CB  1 
ATOM   447  C CG1 . VAL A 1 61  ? -9.525  -4.187  -12.104 1.00 11.69 ? 57  VAL A CG1 1 
ATOM   448  C CG2 . VAL A 1 61  ? -9.006  -3.500  -14.332 1.00 10.25 ? 57  VAL A CG2 1 
ATOM   449  N N   . GLY A 1 62  ? -9.940  -0.858  -10.765 1.00 8.83  ? 58  GLY A N   1 
ATOM   450  C CA  . GLY A 1 62  ? -10.197 -0.455  -9.371  1.00 9.50  ? 58  GLY A CA  1 
ATOM   451  C C   . GLY A 1 62  ? -11.580 0.146   -9.233  1.00 9.06  ? 58  GLY A C   1 
ATOM   452  O O   . GLY A 1 62  ? -12.363 -0.260  -8.372  1.00 8.14  ? 58  GLY A O   1 
ATOM   453  N N   . LYS A 1 63  ? -11.881 1.095   -10.114 1.00 9.11  ? 59  LYS A N   1 
ATOM   454  C CA  . LYS A 1 63  ? -13.159 1.794   -10.128 1.00 10.79 ? 59  LYS A CA  1 
ATOM   455  C C   . LYS A 1 63  ? -14.327 0.830   -10.211 1.00 10.57 ? 59  LYS A C   1 
ATOM   456  O O   . LYS A 1 63  ? -15.292 0.983   -9.472  1.00 9.51  ? 59  LYS A O   1 
ATOM   457  C CB  . LYS A 1 63  ? -13.224 2.829   -11.270 1.00 11.12 ? 59  LYS A CB  1 
ATOM   458  C CG  . LYS A 1 63  ? -14.570 3.556   -11.371 1.00 14.08 ? 59  LYS A CG  1 
ATOM   459  C CD  . LYS A 1 63  ? -14.602 4.540   -12.524 1.00 18.51 ? 59  LYS A CD  1 
ATOM   460  C CE  . LYS A 1 63  ? -16.050 4.860   -12.955 1.00 22.23 ? 59  LYS A CE  1 
ATOM   461  N NZ  . LYS A 1 63  ? -16.992 5.102   -11.800 1.00 23.44 ? 59  LYS A NZ  1 
ATOM   462  N N   . SER A 1 64  ? -14.199 -0.191  -11.059 1.00 10.47 ? 60  SER A N   1 
ATOM   463  C CA  . SER A 1 64  ? -15.255 -1.188  -11.259 1.00 10.80 ? 60  SER A CA  1 
ATOM   464  C C   . SER A 1 64  ? -15.572 -1.966  -9.976  1.00 9.98  ? 60  SER A C   1 
ATOM   465  O O   . SER A 1 64  ? -16.677 -2.472  -9.792  1.00 10.31 ? 60  SER A O   1 
ATOM   466  C CB  . SER A 1 64  ? -14.896 -2.135  -12.417 1.00 10.80 ? 60  SER A CB  1 
ATOM   467  O OG  . SER A 1 64  ? -13.929 -3.099  -12.025 1.00 12.08 ? 60  SER A OG  1 
ATOM   468  N N   . ARG A 1 65  ? -14.589 -2.060  -9.091  1.00 9.72  ? 61  ARG A N   1 
ATOM   469  C CA  . ARG A 1 65  ? -14.730 -2.799  -7.848  1.00 9.72  ? 61  ARG A CA  1 
ATOM   470  C C   . ARG A 1 65  ? -14.826 -1.902  -6.608  1.00 9.86  ? 61  ARG A C   1 
ATOM   471  O O   . ARG A 1 65  ? -14.648 -2.368  -5.470  1.00 9.92  ? 61  ARG A O   1 
ATOM   472  C CB  . ARG A 1 65  ? -13.591 -3.810  -7.725  1.00 10.41 ? 61  ARG A CB  1 
ATOM   473  C CG  . ARG A 1 65  ? -13.788 -4.985  -8.644  1.00 9.47  ? 61  ARG A CG  1 
ATOM   474  C CD  . ARG A 1 65  ? -12.519 -5.777  -8.761  1.00 8.55  ? 61  ARG A CD  1 
ATOM   475  N NE  . ARG A 1 65  ? -12.259 -6.506  -7.521  1.00 7.97  ? 61  ARG A NE  1 
ATOM   476  C CZ  . ARG A 1 65  ? -11.320 -7.433  -7.383  1.00 8.91  ? 61  ARG A CZ  1 
ATOM   477  N NH1 . ARG A 1 65  ? -10.527 -7.769  -8.419  1.00 7.55  ? 61  ARG A NH1 1 
ATOM   478  N NH2 . ARG A 1 65  ? -11.160 -8.011  -6.208  1.00 9.32  ? 61  ARG A NH2 1 
ATOM   479  N N   . GLY A 1 66  ? -15.123 -0.616  -6.829  1.00 10.15 ? 62  GLY A N   1 
ATOM   480  C CA  . GLY A 1 66  ? -15.412 0.315   -5.740  1.00 9.72  ? 62  GLY A CA  1 
ATOM   481  C C   . GLY A 1 66  ? -14.225 1.085   -5.186  1.00 9.52  ? 62  GLY A C   1 
ATOM   482  O O   . GLY A 1 66  ? -14.330 1.676   -4.102  1.00 9.50  ? 62  GLY A O   1 
ATOM   483  N N   . TYR A 1 67  ? -13.107 1.083   -5.913  1.00 9.35  ? 63  TYR A N   1 
ATOM   484  C CA  . TYR A 1 67  ? -11.876 1.707   -5.422  1.00 9.45  ? 63  TYR A CA  1 
ATOM   485  C C   . TYR A 1 67  ? -11.488 2.899   -6.285  1.00 10.68 ? 63  TYR A C   1 
ATOM   486  O O   . TYR A 1 67  ? -11.509 2.807   -7.513  1.00 12.08 ? 63  TYR A O   1 
ATOM   487  C CB  . TYR A 1 67  ? -10.722 0.695   -5.363  1.00 8.70  ? 63  TYR A CB  1 
ATOM   488  C CG  . TYR A 1 67  ? -11.054 -0.535  -4.550  1.00 7.52  ? 63  TYR A CG  1 
ATOM   489  C CD1 . TYR A 1 67  ? -11.233 -0.454  -3.173  1.00 6.91  ? 63  TYR A CD1 1 
ATOM   490  C CD2 . TYR A 1 67  ? -11.203 -1.779  -5.165  1.00 6.89  ? 63  TYR A CD2 1 
ATOM   491  C CE1 . TYR A 1 67  ? -11.536 -1.583  -2.416  1.00 8.29  ? 63  TYR A CE1 1 
ATOM   492  C CE2 . TYR A 1 67  ? -11.509 -2.917  -4.418  1.00 7.87  ? 63  TYR A CE2 1 
ATOM   493  C CZ  . TYR A 1 67  ? -11.678 -2.809  -3.057  1.00 6.66  ? 63  TYR A CZ  1 
ATOM   494  O OH  . TYR A 1 67  ? -11.989 -3.900  -2.308  1.00 8.88  ? 63  TYR A OH  1 
ATOM   495  N N   . GLN A 1 68  ? -11.165 4.008   -5.633  1.00 10.70 ? 64  GLN A N   1 
ATOM   496  C CA  A GLN A 1 68  ? -10.750 5.221   -6.329  0.50 10.70 ? 64  GLN A CA  1 
ATOM   497  C CA  B GLN A 1 68  ? -10.745 5.228   -6.315  0.50 11.07 ? 64  GLN A CA  1 
ATOM   498  C C   . GLN A 1 68  ? -9.226  5.309   -6.288  1.00 10.74 ? 64  GLN A C   1 
ATOM   499  O O   . GLN A 1 68  ? -8.632  5.721   -5.276  1.00 10.11 ? 64  GLN A O   1 
ATOM   500  C CB  A GLN A 1 68  ? -11.395 6.454   -5.686  0.50 11.04 ? 64  GLN A CB  1 
ATOM   501  C CB  B GLN A 1 68  ? -11.335 6.461   -5.624  0.50 11.52 ? 64  GLN A CB  1 
ATOM   502  C CG  A GLN A 1 68  ? -11.210 7.756   -6.469  0.50 11.39 ? 64  GLN A CG  1 
ATOM   503  C CG  B GLN A 1 68  ? -12.835 6.606   -5.750  0.50 13.89 ? 64  GLN A CG  1 
ATOM   504  C CD  A GLN A 1 68  ? -11.953 8.921   -5.835  0.50 14.53 ? 64  GLN A CD  1 
ATOM   505  C CD  B GLN A 1 68  ? -13.287 8.050   -5.631  0.50 16.83 ? 64  GLN A CD  1 
ATOM   506  O OE1 A GLN A 1 68  ? -12.840 8.724   -4.999  0.50 16.62 ? 64  GLN A OE1 1 
ATOM   507  O OE1 B GLN A 1 68  ? -12.522 8.921   -5.204  0.50 19.78 ? 64  GLN A OE1 1 
ATOM   508  N NE2 A GLN A 1 68  ? -11.605 10.139  -6.236  0.50 13.08 ? 64  GLN A NE2 1 
ATOM   509  N NE2 B GLN A 1 68  ? -14.534 8.318   -6.016  0.50 18.79 ? 64  GLN A NE2 1 
ATOM   510  N N   . VAL A 1 69  ? -8.596  4.915   -7.388  1.00 10.72 ? 65  VAL A N   1 
ATOM   511  C CA  . VAL A 1 69  ? -7.141  4.904   -7.474  1.00 10.54 ? 65  VAL A CA  1 
ATOM   512  C C   . VAL A 1 69  ? -6.723  6.272   -8.039  1.00 12.25 ? 65  VAL A C   1 
ATOM   513  O O   . VAL A 1 69  ? -6.544  6.439   -9.242  1.00 12.73 ? 65  VAL A O   1 
ATOM   514  C CB  . VAL A 1 69  ? -6.663  3.729   -8.360  1.00 10.70 ? 65  VAL A CB  1 
ATOM   515  C CG1 . VAL A 1 69  ? -5.131  3.622   -8.358  1.00 7.34  ? 65  VAL A CG1 1 
ATOM   516  C CG2 . VAL A 1 69  ? -7.299  2.412   -7.922  1.00 9.72  ? 65  VAL A CG2 1 
ATOM   517  N N   . ASP A 1 70  ? -6.643  7.267   -7.169  1.00 12.92 ? 66  ASP A N   1 
ATOM   518  C CA  . ASP A 1 70  ? -6.447  8.646   -7.643  1.00 14.87 ? 66  ASP A CA  1 
ATOM   519  C C   . ASP A 1 70  ? -5.071  9.206   -7.238  1.00 15.32 ? 66  ASP A C   1 
ATOM   520  O O   . ASP A 1 70  ? -4.804  10.418  -7.356  1.00 15.79 ? 66  ASP A O   1 
ATOM   521  C CB  . ASP A 1 70  ? -7.598  9.545   -7.165  1.00 15.41 ? 66  ASP A CB  1 
ATOM   522  C CG  . ASP A 1 70  ? -7.713  9.593   -5.649  1.00 18.11 ? 66  ASP A CG  1 
ATOM   523  O OD1 . ASP A 1 70  ? -6.849  9.013   -4.954  1.00 19.28 ? 66  ASP A OD1 1 
ATOM   524  O OD2 . ASP A 1 70  ? -8.690  10.197  -5.143  1.00 21.19 ? 66  ASP A OD2 1 
ATOM   525  N N   . SER A 1 71  ? -4.207  8.318   -6.753  1.00 15.90 ? 67  SER A N   1 
ATOM   526  C CA  . SER A 1 71  ? -2.825  8.662   -6.361  1.00 16.62 ? 67  SER A CA  1 
ATOM   527  C C   . SER A 1 71  ? -2.037  9.363   -7.471  1.00 16.53 ? 67  SER A C   1 
ATOM   528  O O   . SER A 1 71  ? -2.155  9.015   -8.644  1.00 16.54 ? 67  SER A O   1 
ATOM   529  C CB  . SER A 1 71  ? -2.066  7.385   -5.935  1.00 16.81 ? 67  SER A CB  1 
ATOM   530  O OG  . SER A 1 71  ? -0.644  7.570   -5.949  1.00 19.41 ? 67  SER A OG  1 
ATOM   531  N N   . ILE A 1 72  ? -1.239  10.353  -7.076  1.00 16.25 ? 68  ILE A N   1 
ATOM   532  C CA  . ILE A 1 72  ? -0.251  10.988  -7.957  1.00 15.34 ? 68  ILE A CA  1 
ATOM   533  C C   . ILE A 1 72  ? 1.118   10.507  -7.489  1.00 15.08 ? 68  ILE A C   1 
ATOM   534  O O   . ILE A 1 72  ? 1.448   10.645  -6.303  1.00 14.88 ? 68  ILE A O   1 
ATOM   535  C CB  . ILE A 1 72  ? -0.327  12.539  -7.866  1.00 15.67 ? 68  ILE A CB  1 
ATOM   536  C CG1 . ILE A 1 72  ? -1.705  13.053  -8.300  1.00 16.54 ? 68  ILE A CG1 1 
ATOM   537  C CG2 . ILE A 1 72  ? 0.852   13.234  -8.626  1.00 16.78 ? 68  ILE A CG2 1 
ATOM   538  C CD1 . ILE A 1 72  ? -2.169  12.605  -9.692  1.00 18.19 ? 68  ILE A CD1 1 
ATOM   539  N N   . SER A 1 73  ? 1.910   9.978   -8.425  1.00 13.85 ? 69  SER A N   1 
ATOM   540  C CA  A SER A 1 73  ? 3.194   9.358   -8.102  0.50 13.33 ? 69  SER A CA  1 
ATOM   541  C CA  B SER A 1 73  ? 3.195   9.361   -8.116  0.50 13.34 ? 69  SER A CA  1 
ATOM   542  C C   . SER A 1 73  ? 4.180   10.303  -7.415  1.00 13.09 ? 69  SER A C   1 
ATOM   543  O O   . SER A 1 73  ? 4.357   11.439  -7.820  1.00 13.05 ? 69  SER A O   1 
ATOM   544  C CB  A SER A 1 73  ? 3.854   8.772   -9.350  0.50 13.47 ? 69  SER A CB  1 
ATOM   545  C CB  B SER A 1 73  ? 3.838   8.858   -9.399  0.50 13.47 ? 69  SER A CB  1 
ATOM   546  O OG  A SER A 1 73  ? 5.154   8.274   -9.054  0.50 12.21 ? 69  SER A OG  1 
ATOM   547  O OG  B SER A 1 73  ? 4.221   9.954   -10.207 0.50 12.35 ? 69  SER A OG  1 
ATOM   548  N N   . ARG A 1 74  ? 4.833   9.804   -6.372  1.00 12.46 ? 70  ARG A N   1 
ATOM   549  C CA  . ARG A 1 74  ? 5.887   10.565  -5.708  1.00 10.98 ? 70  ARG A CA  1 
ATOM   550  C C   . ARG A 1 74  ? 6.897   9.591   -5.135  1.00 10.32 ? 70  ARG A C   1 
ATOM   551  O O   . ARG A 1 74  ? 6.584   8.417   -4.917  1.00 10.94 ? 70  ARG A O   1 
ATOM   552  C CB  . ARG A 1 74  ? 5.321   11.504  -4.625  1.00 11.16 ? 70  ARG A CB  1 
ATOM   553  C CG  . ARG A 1 74  ? 4.900   10.791  -3.319  1.00 8.70  ? 70  ARG A CG  1 
ATOM   554  C CD  . ARG A 1 74  ? 4.577   11.818  -2.236  1.00 9.37  ? 70  ARG A CD  1 
ATOM   555  N NE  . ARG A 1 74  ? 4.209   11.201  -0.954  1.00 8.67  ? 70  ARG A NE  1 
ATOM   556  C CZ  . ARG A 1 74  ? 5.069   10.758  -0.025  1.00 9.15  ? 70  ARG A CZ  1 
ATOM   557  N NH1 . ARG A 1 74  ? 6.387   10.826  -0.198  1.00 8.89  ? 70  ARG A NH1 1 
ATOM   558  N NH2 . ARG A 1 74  ? 4.600   10.237  1.102   1.00 5.84  ? 70  ARG A NH2 1 
ATOM   559  N N   . PRO A 1 75  ? 8.139   10.052  -4.947  1.00 9.89  ? 71  PRO A N   1 
ATOM   560  C CA  . PRO A 1 75  ? 9.143   9.174   -4.344  1.00 9.30  ? 71  PRO A CA  1 
ATOM   561  C C   . PRO A 1 75  ? 9.070   9.150   -2.834  1.00 8.77  ? 71  PRO A C   1 
ATOM   562  O O   . PRO A 1 75  ? 8.660   10.153  -2.236  1.00 9.55  ? 71  PRO A O   1 
ATOM   563  C CB  . PRO A 1 75  ? 10.458  9.840   -4.757  1.00 8.50  ? 71  PRO A CB  1 
ATOM   564  C CG  . PRO A 1 75  ? 10.111  11.291  -4.894  1.00 8.78  ? 71  PRO A CG  1 
ATOM   565  C CD  . PRO A 1 75  ? 8.739   11.291  -5.487  1.00 9.64  ? 71  PRO A CD  1 
ATOM   566  N N   . VAL A 1 76  ? 9.505   8.036   -2.234  1.00 8.06  ? 72  VAL A N   1 
ATOM   567  C CA  . VAL A 1 76  ? 9.751   7.971   -0.783  1.00 8.59  ? 72  VAL A CA  1 
ATOM   568  C C   . VAL A 1 76  ? 10.932  8.900   -0.504  1.00 8.25  ? 72  VAL A C   1 
ATOM   569  O O   . VAL A 1 76  ? 11.961  8.826   -1.220  1.00 8.44  ? 72  VAL A O   1 
ATOM   570  C CB  . VAL A 1 76  ? 10.140  6.556   -0.312  1.00 7.99  ? 72  VAL A CB  1 
ATOM   571  C CG1 . VAL A 1 76  ? 10.538  6.550   1.186   1.00 10.11 ? 72  VAL A CG1 1 
ATOM   572  C CG2 . VAL A 1 76  ? 9.003   5.575   -0.565  1.00 9.98  ? 72  VAL A CG2 1 
ATOM   573  N N   . VAL A 1 77  ? 10.768  9.765   0.498   1.00 7.51  ? 73  VAL A N   1 
ATOM   574  C CA  . VAL A 1 77  ? 11.836  10.662  0.965   1.00 6.75  ? 73  VAL A CA  1 
ATOM   575  C C   . VAL A 1 77  ? 12.094  10.388  2.439   1.00 6.28  ? 73  VAL A C   1 
ATOM   576  O O   . VAL A 1 77  ? 11.329  9.640   3.061   1.00 5.92  ? 73  VAL A O   1 
ATOM   577  C CB  . VAL A 1 77  ? 11.532  12.156  0.717   1.00 6.56  ? 73  VAL A CB  1 
ATOM   578  C CG1 . VAL A 1 77  ? 11.593  12.458  -0.796  1.00 8.47  ? 73  VAL A CG1 1 
ATOM   579  C CG2 . VAL A 1 77  ? 10.166  12.567  1.365   1.00 8.09  ? 73  VAL A CG2 1 
ATOM   580  N N   . SER A 1 78  ? 13.177  10.941  2.992   1.00 5.29  ? 74  SER A N   1 
ATOM   581  C CA  . SER A 1 78  ? 13.577  10.531  4.340   1.00 5.89  ? 74  SER A CA  1 
ATOM   582  C C   . SER A 1 78  ? 12.519  10.890  5.386   1.00 6.42  ? 74  SER A C   1 
ATOM   583  O O   . SER A 1 78  ? 12.364  10.175  6.392   1.00 6.67  ? 74  SER A O   1 
ATOM   584  C CB  . SER A 1 78  ? 14.955  11.090  4.735   1.00 5.91  ? 74  SER A CB  1 
ATOM   585  O OG  . SER A 1 78  ? 15.015  12.478  4.617   1.00 8.51  ? 74  SER A OG  1 
ATOM   586  N N   . SER A 1 79  ? 11.785  11.976  5.158   1.00 6.50  ? 75  SER A N   1 
ATOM   587  C CA  . SER A 1 79  ? 10.883  12.450  6.178   1.00 7.34  ? 75  SER A CA  1 
ATOM   588  C C   . SER A 1 79  ? 9.677   11.500  6.289   1.00 6.78  ? 75  SER A C   1 
ATOM   589  O O   . SER A 1 79  ? 8.985   11.501  7.312   1.00 7.22  ? 75  SER A O   1 
ATOM   590  C CB  . SER A 1 79  ? 10.460  13.895  5.925   1.00 7.65  ? 75  SER A CB  1 
ATOM   591  O OG  . SER A 1 79  ? 9.671   13.935  4.760   1.00 9.41  ? 75  SER A OG  1 
ATOM   592  N N   . ASP A 1 80  ? 9.456   10.684  5.255   1.00 6.47  ? 76  ASP A N   1 
ATOM   593  C CA  . ASP A 1 80  ? 8.419   9.662   5.295   1.00 6.66  ? 76  ASP A CA  1 
ATOM   594  C C   . ASP A 1 80  ? 8.656   8.689   6.437   1.00 6.41  ? 76  ASP A C   1 
ATOM   595  O O   . ASP A 1 80  ? 7.692   8.251   7.078   1.00 6.24  ? 76  ASP A O   1 
ATOM   596  C CB  . ASP A 1 80  ? 8.328   8.882   3.980   1.00 6.86  ? 76  ASP A CB  1 
ATOM   597  C CG  . ASP A 1 80  ? 7.703   9.692   2.876   1.00 9.39  ? 76  ASP A CG  1 
ATOM   598  O OD1 . ASP A 1 80  ? 6.856   10.578  3.185   1.00 9.00  ? 76  ASP A OD1 1 
ATOM   599  O OD2 . ASP A 1 80  ? 8.097   9.447   1.714   1.00 8.79  ? 76  ASP A OD2 1 
ATOM   600  N N   . PHE A 1 81  ? 9.927   8.375   6.726   1.00 5.58  ? 77  PHE A N   1 
ATOM   601  C CA  . PHE A 1 81  ? 10.224  7.386   7.769   1.00 6.11  ? 77  PHE A CA  1 
ATOM   602  C C   . PHE A 1 81  ? 9.901   7.934   9.158   1.00 6.57  ? 77  PHE A C   1 
ATOM   603  O O   . PHE A 1 81  ? 9.561   7.186   10.050  1.00 6.13  ? 77  PHE A O   1 
ATOM   604  C CB  . PHE A 1 81  ? 11.694  6.913   7.717   1.00 5.37  ? 77  PHE A CB  1 
ATOM   605  C CG  . PHE A 1 81  ? 12.046  6.198   6.442   1.00 6.80  ? 77  PHE A CG  1 
ATOM   606  C CD1 . PHE A 1 81  ? 11.492  4.929   6.163   1.00 7.56  ? 77  PHE A CD1 1 
ATOM   607  C CD2 . PHE A 1 81  ? 12.865  6.798   5.503   1.00 6.70  ? 77  PHE A CD2 1 
ATOM   608  C CE1 . PHE A 1 81  ? 11.815  4.258   4.981   1.00 7.67  ? 77  PHE A CE1 1 
ATOM   609  C CE2 . PHE A 1 81  ? 13.185  6.142   4.300   1.00 10.03 ? 77  PHE A CE2 1 
ATOM   610  C CZ  . PHE A 1 81  ? 12.655  4.881   4.035   1.00 8.92  ? 77  PHE A CZ  1 
ATOM   611  N N   . LYS A 1 82  ? 10.024  9.248   9.322   1.00 6.88  ? 78  LYS A N   1 
ATOM   612  C CA  . LYS A 1 82  ? 9.598   9.894   10.576  1.00 7.80  ? 78  LYS A CA  1 
ATOM   613  C C   . LYS A 1 82  ? 8.063   10.085  10.630  1.00 7.32  ? 78  LYS A C   1 
ATOM   614  O O   . LYS A 1 82  ? 7.421   9.775   11.638  1.00 7.52  ? 78  LYS A O   1 
ATOM   615  C CB  . LYS A 1 82  ? 10.315  11.240  10.742  1.00 8.17  ? 78  LYS A CB  1 
ATOM   616  C CG  . LYS A 1 82  ? 9.809   12.065  11.942  1.00 10.01 ? 78  LYS A CG  1 
ATOM   617  C CD  . LYS A 1 82  ? 10.527  13.393  12.016  1.00 13.72 ? 78  LYS A CD  1 
ATOM   618  C CE  . LYS A 1 82  ? 10.446  13.985  13.431  1.00 17.77 ? 78  LYS A CE  1 
ATOM   619  N NZ  . LYS A 1 82  ? 9.082   14.475  13.766  1.00 21.41 ? 78  LYS A NZ  1 
ATOM   620  N N   . ASN A 1 83  ? 7.487   10.607  9.572   1.00 7.30  ? 79  ASN A N   1 
ATOM   621  C CA  . ASN A 1 83  ? 6.100   11.037  9.558   1.00 7.64  ? 79  ASN A CA  1 
ATOM   622  C C   . ASN A 1 83  ? 5.078   9.930   9.597   1.00 7.66  ? 79  ASN A C   1 
ATOM   623  O O   . ASN A 1 83  ? 4.097   10.036  10.229  1.00 8.91  ? 79  ASN A O   1 
ATOM   624  C CB  . ASN A 1 83  ? 5.824   11.915  8.367   1.00 8.23  ? 79  ASN A CB  1 
ATOM   625  C CG  . ASN A 1 83  ? 6.637   13.180  8.381   1.00 10.77 ? 79  ASN A CG  1 
ATOM   626  O OD1 . ASN A 1 83  ? 7.016   13.635  9.387   1.00 12.07 ? 79  ASN A OD1 1 
ATOM   627  N ND2 . ASN A 1 83  ? 6.858   13.733  7.245   1.00 13.58 ? 79  ASN A ND2 1 
ATOM   628  N N   . PHE A 1 84  ? 5.323   8.873   8.868   1.00 7.21  ? 80  PHE A N   1 
ATOM   629  C CA  . PHE A 1 84  ? 4.383   7.785   8.871   1.00 6.81  ? 80  PHE A CA  1 
ATOM   630  C C   . PHE A 1 84  ? 4.495   6.831   10.071  1.00 6.54  ? 80  PHE A C   1 
ATOM   631  O O   . PHE A 1 84  ? 5.485   6.724   10.600  1.00 7.38  ? 80  PHE A O   1 
ATOM   632  C CB  . PHE A 1 84  ? 4.394   7.035   7.550   1.00 6.67  ? 80  PHE A CB  1 
ATOM   633  C CG  . PHE A 1 84  ? 3.751   7.785   6.450   1.00 6.38  ? 80  PHE A CG  1 
ATOM   634  C CD1 . PHE A 1 84  ? 4.445   8.685   5.740   1.00 6.09  ? 80  PHE A CD1 1 
ATOM   635  C CD2 . PHE A 1 84  ? 2.438   7.666   6.210   1.00 7.05  ? 80  PHE A CD2 1 
ATOM   636  C CE1 . PHE A 1 84  ? 3.849   9.397   4.728   1.00 6.47  ? 80  PHE A CE1 1 
ATOM   637  C CE2 . PHE A 1 84  ? 1.834   8.374   5.241   1.00 7.94  ? 80  PHE A CE2 1 
ATOM   638  C CZ  . PHE A 1 84  ? 2.567   9.227   4.494   1.00 6.59  ? 80  PHE A CZ  1 
ATOM   639  N N   . ASP A 1 85  ? 3.432   6.130   10.426  1.00 5.82  ? 81  ASP A N   1 
ATOM   640  C CA  . ASP A 1 85  ? 3.425   5.222   11.539  1.00 6.36  ? 81  ASP A CA  1 
ATOM   641  C C   . ASP A 1 85  ? 3.831   3.791   11.105  1.00 6.24  ? 81  ASP A C   1 
ATOM   642  O O   . ASP A 1 85  ? 4.561   3.138   11.741  1.00 6.05  ? 81  ASP A O   1 
ATOM   643  C CB  . ASP A 1 85  ? 2.034   5.182   12.181  1.00 6.04  ? 81  ASP A CB  1 
ATOM   644  C CG  . ASP A 1 85  ? 1.680   6.490   12.894  1.00 8.08  ? 81  ASP A CG  1 
ATOM   645  O OD1 . ASP A 1 85  ? 0.857   7.196   12.439  1.00 8.27  ? 81  ASP A OD1 1 
ATOM   646  O OD2 . ASP A 1 85  ? 2.303   6.799   13.865  1.00 8.12  ? 81  ASP A OD2 1 
ATOM   647  N N   . TYR A 1 86  ? 3.369   3.423   9.931   1.00 6.27  ? 82  TYR A N   1 
ATOM   648  C CA  . TYR A 1 86  ? 3.680   2.170   9.341   1.00 6.34  ? 82  TYR A CA  1 
ATOM   649  C C   . TYR A 1 86  ? 3.881   2.334   7.842   1.00 6.57  ? 82  TYR A C   1 
ATOM   650  O O   . TYR A 1 86  ? 3.240   3.091   7.285   1.00 6.81  ? 82  TYR A O   1 
ATOM   651  C CB  . TYR A 1 86  ? 2.594   1.192   9.601   1.00 5.75  ? 82  TYR A CB  1 
ATOM   652  C CG  . TYR A 1 86  ? 2.447   0.831   11.057  1.00 6.28  ? 82  TYR A CG  1 
ATOM   653  C CD1 . TYR A 1 86  ? 3.370   0.065   11.697  1.00 6.65  ? 82  TYR A CD1 1 
ATOM   654  C CD2 . TYR A 1 86  ? 1.357   1.210   11.737  1.00 9.45  ? 82  TYR A CD2 1 
ATOM   655  C CE1 . TYR A 1 86  ? 3.217   -0.319  12.992  1.00 6.77  ? 82  TYR A CE1 1 
ATOM   656  C CE2 . TYR A 1 86  ? 1.180   0.871   13.074  1.00 7.77  ? 82  TYR A CE2 1 
ATOM   657  C CZ  . TYR A 1 86  ? 2.108   0.127   13.702  1.00 7.08  ? 82  TYR A CZ  1 
ATOM   658  O OH  . TYR A 1 86  ? 1.890   -0.236  15.002  1.00 8.53  ? 82  TYR A OH  1 
ATOM   659  N N   . ILE A 1 87  ? 4.773   1.529   7.294   1.00 6.97  ? 83  ILE A N   1 
ATOM   660  C CA  . ILE A 1 87  ? 5.120   1.582   5.882   1.00 6.08  ? 83  ILE A CA  1 
ATOM   661  C C   . ILE A 1 87  ? 5.065   0.170   5.340   1.00 6.93  ? 83  ILE A C   1 
ATOM   662  O O   . ILE A 1 87  ? 5.607   -0.727  5.958   1.00 7.64  ? 83  ILE A O   1 
ATOM   663  C CB  . ILE A 1 87  ? 6.537   2.153   5.693   1.00 6.29  ? 83  ILE A CB  1 
ATOM   664  C CG1 . ILE A 1 87  ? 6.569   3.612   6.180   1.00 5.79  ? 83  ILE A CG1 1 
ATOM   665  C CG2 . ILE A 1 87  ? 6.926   2.122   4.225   1.00 5.50  ? 83  ILE A CG2 1 
ATOM   666  C CD1 . ILE A 1 87  ? 7.989   4.193   6.349   1.00 6.05  ? 83  ILE A CD1 1 
ATOM   667  N N   . PHE A 1 88  ? 4.384   -0.030  4.212   1.00 6.30  ? 84  PHE A N   1 
ATOM   668  C CA  . PHE A 1 88  ? 4.108   -1.391  3.727   1.00 6.43  ? 84  PHE A CA  1 
ATOM   669  C C   . PHE A 1 88  ? 4.667   -1.591  2.328   1.00 6.63  ? 84  PHE A C   1 
ATOM   670  O O   . PHE A 1 88  ? 4.279   -0.888  1.380   1.00 7.40  ? 84  PHE A O   1 
ATOM   671  C CB  . PHE A 1 88  ? 2.601   -1.668  3.734   1.00 7.15  ? 84  PHE A CB  1 
ATOM   672  C CG  . PHE A 1 88  ? 1.984   -1.534  5.071   1.00 6.98  ? 84  PHE A CG  1 
ATOM   673  C CD1 . PHE A 1 88  ? 1.973   -2.611  5.954   1.00 8.28  ? 84  PHE A CD1 1 
ATOM   674  C CD2 . PHE A 1 88  ? 1.428   -0.319  5.471   1.00 6.75  ? 84  PHE A CD2 1 
ATOM   675  C CE1 . PHE A 1 88  ? 1.425   -2.486  7.231   1.00 6.75  ? 84  PHE A CE1 1 
ATOM   676  C CE2 . PHE A 1 88  ? 0.894   -0.181  6.748   1.00 7.76  ? 84  PHE A CE2 1 
ATOM   677  C CZ  . PHE A 1 88  ? 0.876   -1.273  7.622   1.00 7.85  ? 84  PHE A CZ  1 
ATOM   678  N N   . ALA A 1 89  ? 5.576   -2.560  2.216   1.00 6.97  ? 85  ALA A N   1 
ATOM   679  C CA  . ALA A 1 89  ? 6.254   -2.857  0.963   1.00 7.12  ? 85  ALA A CA  1 
ATOM   680  C C   . ALA A 1 89  ? 5.407   -3.826  0.147   1.00 8.00  ? 85  ALA A C   1 
ATOM   681  O O   . ALA A 1 89  ? 4.881   -4.790  0.695   1.00 9.28  ? 85  ALA A O   1 
ATOM   682  C CB  . ALA A 1 89  ? 7.612   -3.478  1.252   1.00 7.39  ? 85  ALA A CB  1 
ATOM   683  N N   . MET A 1 90  ? 5.292   -3.568  -1.151  1.00 6.51  ? 86  MET A N   1 
ATOM   684  C CA  . MET A 1 90  ? 4.508   -4.424  -2.073  1.00 7.54  ? 86  MET A CA  1 
ATOM   685  C C   . MET A 1 90  ? 5.263   -5.709  -2.437  1.00 7.80  ? 86  MET A C   1 
ATOM   686  O O   . MET A 1 90  ? 4.655   -6.764  -2.665  1.00 7.25  ? 86  MET A O   1 
ATOM   687  C CB  . MET A 1 90  ? 4.167   -3.672  -3.362  1.00 7.65  ? 86  MET A CB  1 
ATOM   688  C CG  . MET A 1 90  ? 3.175   -2.490  -3.242  1.00 9.71  ? 86  MET A CG  1 
ATOM   689  S SD  . MET A 1 90  ? 1.640   -2.923  -2.448  1.00 14.86 ? 86  MET A SD  1 
ATOM   690  C CE  . MET A 1 90  ? 1.916   -2.372  -0.761  1.00 11.93 ? 86  MET A CE  1 
ATOM   691  N N   . ASP A 1 91  ? 6.586   -5.625  -2.479  1.00 7.41  ? 87  ASP A N   1 
ATOM   692  C CA  . ASP A 1 91  ? 7.366   -6.834  -2.701  1.00 7.18  ? 87  ASP A CA  1 
ATOM   693  C C   . ASP A 1 91  ? 8.659   -6.892  -1.893  1.00 7.44  ? 87  ASP A C   1 
ATOM   694  O O   . ASP A 1 91  ? 8.992   -5.965  -1.152  1.00 6.20  ? 87  ASP A O   1 
ATOM   695  C CB  . ASP A 1 91  ? 7.614   -7.043  -4.215  1.00 7.31  ? 87  ASP A CB  1 
ATOM   696  C CG  . ASP A 1 91  ? 8.567   -5.999  -4.837  1.00 9.07  ? 87  ASP A CG  1 
ATOM   697  O OD1 . ASP A 1 91  ? 9.458   -5.449  -4.153  1.00 8.85  ? 87  ASP A OD1 1 
ATOM   698  O OD2 . ASP A 1 91  ? 8.459   -5.766  -6.056  1.00 9.86  ? 87  ASP A OD2 1 
ATOM   699  N N   . ASN A 1 92  ? 9.394   -7.993  -2.042  1.00 7.55  ? 88  ASN A N   1 
ATOM   700  C CA  . ASN A 1 92  ? 10.545  -8.219  -1.172  1.00 8.26  ? 88  ASN A CA  1 
ATOM   701  C C   . ASN A 1 92  ? 11.707  -7.326  -1.496  1.00 8.12  ? 88  ASN A C   1 
ATOM   702  O O   . ASN A 1 92  ? 12.432  -6.892  -0.603  1.00 8.82  ? 88  ASN A O   1 
ATOM   703  C CB  . ASN A 1 92  ? 10.954  -9.693  -1.140  1.00 7.65  ? 88  ASN A CB  1 
ATOM   704  C CG  . ASN A 1 92  ? 9.953   -10.548 -0.388  1.00 9.95  ? 88  ASN A CG  1 
ATOM   705  O OD1 . ASN A 1 92  ? 9.323   -10.096 0.579   1.00 11.24 ? 88  ASN A OD1 1 
ATOM   706  N ND2 . ASN A 1 92  ? 9.794   -11.791 -0.823  1.00 12.38 ? 88  ASN A ND2 1 
ATOM   707  N N   . ASP A 1 93  ? 11.891  -7.035  -2.773  1.00 8.35  ? 89  ASP A N   1 
ATOM   708  C CA  . ASP A 1 93  ? 12.960  -6.121  -3.115  1.00 9.82  ? 89  ASP A CA  1 
ATOM   709  C C   . ASP A 1 93  ? 12.692  -4.749  -2.458  1.00 9.95  ? 89  ASP A C   1 
ATOM   710  O O   . ASP A 1 93  ? 13.613  -4.193  -1.859  1.00 10.25 ? 89  ASP A O   1 
ATOM   711  C CB  . ASP A 1 93  ? 13.164  -5.995  -4.618  1.00 9.56  ? 89  ASP A CB  1 
ATOM   712  C CG  . ASP A 1 93  ? 14.477  -5.283  -4.959  1.00 12.02 ? 89  ASP A CG  1 
ATOM   713  O OD1 . ASP A 1 93  ? 15.483  -5.514  -4.254  1.00 13.87 ? 89  ASP A OD1 1 
ATOM   714  O OD2 . ASP A 1 93  ? 14.518  -4.510  -5.924  1.00 14.32 ? 89  ASP A OD2 1 
ATOM   715  N N   . ASN A 1 94  ? 11.455  -4.235  -2.536  1.00 9.65  ? 90  ASN A N   1 
ATOM   716  C CA  . ASN A 1 94  ? 11.128  -2.905  -1.936  1.00 10.14 ? 90  ASN A CA  1 
ATOM   717  C C   . ASN A 1 94  ? 11.377  -2.970  -0.438  1.00 9.36  ? 90  ASN A C   1 
ATOM   718  O O   . ASN A 1 94  ? 11.853  -2.006  0.157   1.00 8.89  ? 90  ASN A O   1 
ATOM   719  C CB  . ASN A 1 94  ? 9.656   -2.444  -2.054  1.00 10.42 ? 90  ASN A CB  1 
ATOM   720  C CG  . ASN A 1 94  ? 9.005   -2.681  -3.403  1.00 14.41 ? 90  ASN A CG  1 
ATOM   721  O OD1 . ASN A 1 94  ? 7.829   -3.101  -3.438  1.00 16.67 ? 90  ASN A OD1 1 
ATOM   722  N ND2 . ASN A 1 94  ? 9.683   -2.349  -4.505  1.00 13.16 ? 90  ASN A ND2 1 
ATOM   723  N N   . TYR A 1 95  ? 11.005  -4.103  0.173   1.00 8.22  ? 91  TYR A N   1 
ATOM   724  C CA  . TYR A 1 95  ? 11.170  -4.273  1.613   1.00 8.12  ? 91  TYR A CA  1 
ATOM   725  C C   . TYR A 1 95  ? 12.611  -4.006  2.023   1.00 7.44  ? 91  TYR A C   1 
ATOM   726  O O   . TYR A 1 95  ? 12.890  -3.196  2.926   1.00 7.05  ? 91  TYR A O   1 
ATOM   727  C CB  . TYR A 1 95  ? 10.700  -5.672  2.046   1.00 7.23  ? 91  TYR A CB  1 
ATOM   728  C CG  . TYR A 1 95  ? 10.867  -5.994  3.509   1.00 10.15 ? 91  TYR A CG  1 
ATOM   729  C CD1 . TYR A 1 95  ? 10.013  -5.430  4.474   1.00 12.85 ? 91  TYR A CD1 1 
ATOM   730  C CD2 . TYR A 1 95  ? 11.844  -6.894  3.938   1.00 11.83 ? 91  TYR A CD2 1 
ATOM   731  C CE1 . TYR A 1 95  ? 10.137  -5.745  5.810   1.00 12.30 ? 91  TYR A CE1 1 
ATOM   732  C CE2 . TYR A 1 95  ? 11.971  -7.219  5.269   1.00 12.59 ? 91  TYR A CE2 1 
ATOM   733  C CZ  . TYR A 1 95  ? 11.119  -6.647  6.194   1.00 13.91 ? 91  TYR A CZ  1 
ATOM   734  O OH  . TYR A 1 95  ? 11.278  -6.975  7.506   1.00 14.69 ? 91  TYR A OH  1 
ATOM   735  N N   . TYR A 1 96  ? 13.539  -4.649  1.326   1.00 7.58  ? 92  TYR A N   1 
ATOM   736  C CA  . TYR A 1 96  ? 14.943  -4.533  1.709   1.00 7.67  ? 92  TYR A CA  1 
ATOM   737  C C   . TYR A 1 96  ? 15.498  -3.191  1.302   1.00 7.27  ? 92  TYR A C   1 
ATOM   738  O O   . TYR A 1 96  ? 16.333  -2.635  2.004   1.00 6.08  ? 92  TYR A O   1 
ATOM   739  C CB  . TYR A 1 96  ? 15.759  -5.681  1.141   1.00 7.38  ? 92  TYR A CB  1 
ATOM   740  C CG  . TYR A 1 96  ? 15.419  -6.972  1.833   1.00 9.24  ? 92  TYR A CG  1 
ATOM   741  C CD1 . TYR A 1 96  ? 15.746  -7.174  3.181   1.00 10.48 ? 92  TYR A CD1 1 
ATOM   742  C CD2 . TYR A 1 96  ? 14.737  -7.974  1.162   1.00 9.84  ? 92  TYR A CD2 1 
ATOM   743  C CE1 . TYR A 1 96  ? 15.430  -8.369  3.823   1.00 11.54 ? 92  TYR A CE1 1 
ATOM   744  C CE2 . TYR A 1 96  ? 14.398  -9.170  1.797   1.00 13.60 ? 92  TYR A CE2 1 
ATOM   745  C CZ  . TYR A 1 96  ? 14.738  -9.354  3.126   1.00 13.78 ? 92  TYR A CZ  1 
ATOM   746  O OH  . TYR A 1 96  ? 14.413  -10.540 3.737   1.00 16.94 ? 92  TYR A OH  1 
ATOM   747  N N   . GLU A 1 97  ? 15.018  -2.674  0.166   1.00 7.40  ? 93  GLU A N   1 
ATOM   748  C CA  . GLU A 1 97  ? 15.407  -1.320  -0.273  1.00 8.23  ? 93  GLU A CA  1 
ATOM   749  C C   . GLU A 1 97  ? 15.015  -0.280  0.794   1.00 7.71  ? 93  GLU A C   1 
ATOM   750  O O   . GLU A 1 97  ? 15.809  0.604   1.147   1.00 6.93  ? 93  GLU A O   1 
ATOM   751  C CB  . GLU A 1 97  ? 14.784  -0.994  -1.632  1.00 9.16  ? 93  GLU A CB  1 
ATOM   752  C CG  . GLU A 1 97  ? 15.306  0.288   -2.279  1.00 13.97 ? 93  GLU A CG  1 
ATOM   753  C CD  . GLU A 1 97  ? 16.737  0.152   -2.838  1.00 19.85 ? 93  GLU A CD  1 
ATOM   754  O OE1 . GLU A 1 97  ? 17.171  -0.988  -3.142  1.00 22.17 ? 93  GLU A OE1 1 
ATOM   755  O OE2 . GLU A 1 97  ? 17.420  1.195   -2.986  1.00 22.76 ? 93  GLU A OE2 1 
ATOM   756  N N   . LEU A 1 98  ? 13.803  -0.414  1.332   1.00 6.73  ? 94  LEU A N   1 
ATOM   757  C CA  . LEU A 1 98  ? 13.339  0.483   2.380   1.00 7.15  ? 94  LEU A CA  1 
ATOM   758  C C   . LEU A 1 98  ? 14.175  0.391   3.644   1.00 6.88  ? 94  LEU A C   1 
ATOM   759  O O   . LEU A 1 98  ? 14.538  1.425   4.216   1.00 6.05  ? 94  LEU A O   1 
ATOM   760  C CB  . LEU A 1 98  ? 11.861  0.238   2.693   1.00 7.42  ? 94  LEU A CB  1 
ATOM   761  C CG  . LEU A 1 98  ? 10.885  0.753   1.644   1.00 7.17  ? 94  LEU A CG  1 
ATOM   762  C CD1 . LEU A 1 98  ? 9.500   0.078   1.879   1.00 8.36  ? 94  LEU A CD1 1 
ATOM   763  C CD2 . LEU A 1 98  ? 10.780  2.288   1.737   1.00 8.86  ? 94  LEU A CD2 1 
ATOM   764  N N   . LEU A 1 99  ? 14.497  -0.826  4.075   1.00 7.05  ? 95  LEU A N   1 
ATOM   765  C CA  . LEU A 1 99  ? 15.356  -1.031  5.271   1.00 6.89  ? 95  LEU A CA  1 
ATOM   766  C C   . LEU A 1 99  ? 16.741  -0.424  5.046   1.00 6.79  ? 95  LEU A C   1 
ATOM   767  O O   . LEU A 1 99  ? 17.322  0.181   5.963   1.00 6.51  ? 95  LEU A O   1 
ATOM   768  C CB  . LEU A 1 99  ? 15.456  -2.530  5.659   1.00 6.40  ? 95  LEU A CB  1 
ATOM   769  C CG  . LEU A 1 99  ? 14.167  -3.173  6.176   1.00 8.84  ? 95  LEU A CG  1 
ATOM   770  C CD1 . LEU A 1 99  ? 14.239  -4.716  6.171   1.00 8.86  ? 95  LEU A CD1 1 
ATOM   771  C CD2 . LEU A 1 99  ? 13.806  -2.637  7.563   1.00 8.55  ? 95  LEU A CD2 1 
ATOM   772  N N   . ASP A 1 100 ? 17.246  -0.537  3.819   1.00 6.82  ? 96  ASP A N   1 
ATOM   773  C CA  . ASP A 1 100 ? 18.550  0.043   3.489   1.00 8.19  ? 96  ASP A CA  1 
ATOM   774  C C   . ASP A 1 100 ? 18.614  1.543   3.753   1.00 8.01  ? 96  ASP A C   1 
ATOM   775  O O   . ASP A 1 100 ? 19.632  2.030   4.214   1.00 7.97  ? 96  ASP A O   1 
ATOM   776  C CB  . ASP A 1 100 ? 18.972  -0.277  2.053   1.00 8.33  ? 96  ASP A CB  1 
ATOM   777  C CG  . ASP A 1 100 ? 19.524  -1.682  1.912   1.00 11.36 ? 96  ASP A CG  1 
ATOM   778  O OD1 . ASP A 1 100 ? 19.745  -2.344  2.946   1.00 14.78 ? 96  ASP A OD1 1 
ATOM   779  O OD2 . ASP A 1 100 ? 19.775  -2.115  0.761   1.00 15.33 ? 96  ASP A OD2 1 
ATOM   780  N N   . ARG A 1 101 ? 17.512  2.253   3.478   1.00 8.35  ? 97  ARG A N   1 
ATOM   781  C CA  . ARG A 1 101 ? 17.504  3.721   3.544   1.00 8.59  ? 97  ARG A CA  1 
ATOM   782  C C   . ARG A 1 101 ? 16.967  4.226   4.876   1.00 8.93  ? 97  ARG A C   1 
ATOM   783  O O   . ARG A 1 101 ? 17.120  5.416   5.198   1.00 8.52  ? 97  ARG A O   1 
ATOM   784  C CB  . ARG A 1 101 ? 16.619  4.323   2.446   1.00 9.30  ? 97  ARG A CB  1 
ATOM   785  C CG  . ARG A 1 101 ? 16.694  3.646   1.114   1.00 11.55 ? 97  ARG A CG  1 
ATOM   786  C CD  . ARG A 1 101 ? 15.935  4.425   0.058   1.00 13.13 ? 97  ARG A CD  1 
ATOM   787  N NE  . ARG A 1 101 ? 16.187  3.859   -1.266  1.00 14.17 ? 97  ARG A NE  1 
ATOM   788  C CZ  . ARG A 1 101 ? 15.583  4.253   -2.384  1.00 12.04 ? 97  ARG A CZ  1 
ATOM   789  N NH1 . ARG A 1 101 ? 14.655  5.209   -2.341  1.00 11.70 ? 97  ARG A NH1 1 
ATOM   790  N NH2 . ARG A 1 101 ? 15.863  3.642   -3.535  1.00 13.55 ? 97  ARG A NH2 1 
ATOM   791  N N   . CYS A 1 102 ? 16.280  3.350   5.614   1.00 7.92  ? 98  CYS A N   1 
ATOM   792  C CA  . CYS A 1 102 ? 15.533  3.786   6.789   1.00 8.33  ? 98  CYS A CA  1 
ATOM   793  C C   . CYS A 1 102 ? 16.469  3.977   7.983   1.00 8.54  ? 98  CYS A C   1 
ATOM   794  O O   . CYS A 1 102 ? 17.242  3.080   8.294   1.00 8.75  ? 98  CYS A O   1 
ATOM   795  C CB  . CYS A 1 102 ? 14.454  2.739   7.151   1.00 7.87  ? 98  CYS A CB  1 
ATOM   796  S SG  . CYS A 1 102 ? 13.403  3.287   8.487   1.00 8.64  ? 98  CYS A SG  1 
ATOM   797  N N   . PRO A 1 103 ? 16.386  5.135   8.672   1.00 8.74  ? 99  PRO A N   1 
ATOM   798  C CA  . PRO A 1 103 ? 17.137  5.257   9.935   1.00 9.97  ? 99  PRO A CA  1 
ATOM   799  C C   . PRO A 1 103 ? 16.782  4.129   10.894  1.00 10.48 ? 99  PRO A C   1 
ATOM   800  O O   . PRO A 1 103 ? 15.612  3.741   10.998  1.00 10.84 ? 99  PRO A O   1 
ATOM   801  C CB  . PRO A 1 103 ? 16.650  6.587   10.497  1.00 9.70  ? 99  PRO A CB  1 
ATOM   802  C CG  . PRO A 1 103 ? 16.309  7.395   9.247   1.00 7.94  ? 99  PRO A CG  1 
ATOM   803  C CD  . PRO A 1 103 ? 15.669  6.377   8.329   1.00 8.79  ? 99  PRO A CD  1 
ATOM   804  N N   . GLU A 1 104 ? 17.762  3.612   11.586  1.00 11.12 ? 100 GLU A N   1 
ATOM   805  C CA  . GLU A 1 104 ? 17.529  2.568   12.574  1.00 12.25 ? 100 GLU A CA  1 
ATOM   806  C C   . GLU A 1 104 ? 16.305  2.760   13.466  1.00 12.40 ? 100 GLU A C   1 
ATOM   807  O O   . GLU A 1 104 ? 15.560  1.883   13.694  1.00 12.43 ? 100 GLU A O   1 
ATOM   808  C CB  . GLU A 1 104 ? 18.783  2.355   13.438  1.00 11.66 ? 100 GLU A CB  1 
ATOM   809  C CG  . GLU A 1 104 ? 18.812  1.092   14.160  1.00 12.84 ? 100 GLU A CG  1 
ATOM   810  C CD  . GLU A 1 104 ? 19.007  -0.129  13.279  1.00 14.66 ? 100 GLU A CD  1 
ATOM   811  O OE1 . GLU A 1 104 ? 19.529  -0.008  12.214  1.00 14.63 ? 100 GLU A OE1 1 
ATOM   812  O OE2 . GLU A 1 104 ? 18.615  -1.213  13.673  1.00 15.68 ? 100 GLU A OE2 1 
ATOM   813  N N   . GLN A 1 105 ? 16.187  3.968   13.935  1.00 12.57 ? 101 GLN A N   1 
ATOM   814  C CA  . GLN A 1 105 ? 15.173  4.498   14.772  1.00 12.80 ? 101 GLN A CA  1 
ATOM   815  C C   . GLN A 1 105 ? 13.726  4.248   14.313  1.00 12.75 ? 101 GLN A C   1 
ATOM   816  O O   . GLN A 1 105 ? 12.841  4.311   15.081  1.00 12.86 ? 101 GLN A O   1 
ATOM   817  C CB  . GLN A 1 105 ? 15.422  5.993   14.670  1.00 12.81 ? 101 GLN A CB  1 
ATOM   818  C CG  . GLN A 1 105 ? 14.953  6.767   15.619  1.00 15.12 ? 101 GLN A CG  1 
ATOM   819  C CD  . GLN A 1 105 ? 15.025  8.220   15.309  1.00 19.97 ? 101 GLN A CD  1 
ATOM   820  O OE1 . GLN A 1 105 ? 15.727  8.690   14.438  1.00 22.13 ? 101 GLN A OE1 1 
ATOM   821  N NE2 . GLN A 1 105 ? 14.274  8.934   16.016  1.00 21.09 ? 101 GLN A NE2 1 
ATOM   822  N N   . TYR A 1 106 ? 13.544  4.059   13.024  1.00 12.08 ? 102 TYR A N   1 
ATOM   823  C CA  . TYR A 1 106 ? 12.232  3.917   12.470  1.00 11.51 ? 102 TYR A CA  1 
ATOM   824  C C   . TYR A 1 106 ? 12.000  2.549   11.797  1.00 10.57 ? 102 TYR A C   1 
ATOM   825  O O   . TYR A 1 106 ? 10.993  2.344   11.207  1.00 10.68 ? 102 TYR A O   1 
ATOM   826  C CB  . TYR A 1 106 ? 11.954  5.046   11.491  1.00 11.28 ? 102 TYR A CB  1 
ATOM   827  C CG  . TYR A 1 106 ? 12.120  6.440   11.992  1.00 10.88 ? 102 TYR A CG  1 
ATOM   828  C CD1 . TYR A 1 106 ? 11.514  6.860   13.143  1.00 9.67  ? 102 TYR A CD1 1 
ATOM   829  C CD2 . TYR A 1 106 ? 12.878  7.315   11.327  1.00 12.42 ? 102 TYR A CD2 1 
ATOM   830  C CE1 . TYR A 1 106 ? 11.632  8.083   13.556  1.00 11.54 ? 102 TYR A CE1 1 
ATOM   831  C CE2 . TYR A 1 106 ? 13.052  8.562   11.749  1.00 14.00 ? 102 TYR A CE2 1 
ATOM   832  C CZ  . TYR A 1 106 ? 12.411  8.963   12.891  1.00 11.80 ? 102 TYR A CZ  1 
ATOM   833  O OH  . TYR A 1 106 ? 12.540  10.235  13.302  1.00 13.26 ? 102 TYR A OH  1 
ATOM   834  N N   . LYS A 1 107 ? 12.969  1.660   11.856  1.00 9.58  ? 103 LYS A N   1 
ATOM   835  C CA  . LYS A 1 107 ? 12.921  0.430   11.071  1.00 9.64  ? 103 LYS A CA  1 
ATOM   836  C C   . LYS A 1 107 ? 11.742  -0.466  11.429  1.00 9.98  ? 103 LYS A C   1 
ATOM   837  O O   . LYS A 1 107 ? 11.281  -1.214  10.663  1.00 9.78  ? 103 LYS A O   1 
ATOM   838  C CB  . LYS A 1 107 ? 14.242  -0.322  11.131  1.00 9.30  ? 103 LYS A CB  1 
ATOM   839  C CG  . LYS A 1 107 ? 15.322  0.223   10.240  1.00 9.13  ? 103 LYS A CG  1 
ATOM   840  C CD  . LYS A 1 107 ? 16.502  -0.626  10.138  1.00 7.70  ? 103 LYS A CD  1 
ATOM   841  C CE  . LYS A 1 107 ? 17.588  -0.014  9.345   1.00 8.55  ? 103 LYS A CE  1 
ATOM   842  N NZ  . LYS A 1 107 ? 18.772  -0.778  9.536   1.00 11.59 ? 103 LYS A NZ  1 
ATOM   843  N N   . GLN A 1 108 ? 11.327  -0.376  12.661  1.00 10.51 ? 104 GLN A N   1 
ATOM   844  C CA  . GLN A 1 108 ? 10.183  -1.129  13.193  1.00 11.66 ? 104 GLN A CA  1 
ATOM   845  C C   . GLN A 1 108 ? 8.879   -0.866  12.431  1.00 10.87 ? 104 GLN A C   1 
ATOM   846  O O   . GLN A 1 108 ? 7.920   -1.654  12.519  1.00 11.39 ? 104 GLN A O   1 
ATOM   847  C CB  . GLN A 1 108 ? 10.006  -0.805  14.696  1.00 12.73 ? 104 GLN A CB  1 
ATOM   848  C CG  . GLN A 1 108 ? 9.535   0.648   15.029  1.00 14.99 ? 104 GLN A CG  1 
ATOM   849  C CD  . GLN A 1 108 ? 10.631  1.716   14.980  1.00 17.45 ? 104 GLN A CD  1 
ATOM   850  O OE1 . GLN A 1 108 ? 11.801  1.417   14.738  1.00 18.47 ? 104 GLN A OE1 1 
ATOM   851  N NE2 . GLN A 1 108 ? 10.245  2.974   15.231  1.00 17.35 ? 104 GLN A NE2 1 
ATOM   852  N N   . LYS A 1 109 ? 8.843   0.253   11.703  1.00 9.55  ? 105 LYS A N   1 
ATOM   853  C CA  . LYS A 1 109 ? 7.640   0.674   11.005  1.00 8.72  ? 105 LYS A CA  1 
ATOM   854  C C   . LYS A 1 109 ? 7.415   -0.063  9.697   1.00 7.54  ? 105 LYS A C   1 
ATOM   855  O O   . LYS A 1 109 ? 6.313   0.014   9.136   1.00 7.44  ? 105 LYS A O   1 
ATOM   856  C CB  . LYS A 1 109 ? 7.697   2.169   10.700  1.00 8.60  ? 105 LYS A CB  1 
ATOM   857  C CG  . LYS A 1 109 ? 7.681   3.071   11.897  1.00 8.19  ? 105 LYS A CG  1 
ATOM   858  C CD  . LYS A 1 109 ? 7.984   4.523   11.485  1.00 6.52  ? 105 LYS A CD  1 
ATOM   859  C CE  . LYS A 1 109 ? 7.820   5.456   12.687  1.00 9.67  ? 105 LYS A CE  1 
ATOM   860  N NZ  . LYS A 1 109 ? 7.775   6.914   12.326  1.00 6.02  ? 105 LYS A NZ  1 
ATOM   861  N N   . ILE A 1 110 ? 8.445   -0.754  9.209   1.00 6.98  ? 106 ILE A N   1 
ATOM   862  C CA  . ILE A 1 110 ? 8.407   -1.319  7.848   1.00 6.56  ? 106 ILE A CA  1 
ATOM   863  C C   . ILE A 1 110 ? 7.963   -2.774  7.867   1.00 7.04  ? 106 ILE A C   1 
ATOM   864  O O   . ILE A 1 110 ? 8.561   -3.604  8.555   1.00 5.49  ? 106 ILE A O   1 
ATOM   865  C CB  . ILE A 1 110 ? 9.758   -1.173  7.118   1.00 6.40  ? 106 ILE A CB  1 
ATOM   866  C CG1 . ILE A 1 110 ? 10.145  0.311   6.989   1.00 7.70  ? 106 ILE A CG1 1 
ATOM   867  C CG2 . ILE A 1 110 ? 9.718   -1.790  5.685   1.00 6.08  ? 106 ILE A CG2 1 
ATOM   868  C CD1 . ILE A 1 110 ? 11.634  0.507   6.699   1.00 8.07  ? 106 ILE A CD1 1 
ATOM   869  N N   . PHE A 1 111 ? 6.896   -3.056  7.104   1.00 7.38  ? 107 PHE A N   1 
ATOM   870  C CA  . PHE A 1 111 ? 6.275   -4.382  7.024   1.00 8.47  ? 107 PHE A CA  1 
ATOM   871  C C   . PHE A 1 111 ? 6.107   -4.774  5.560   1.00 9.13  ? 107 PHE A C   1 
ATOM   872  O O   . PHE A 1 111 ? 6.107   -3.915  4.680   1.00 9.01  ? 107 PHE A O   1 
ATOM   873  C CB  . PHE A 1 111 ? 4.882   -4.377  7.684   1.00 9.39  ? 107 PHE A CB  1 
ATOM   874  C CG  . PHE A 1 111 ? 4.926   -4.372  9.193   1.00 8.77  ? 107 PHE A CG  1 
ATOM   875  C CD1 . PHE A 1 111 ? 4.836   -5.564  9.903   1.00 8.70  ? 107 PHE A CD1 1 
ATOM   876  C CD2 . PHE A 1 111 ? 5.075   -3.182  9.897   1.00 9.74  ? 107 PHE A CD2 1 
ATOM   877  C CE1 . PHE A 1 111 ? 4.897   -5.587  11.301  1.00 8.92  ? 107 PHE A CE1 1 
ATOM   878  C CE2 . PHE A 1 111 ? 5.151   -3.186  11.305  1.00 7.42  ? 107 PHE A CE2 1 
ATOM   879  C CZ  . PHE A 1 111 ? 5.046   -4.393  12.009  1.00 8.40  ? 107 PHE A CZ  1 
ATOM   880  N N   . LYS A 1 112 ? 5.972   -6.080  5.306   1.00 9.12  ? 108 LYS A N   1 
ATOM   881  C CA  . LYS A 1 112 ? 5.566   -6.534  3.989   1.00 10.40 ? 108 LYS A CA  1 
ATOM   882  C C   . LYS A 1 112 ? 4.054   -6.509  3.952   1.00 10.06 ? 108 LYS A C   1 
ATOM   883  O O   . LYS A 1 112 ? 3.413   -6.985  4.887   1.00 11.01 ? 108 LYS A O   1 
ATOM   884  C CB  . LYS A 1 112 ? 6.021   -7.974  3.755   1.00 10.15 ? 108 LYS A CB  1 
ATOM   885  C CG  . LYS A 1 112 ? 7.531   -8.182  3.748   1.00 11.59 ? 108 LYS A CG  1 
ATOM   886  C CD  . LYS A 1 112 ? 7.818   -9.659  3.548   1.00 11.01 ? 108 LYS A CD  1 
ATOM   887  C CE  . LYS A 1 112 ? 9.303   -9.934  3.687   1.00 14.06 ? 108 LYS A CE  1 
ATOM   888  N NZ  . LYS A 1 112 ? 9.613   -11.261 3.121   1.00 14.29 ? 108 LYS A NZ  1 
ATOM   889  N N   . MET A 1 113 ? 3.486   -5.994  2.862   1.00 10.39 ? 109 MET A N   1 
ATOM   890  C CA  . MET A 1 113 ? 2.043   -6.036  2.685   1.00 11.14 ? 109 MET A CA  1 
ATOM   891  C C   . MET A 1 113 ? 1.497   -7.468  2.841   1.00 11.36 ? 109 MET A C   1 
ATOM   892  O O   . MET A 1 113 ? 0.477   -7.678  3.524   1.00 11.74 ? 109 MET A O   1 
ATOM   893  C CB  . MET A 1 113 ? 1.667   -5.437  1.322   1.00 10.51 ? 109 MET A CB  1 
ATOM   894  C CG  . MET A 1 113 ? 0.191   -5.395  0.989   1.00 14.01 ? 109 MET A CG  1 
ATOM   895  S SD  . MET A 1 113 ? -0.644  -4.019  1.795   1.00 21.29 ? 109 MET A SD  1 
ATOM   896  C CE  . MET A 1 113 ? -1.237  -4.766  3.309   1.00 17.69 ? 109 MET A CE  1 
ATOM   897  N N   . VAL A 1 114 ? 2.184   -8.442  2.234   1.00 11.35 ? 110 VAL A N   1 
ATOM   898  C CA  . VAL A 1 114 ? 1.715   -9.844  2.240   1.00 12.83 ? 110 VAL A CA  1 
ATOM   899  C C   . VAL A 1 114 ? 1.711   -10.522 3.597   1.00 13.25 ? 110 VAL A C   1 
ATOM   900  O O   . VAL A 1 114 ? 1.084   -11.580 3.775   1.00 13.38 ? 110 VAL A O   1 
ATOM   901  C CB  . VAL A 1 114 ? 2.508   -10.740 1.282   1.00 12.14 ? 110 VAL A CB  1 
ATOM   902  C CG1 . VAL A 1 114 ? 2.300   -10.265 -0.123  1.00 13.43 ? 110 VAL A CG1 1 
ATOM   903  C CG2 . VAL A 1 114 ? 4.005   -10.786 1.674   1.00 13.91 ? 110 VAL A CG2 1 
ATOM   904  N N   . ASP A 1 115 ? 2.410   -9.948  4.566   1.00 13.54 ? 111 ASP A N   1 
ATOM   905  C CA  . ASP A 1 115 ? 2.390   -10.560 5.879   1.00 14.24 ? 111 ASP A CA  1 
ATOM   906  C C   . ASP A 1 115 ? 1.027   -10.468 6.557   1.00 13.89 ? 111 ASP A C   1 
ATOM   907  O O   . ASP A 1 115 ? 0.783   -11.135 7.572   1.00 12.97 ? 111 ASP A O   1 
ATOM   908  C CB  . ASP A 1 115 ? 3.523   -10.040 6.747   1.00 15.54 ? 111 ASP A CB  1 
ATOM   909  C CG  . ASP A 1 115 ? 4.869   -10.649 6.354   1.00 16.85 ? 111 ASP A CG  1 
ATOM   910  O OD1 . ASP A 1 115 ? 4.911   -11.726 5.702   1.00 21.16 ? 111 ASP A OD1 1 
ATOM   911  O OD2 . ASP A 1 115 ? 5.892   -10.057 6.688   1.00 18.27 ? 111 ASP A OD2 1 
ATOM   912  N N   . PHE A 1 116 ? 0.135   -9.681  5.957   1.00 12.85 ? 112 PHE A N   1 
ATOM   913  C CA  . PHE A 1 116 ? -1.225  -9.552  6.456   1.00 12.61 ? 112 PHE A CA  1 
ATOM   914  C C   . PHE A 1 116 ? -2.261  -10.373 5.701   1.00 12.17 ? 112 PHE A C   1 
ATOM   915  O O   . PHE A 1 116 ? -3.413  -10.372 6.087   1.00 12.17 ? 112 PHE A O   1 
ATOM   916  C CB  . PHE A 1 116 ? -1.610  -8.076  6.586   1.00 11.32 ? 112 PHE A CB  1 
ATOM   917  C CG  . PHE A 1 116 ? -0.741  -7.348  7.570   1.00 12.54 ? 112 PHE A CG  1 
ATOM   918  C CD1 . PHE A 1 116 ? -1.017  -7.413  8.924   1.00 10.92 ? 112 PHE A CD1 1 
ATOM   919  C CD2 . PHE A 1 116 ? 0.421   -6.684  7.141   1.00 10.72 ? 112 PHE A CD2 1 
ATOM   920  C CE1 . PHE A 1 116 ? -0.189  -6.786  9.865   1.00 11.43 ? 112 PHE A CE1 1 
ATOM   921  C CE2 . PHE A 1 116 ? 1.261   -6.054  8.078   1.00 11.80 ? 112 PHE A CE2 1 
ATOM   922  C CZ  . PHE A 1 116 ? 0.947   -6.114  9.435   1.00 10.99 ? 112 PHE A CZ  1 
ATOM   923  N N   . CYS A 1 117 ? -1.854  -11.075 4.688   1.00 13.64 ? 113 CYS A N   1 
ATOM   924  C CA  . CYS A 1 117 ? -2.730  -11.993 3.964   1.00 14.33 ? 113 CYS A CA  1 
ATOM   925  C C   . CYS A 1 117 ? -3.167  -13.173 4.843   1.00 15.79 ? 113 CYS A C   1 
ATOM   926  O O   . CYS A 1 117 ? -2.385  -13.726 5.474   1.00 15.73 ? 113 CYS A O   1 
ATOM   927  C CB  . CYS A 1 117 ? -2.048  -12.573 2.779   1.00 14.05 ? 113 CYS A CB  1 
ATOM   928  S SG  . CYS A 1 117 ? -1.805  -11.471 1.330   1.00 14.25 ? 113 CYS A SG  1 
ATOM   929  N N   . THR A 1 118 ? -4.418  -13.536 4.822   1.00 17.46 ? 114 THR A N   1 
ATOM   930  C CA  . THR A 1 118 ? -4.783  -14.718 5.533   1.00 19.78 ? 114 THR A CA  1 
ATOM   931  C C   . THR A 1 118 ? -5.183  -15.858 4.649   1.00 21.41 ? 114 THR A C   1 
ATOM   932  O O   . THR A 1 118 ? -4.976  -17.017 4.934   1.00 22.24 ? 114 THR A O   1 
ATOM   933  C CB  . THR A 1 118 ? -5.895  -14.460 6.441   1.00 19.95 ? 114 THR A CB  1 
ATOM   934  O OG1 . THR A 1 118 ? -6.951  -13.873 5.745   1.00 19.26 ? 114 THR A OG1 1 
ATOM   935  C CG2 . THR A 1 118 ? -5.476  -13.593 7.503   1.00 20.13 ? 114 THR A CG2 1 
ATOM   936  N N   . THR A 1 119 ? -5.799  -15.561 3.558   1.00 22.87 ? 115 THR A N   1 
ATOM   937  C CA  . THR A 1 119 ? -6.184  -16.695 2.751   1.00 24.34 ? 115 THR A CA  1 
ATOM   938  C C   . THR A 1 119 ? -5.320  -16.912 1.509   1.00 24.52 ? 115 THR A C   1 
ATOM   939  O O   . THR A 1 119 ? -5.027  -18.030 1.161   1.00 24.95 ? 115 THR A O   1 
ATOM   940  C CB  . THR A 1 119 ? -7.731  -16.851 2.584   1.00 24.54 ? 115 THR A CB  1 
ATOM   941  O OG1 . THR A 1 119 ? -8.006  -17.640 1.418   1.00 26.14 ? 115 THR A OG1 1 
ATOM   942  C CG2 . THR A 1 119 ? -8.408  -15.539 2.535   1.00 25.15 ? 115 THR A CG2 1 
ATOM   943  N N   . ILE A 1 120 ? -4.890  -15.845 0.862   1.00 24.75 ? 116 ILE A N   1 
ATOM   944  C CA  . ILE A 1 120 ? -4.068  -15.988 -0.294  1.00 24.69 ? 116 ILE A CA  1 
ATOM   945  C C   . ILE A 1 120 ? -2.633  -16.365 0.084   1.00 25.00 ? 116 ILE A C   1 
ATOM   946  O O   . ILE A 1 120 ? -2.064  -15.779 0.950   1.00 24.32 ? 116 ILE A O   1 
ATOM   947  C CB  . ILE A 1 120 ? -4.189  -14.786 -1.232  1.00 25.02 ? 116 ILE A CB  1 
ATOM   948  C CG1 . ILE A 1 120 ? -5.594  -14.785 -1.873  1.00 24.10 ? 116 ILE A CG1 1 
ATOM   949  C CG2 . ILE A 1 120 ? -3.220  -14.836 -2.227  1.00 25.46 ? 116 ILE A CG2 1 
ATOM   950  C CD1 . ILE A 1 120 ? -5.932  -13.689 -2.605  1.00 23.85 ? 116 ILE A CD1 1 
ATOM   951  N N   . LYS A 1 121 ? -2.097  -17.397 -0.580  1.00 25.16 ? 117 LYS A N   1 
ATOM   952  C CA  . LYS A 1 121 ? -0.742  -17.856 -0.313  1.00 25.43 ? 117 LYS A CA  1 
ATOM   953  C C   . LYS A 1 121 ? 0.226   -17.285 -1.352  1.00 25.20 ? 117 LYS A C   1 
ATOM   954  O O   . LYS A 1 121 ? 0.694   -18.000 -2.246  1.00 26.33 ? 117 LYS A O   1 
ATOM   955  C CB  . LYS A 1 121 ? -0.693  -19.393 -0.308  1.00 25.56 ? 117 LYS A CB  1 
ATOM   956  N N   . THR A 1 122 ? 0.515   -15.980 -1.286  1.00 24.69 ? 118 THR A N   1 
ATOM   957  C CA  . THR A 1 122 ? 1.527   -15.352 -2.148  1.00 23.08 ? 118 THR A CA  1 
ATOM   958  C C   . THR A 1 122 ? 2.631   -14.704 -1.282  1.00 21.15 ? 118 THR A C   1 
ATOM   959  O O   . THR A 1 122 ? 2.440   -14.339 -0.189  1.00 21.28 ? 118 THR A O   1 
ATOM   960  C CB  . THR A 1 122 ? 0.921   -14.316 -3.053  1.00 23.64 ? 118 THR A CB  1 
ATOM   961  O OG1 . THR A 1 122 ? 0.135   -13.441 -2.239  1.00 25.73 ? 118 THR A OG1 1 
ATOM   962  C CG2 . THR A 1 122 ? 0.001   -14.953 -4.058  1.00 23.77 ? 118 THR A CG2 1 
ATOM   963  N N   . THR A 1 123 ? 3.807   -14.620 -1.820  1.00 18.09 ? 119 THR A N   1 
ATOM   964  C CA  . THR A 1 123 ? 4.887   -14.064 -1.082  1.00 16.25 ? 119 THR A CA  1 
ATOM   965  C C   . THR A 1 123 ? 5.146   -12.584 -1.377  1.00 14.50 ? 119 THR A C   1 
ATOM   966  O O   . THR A 1 123 ? 5.837   -11.952 -0.670  1.00 13.95 ? 119 THR A O   1 
ATOM   967  C CB  . THR A 1 123 ? 6.141   -14.820 -1.399  1.00 16.51 ? 119 THR A CB  1 
ATOM   968  O OG1 . THR A 1 123 ? 6.203   -14.972 -2.803  1.00 16.70 ? 119 THR A OG1 1 
ATOM   969  C CG2 . THR A 1 123 ? 6.070   -16.171 -0.760  1.00 16.60 ? 119 THR A CG2 1 
ATOM   970  N N   . GLU A 1 124 ? 4.520   -12.101 -2.416  1.00 12.38 ? 120 GLU A N   1 
ATOM   971  C CA  . GLU A 1 124 ? 4.720   -10.788 -2.930  1.00 11.66 ? 120 GLU A CA  1 
ATOM   972  C C   . GLU A 1 124 ? 3.464   -10.360 -3.666  1.00 11.32 ? 120 GLU A C   1 
ATOM   973  O O   . GLU A 1 124 ? 2.748   -11.150 -4.105  1.00 10.77 ? 120 GLU A O   1 
ATOM   974  C CB  . GLU A 1 124 ? 5.906   -10.682 -3.931  1.00 11.51 ? 120 GLU A CB  1 
ATOM   975  C CG  . GLU A 1 124 ? 7.142   -11.355 -3.638  1.00 12.64 ? 120 GLU A CG  1 
ATOM   976  C CD  . GLU A 1 124 ? 8.333   -10.868 -4.444  1.00 9.45  ? 120 GLU A CD  1 
ATOM   977  O OE1 . GLU A 1 124 ? 8.968   -10.036 -3.909  1.00 8.34  ? 120 GLU A OE1 1 
ATOM   978  O OE2 . GLU A 1 124 ? 8.610   -11.369 -5.528  1.00 9.05  ? 120 GLU A OE2 1 
ATOM   979  N N   . VAL A 1 125 ? 3.280   -9.055  -3.815  1.00 11.63 ? 121 VAL A N   1 
ATOM   980  C CA  . VAL A 1 125 ? 2.229   -8.540  -4.704  1.00 12.23 ? 121 VAL A CA  1 
ATOM   981  C C   . VAL A 1 125 ? 2.705   -8.566  -6.141  1.00 12.72 ? 121 VAL A C   1 
ATOM   982  O O   . VAL A 1 125 ? 3.689   -7.973  -6.427  1.00 12.21 ? 121 VAL A O   1 
ATOM   983  C CB  . VAL A 1 125 ? 1.723   -7.090  -4.315  1.00 11.08 ? 121 VAL A CB  1 
ATOM   984  C CG1 . VAL A 1 125 ? 0.658   -6.716  -5.195  1.00 13.63 ? 121 VAL A CG1 1 
ATOM   985  C CG2 . VAL A 1 125 ? 1.178   -7.058  -2.922  1.00 11.13 ? 121 VAL A CG2 1 
ATOM   986  N N   . PRO A 1 126 ? 2.033   -9.311  -7.025  1.00 13.93 ? 122 PRO A N   1 
ATOM   987  C CA  . PRO A 1 126 ? 2.592   -9.492  -8.355  1.00 15.32 ? 122 PRO A CA  1 
ATOM   988  C C   . PRO A 1 126 ? 2.452   -8.247  -9.218  1.00 16.99 ? 122 PRO A C   1 
ATOM   989  O O   . PRO A 1 126 ? 1.558   -7.431  -9.004  1.00 16.18 ? 122 PRO A O   1 
ATOM   990  C CB  . PRO A 1 126 ? 1.776   -10.658 -8.939  1.00 15.39 ? 122 PRO A CB  1 
ATOM   991  C CG  . PRO A 1 126 ? 0.485   -10.620 -8.250  1.00 14.57 ? 122 PRO A CG  1 
ATOM   992  C CD  . PRO A 1 126 ? 0.732   -9.990  -6.875  1.00 14.63 ? 122 PRO A CD  1 
ATOM   993  N N   . ASP A 1 127 ? 3.354   -8.101  -10.175 1.00 18.86 ? 123 ASP A N   1 
ATOM   994  C CA  . ASP A 1 127 ? 3.219   -7.061  -11.171 1.00 21.27 ? 123 ASP A CA  1 
ATOM   995  C C   . ASP A 1 127 ? 2.188   -7.558  -12.189 1.00 22.43 ? 123 ASP A C   1 
ATOM   996  O O   . ASP A 1 127 ? 2.377   -8.625  -12.796 1.00 22.54 ? 123 ASP A O   1 
ATOM   997  C CB  . ASP A 1 127 ? 4.572   -6.782  -11.834 1.00 21.85 ? 123 ASP A CB  1 
ATOM   998  C CG  . ASP A 1 127 ? 4.454   -5.904  -13.067 1.00 23.44 ? 123 ASP A CG  1 
ATOM   999  O OD1 . ASP A 1 127 ? 3.497   -5.108  -13.166 1.00 25.24 ? 123 ASP A OD1 1 
ATOM   1000 O OD2 . ASP A 1 127 ? 5.334   -6.009  -13.947 1.00 27.01 ? 123 ASP A OD2 1 
ATOM   1001 N N   . PRO A 1 128 ? 1.084   -6.802  -12.369 1.00 23.78 ? 124 PRO A N   1 
ATOM   1002 C CA  . PRO A 1 128 ? 0.017   -7.239  -13.290 1.00 25.19 ? 124 PRO A CA  1 
ATOM   1003 C C   . PRO A 1 128 ? 0.437   -7.423  -14.754 1.00 26.76 ? 124 PRO A C   1 
ATOM   1004 O O   . PRO A 1 128 ? -0.354  -7.152  -15.646 1.00 27.57 ? 124 PRO A O   1 
ATOM   1005 C CB  . PRO A 1 128 ? -1.055  -6.139  -13.156 1.00 24.90 ? 124 PRO A CB  1 
ATOM   1006 C CG  . PRO A 1 128 ? -0.376  -4.995  -12.487 1.00 24.14 ? 124 PRO A CG  1 
ATOM   1007 C CD  . PRO A 1 128 ? 0.716   -5.571  -11.645 1.00 23.50 ? 124 PRO A CD  1 
ATOM   1008 N N   . TYR A 1 129 ? 1.665   -7.884  -14.996 1.00 29.04 ? 125 TYR A N   1 
ATOM   1009 C CA  . TYR A 1 129 ? 2.077   -8.401  -16.314 1.00 29.87 ? 125 TYR A CA  1 
ATOM   1010 C C   . TYR A 1 129 ? 2.950   -9.641  -16.122 1.00 30.37 ? 125 TYR A C   1 
ATOM   1011 O O   . TYR A 1 129 ? 2.493   -10.773 -16.301 1.00 30.36 ? 125 TYR A O   1 
ATOM   1012 C CB  . TYR A 1 129 ? 2.830   -7.346  -17.145 1.00 30.62 ? 125 TYR A CB  1 
ATOM   1013 C CG  . TYR A 1 129 ? 2.294   -5.943  -16.988 1.00 32.63 ? 125 TYR A CG  1 
ATOM   1014 C CD1 . TYR A 1 129 ? 2.745   -5.125  -15.960 1.00 34.29 ? 125 TYR A CD1 1 
ATOM   1015 C CD2 . TYR A 1 129 ? 1.330   -5.437  -17.861 1.00 34.93 ? 125 TYR A CD2 1 
ATOM   1016 C CE1 . TYR A 1 129 ? 2.252   -3.835  -15.790 1.00 35.81 ? 125 TYR A CE1 1 
ATOM   1017 C CE2 . TYR A 1 129 ? 0.824   -4.138  -17.702 1.00 36.12 ? 125 TYR A CE2 1 
ATOM   1018 C CZ  . TYR A 1 129 ? 1.298   -3.346  -16.660 1.00 36.02 ? 125 TYR A CZ  1 
ATOM   1019 O OH  . TYR A 1 129 ? 0.822   -2.067  -16.470 1.00 36.56 ? 125 TYR A OH  1 
ATOM   1020 N N   . GLY A 1 132 ? -1.904  -10.313 -17.877 1.00 20.82 ? 128 GLY A N   1 
ATOM   1021 C CA  . GLY A 1 132 ? -2.902  -9.733  -18.723 1.00 19.82 ? 128 GLY A CA  1 
ATOM   1022 C C   . GLY A 1 132 ? -4.006  -9.049  -17.925 1.00 19.47 ? 128 GLY A C   1 
ATOM   1023 O O   . GLY A 1 132 ? -3.810  -8.679  -16.822 1.00 19.49 ? 128 GLY A O   1 
ATOM   1024 N N   . GLU A 1 133 ? -5.190  -8.924  -18.494 1.00 18.87 ? 129 GLU A N   1 
ATOM   1025 C CA  . GLU A 1 133 ? -6.269  -8.259  -17.802 1.00 18.27 ? 129 GLU A CA  1 
ATOM   1026 C C   . GLU A 1 133 ? -6.553  -8.808  -16.394 1.00 17.76 ? 129 GLU A C   1 
ATOM   1027 O O   . GLU A 1 133 ? -6.846  -8.086  -15.512 1.00 17.09 ? 129 GLU A O   1 
ATOM   1028 C CB  . GLU A 1 133 ? -7.545  -8.267  -18.640 1.00 18.91 ? 129 GLU A CB  1 
ATOM   1029 C CG  . GLU A 1 133 ? -7.478  -7.649  -19.972 1.00 19.15 ? 129 GLU A CG  1 
ATOM   1030 C CD  . GLU A 1 133 ? -8.812  -7.624  -20.689 1.00 22.21 ? 129 GLU A CD  1 
ATOM   1031 O OE1 . GLU A 1 133 ? -9.680  -8.379  -20.350 1.00 24.21 ? 129 GLU A OE1 1 
ATOM   1032 O OE2 . GLU A 1 133 ? -8.972  -6.918  -21.658 1.00 22.64 ? 129 GLU A OE2 1 
ATOM   1033 N N   . LYS A 1 134 ? -6.520  -10.123 -16.268 1.00 16.30 ? 130 LYS A N   1 
ATOM   1034 C CA  . LYS A 1 134 ? -6.736  -10.779 -14.993 1.00 15.88 ? 130 LYS A CA  1 
ATOM   1035 C C   . LYS A 1 134 ? -5.688  -10.304 -13.930 1.00 14.60 ? 130 LYS A C   1 
ATOM   1036 O O   . LYS A 1 134 ? -5.984  -10.228 -12.788 1.00 14.15 ? 130 LYS A O   1 
ATOM   1037 C CB  . LYS A 1 134 ? -6.802  -12.290 -15.161 1.00 16.10 ? 130 LYS A CB  1 
ATOM   1038 C CG  . LYS A 1 134 ? -7.685  -13.012 -14.169 1.00 19.38 ? 130 LYS A CG  1 
ATOM   1039 C CD  . LYS A 1 134 ? -9.028  -12.399 -13.961 1.00 21.40 ? 130 LYS A CD  1 
ATOM   1040 C CE  . LYS A 1 134 ? -9.999  -13.260 -13.352 1.00 21.71 ? 130 LYS A CE  1 
ATOM   1041 N NZ  . LYS A 1 134 ? -10.929 -13.829 -14.296 1.00 22.65 ? 130 LYS A NZ  1 
ATOM   1042 N N   . GLY A 1 135 ? -4.476  -9.995  -14.345 1.00 13.26 ? 131 GLY A N   1 
ATOM   1043 C CA  . GLY A 1 135 ? -3.429  -9.598  -13.388 1.00 12.27 ? 131 GLY A CA  1 
ATOM   1044 C C   . GLY A 1 135 ? -3.843  -8.430  -12.494 1.00 11.26 ? 131 GLY A C   1 
ATOM   1045 O O   . GLY A 1 135 ? -3.514  -8.400  -11.304 1.00 11.17 ? 131 GLY A O   1 
ATOM   1046 N N   . PHE A 1 136 ? -4.594  -7.488  -13.066 1.00 11.11 ? 132 PHE A N   1 
ATOM   1047 C CA  . PHE A 1 136 ? -5.095  -6.348  -12.316 1.00 9.66  ? 132 PHE A CA  1 
ATOM   1048 C C   . PHE A 1 136 ? -6.075  -6.795  -11.238 1.00 9.18  ? 132 PHE A C   1 
ATOM   1049 O O   . PHE A 1 136 ? -6.007  -6.307  -10.109 1.00 8.42  ? 132 PHE A O   1 
ATOM   1050 C CB  . PHE A 1 136 ? -5.691  -5.303  -13.253 1.00 10.40 ? 132 PHE A CB  1 
ATOM   1051 C CG  . PHE A 1 136 ? -4.677  -4.735  -14.217 1.00 10.72 ? 132 PHE A CG  1 
ATOM   1052 C CD1 . PHE A 1 136 ? -3.981  -3.580  -13.904 1.00 12.72 ? 132 PHE A CD1 1 
ATOM   1053 C CD2 . PHE A 1 136 ? -4.390  -5.394  -15.417 1.00 12.68 ? 132 PHE A CD2 1 
ATOM   1054 C CE1 . PHE A 1 136 ? -3.016  -3.067  -14.769 1.00 10.23 ? 132 PHE A CE1 1 
ATOM   1055 C CE2 . PHE A 1 136 ? -3.424  -4.891  -16.289 1.00 12.07 ? 132 PHE A CE2 1 
ATOM   1056 C CZ  . PHE A 1 136 ? -2.742  -3.722  -15.962 1.00 13.42 ? 132 PHE A CZ  1 
ATOM   1057 N N   . HIS A 1 137 ? -6.958  -7.733  -11.573 1.00 7.36  ? 133 HIS A N   1 
ATOM   1058 C CA  . HIS A 1 137 ? -7.892  -8.253  -10.568 1.00 8.12  ? 133 HIS A CA  1 
ATOM   1059 C C   . HIS A 1 137 ? -7.166  -9.019  -9.456  1.00 8.51  ? 133 HIS A C   1 
ATOM   1060 O O   . HIS A 1 137 ? -7.548  -8.938  -8.289  1.00 7.44  ? 133 HIS A O   1 
ATOM   1061 C CB  . HIS A 1 137 ? -8.945  -9.149  -11.227 1.00 8.15  ? 133 HIS A CB  1 
ATOM   1062 C CG  . HIS A 1 137 ? -9.956  -8.382  -12.012 1.00 7.80  ? 133 HIS A CG  1 
ATOM   1063 N ND1 . HIS A 1 137 ? -10.939 -7.626  -11.409 1.00 5.26  ? 133 HIS A ND1 1 
ATOM   1064 C CD2 . HIS A 1 137 ? -10.122 -8.226  -13.350 1.00 6.44  ? 133 HIS A CD2 1 
ATOM   1065 C CE1 . HIS A 1 137 ? -11.676 -7.047  -12.343 1.00 6.24  ? 133 HIS A CE1 1 
ATOM   1066 N NE2 . HIS A 1 137 ? -11.211 -7.407  -13.526 1.00 6.78  ? 133 HIS A NE2 1 
ATOM   1067 N N   . ARG A 1 138 ? -6.165  -9.784  -9.838  1.00 8.53  ? 134 ARG A N   1 
ATOM   1068 C CA  . ARG A 1 138 ? -5.418  -10.600 -8.890  1.00 9.55  ? 134 ARG A CA  1 
ATOM   1069 C C   . ARG A 1 138 ? -4.695  -9.716  -7.864  1.00 8.58  ? 134 ARG A C   1 
ATOM   1070 O O   . ARG A 1 138 ? -4.740  -9.963  -6.717  1.00 8.21  ? 134 ARG A O   1 
ATOM   1071 C CB  . ARG A 1 138 ? -4.535  -11.593 -9.620  1.00 10.29 ? 134 ARG A CB  1 
ATOM   1072 C CG  . ARG A 1 138 ? -3.439  -12.234 -8.828  1.00 15.96 ? 134 ARG A CG  1 
ATOM   1073 C CD  . ARG A 1 138 ? -3.851  -13.181 -7.760  1.00 22.25 ? 134 ARG A CD  1 
ATOM   1074 N NE  . ARG A 1 138 ? -2.761  -14.025 -7.276  1.00 27.07 ? 134 ARG A NE  1 
ATOM   1075 C CZ  . ARG A 1 138 ? -2.934  -14.944 -6.334  1.00 28.90 ? 134 ARG A CZ  1 
ATOM   1076 N NH1 . ARG A 1 138 ? -1.926  -15.658 -5.856  1.00 29.98 ? 134 ARG A NH1 1 
ATOM   1077 N NH2 . ARG A 1 138 ? -4.137  -15.134 -5.869  1.00 30.82 ? 134 ARG A NH2 1 
ATOM   1078 N N   . VAL A 1 139 ? -4.130  -8.625  -8.336  1.00 7.23  ? 135 VAL A N   1 
ATOM   1079 C CA  . VAL A 1 139 ? -3.527  -7.655  -7.430  1.00 7.92  ? 135 VAL A CA  1 
ATOM   1080 C C   . VAL A 1 139 ? -4.560  -7.156  -6.415  1.00 7.55  ? 135 VAL A C   1 
ATOM   1081 O O   . VAL A 1 139 ? -4.313  -7.093  -5.213  1.00 8.64  ? 135 VAL A O   1 
ATOM   1082 C CB  . VAL A 1 139 ? -2.976  -6.455  -8.236  1.00 6.71  ? 135 VAL A CB  1 
ATOM   1083 C CG1 . VAL A 1 139 ? -2.709  -5.253  -7.317  1.00 5.94  ? 135 VAL A CG1 1 
ATOM   1084 C CG2 . VAL A 1 139 ? -1.745  -6.863  -9.009  1.00 7.39  ? 135 VAL A CG2 1 
ATOM   1085 N N   . ILE A 1 140 ? -5.717  -6.776  -6.922  1.00 7.27  ? 136 ILE A N   1 
ATOM   1086 C CA  A ILE A 1 140 ? -6.759  -6.228  -6.066  0.50 6.98  ? 136 ILE A CA  1 
ATOM   1087 C CA  B ILE A 1 140 ? -6.773  -6.233  -6.077  0.50 7.18  ? 136 ILE A CA  1 
ATOM   1088 C C   . ILE A 1 140 ? -7.220  -7.310  -5.090  1.00 7.17  ? 136 ILE A C   1 
ATOM   1089 O O   . ILE A 1 140 ? -7.402  -7.018  -3.916  1.00 8.22  ? 136 ILE A O   1 
ATOM   1090 C CB  A ILE A 1 140 ? -7.906  -5.599  -6.892  0.50 6.98  ? 136 ILE A CB  1 
ATOM   1091 C CB  B ILE A 1 140 ? -7.937  -5.656  -6.921  0.50 7.32  ? 136 ILE A CB  1 
ATOM   1092 C CG1 A ILE A 1 140 ? -7.355  -4.441  -7.735  0.50 5.38  ? 136 ILE A CG1 1 
ATOM   1093 C CG1 B ILE A 1 140 ? -7.406  -4.560  -7.852  0.50 6.48  ? 136 ILE A CG1 1 
ATOM   1094 C CG2 A ILE A 1 140 ? -9.047  -5.095  -5.986  0.50 6.98  ? 136 ILE A CG2 1 
ATOM   1095 C CG2 B ILE A 1 140 ? -9.055  -5.085  -6.029  0.50 7.32  ? 136 ILE A CG2 1 
ATOM   1096 C CD1 A ILE A 1 140 ? -8.399  -3.789  -8.618  0.50 4.47  ? 136 ILE A CD1 1 
ATOM   1097 C CD1 B ILE A 1 140 ? -6.744  -3.439  -7.135  0.50 8.21  ? 136 ILE A CD1 1 
ATOM   1098 N N   . ASP A 1 141 ? -7.351  -8.557  -5.572  1.00 6.44  ? 137 ASP A N   1 
ATOM   1099 C CA  . ASP A 1 141 ? -7.723  -9.692  -4.694  1.00 6.52  ? 137 ASP A CA  1 
ATOM   1100 C C   . ASP A 1 141 ? -6.756  -9.795  -3.511  1.00 6.76  ? 137 ASP A C   1 
ATOM   1101 O O   . ASP A 1 141 ? -7.167  -9.928  -2.343  1.00 6.98  ? 137 ASP A O   1 
ATOM   1102 C CB  . ASP A 1 141 ? -7.673  -11.045 -5.431  1.00 6.35  ? 137 ASP A CB  1 
ATOM   1103 C CG  . ASP A 1 141 ? -8.742  -11.197 -6.493  1.00 5.86  ? 137 ASP A CG  1 
ATOM   1104 O OD1 . ASP A 1 141 ? -9.593  -10.298 -6.666  1.00 6.07  ? 137 ASP A OD1 1 
ATOM   1105 O OD2 . ASP A 1 141 ? -8.726  -12.246 -7.186  1.00 8.28  ? 137 ASP A OD2 1 
ATOM   1106 N N   . ILE A 1 142 ? -5.463  -9.741  -3.813  1.00 6.55  ? 138 ILE A N   1 
ATOM   1107 C CA  . ILE A 1 142 ? -4.459  -9.869  -2.760  1.00 6.34  ? 138 ILE A CA  1 
ATOM   1108 C C   . ILE A 1 142 ? -4.587  -8.727  -1.740  1.00 6.53  ? 138 ILE A C   1 
ATOM   1109 O O   . ILE A 1 142 ? -4.489  -8.948  -0.510  1.00 6.22  ? 138 ILE A O   1 
ATOM   1110 C CB  . ILE A 1 142 ? -3.043  -9.934  -3.355  1.00 6.13  ? 138 ILE A CB  1 
ATOM   1111 C CG1 . ILE A 1 142 ? -2.881  -11.242 -4.144  1.00 8.88  ? 138 ILE A CG1 1 
ATOM   1112 C CG2 . ILE A 1 142 ? -2.011  -9.870  -2.232  1.00 8.09  ? 138 ILE A CG2 1 
ATOM   1113 C CD1 . ILE A 1 142 ? -1.680  -11.253 -5.055  1.00 12.17 ? 138 ILE A CD1 1 
ATOM   1114 N N   . LEU A 1 143 ? -4.772  -7.508  -2.255  1.00 6.33  ? 139 LEU A N   1 
ATOM   1115 C CA  . LEU A 1 143 ? -4.886  -6.325  -1.403  1.00 6.64  ? 139 LEU A CA  1 
ATOM   1116 C C   . LEU A 1 143 ? -6.137  -6.362  -0.527  1.00 7.61  ? 139 LEU A C   1 
ATOM   1117 O O   . LEU A 1 143 ? -6.067  -5.971  0.640   1.00 8.46  ? 139 LEU A O   1 
ATOM   1118 C CB  . LEU A 1 143 ? -4.853  -5.037  -2.245  1.00 5.48  ? 139 LEU A CB  1 
ATOM   1119 C CG  . LEU A 1 143 ? -3.550  -4.783  -3.017  1.00 5.36  ? 139 LEU A CG  1 
ATOM   1120 C CD1 . LEU A 1 143 ? -3.706  -3.639  -4.012  1.00 3.42  ? 139 LEU A CD1 1 
ATOM   1121 C CD2 . LEU A 1 143 ? -2.387  -4.516  -2.043  1.00 9.04  ? 139 LEU A CD2 1 
ATOM   1122 N N   . GLU A 1 144 ? -7.265  -6.829  -1.078  1.00 7.84  ? 140 GLU A N   1 
ATOM   1123 C CA  . GLU A 1 144 ? -8.498  -7.038  -0.281  1.00 7.68  ? 140 GLU A CA  1 
ATOM   1124 C C   . GLU A 1 144 ? -8.301  -7.932  0.937   1.00 7.70  ? 140 GLU A C   1 
ATOM   1125 O O   . GLU A 1 144 ? -8.760  -7.598  2.016   1.00 7.34  ? 140 GLU A O   1 
ATOM   1126 C CB  . GLU A 1 144 ? -9.648  -7.577  -1.147  1.00 7.26  ? 140 GLU A CB  1 
ATOM   1127 C CG  . GLU A 1 144 ? -10.286 -6.490  -1.984  1.00 8.60  ? 140 GLU A CG  1 
ATOM   1128 C CD  . GLU A 1 144 ? -11.408 -6.972  -2.871  1.00 9.78  ? 140 GLU A CD  1 
ATOM   1129 O OE1 . GLU A 1 144 ? -11.595 -8.193  -2.994  1.00 10.10 ? 140 GLU A OE1 1 
ATOM   1130 O OE2 . GLU A 1 144 ? -12.102 -6.120  -3.472  1.00 7.45  ? 140 GLU A OE2 1 
ATOM   1131 N N   . ASP A 1 145 ? -7.616  -9.060  0.740   1.00 7.83  ? 141 ASP A N   1 
ATOM   1132 C CA  . ASP A 1 145 ? -7.240  -9.975  1.811   1.00 8.71  ? 141 ASP A CA  1 
ATOM   1133 C C   . ASP A 1 145 ? -6.316  -9.270  2.830   1.00 8.48  ? 141 ASP A C   1 
ATOM   1134 O O   . ASP A 1 145 ? -6.624  -9.198  4.028   1.00 8.65  ? 141 ASP A O   1 
ATOM   1135 C CB  . ASP A 1 145 ? -6.572  -11.213 1.172   1.00 9.24  ? 141 ASP A CB  1 
ATOM   1136 C CG  . ASP A 1 145 ? -5.993  -12.183 2.180   1.00 12.20 ? 141 ASP A CG  1 
ATOM   1137 O OD1 . ASP A 1 145 ? -6.295  -12.120 3.388   1.00 15.43 ? 141 ASP A OD1 1 
ATOM   1138 O OD2 . ASP A 1 145 ? -5.205  -13.045 1.744   1.00 16.14 ? 141 ASP A OD2 1 
ATOM   1139 N N   . ALA A 1 146 ? -5.181  -8.778  2.370   1.00 7.40  ? 142 ALA A N   1 
ATOM   1140 C CA  . ALA A 1 146 ? -4.235  -8.151  3.273   1.00 7.53  ? 142 ALA A CA  1 
ATOM   1141 C C   . ALA A 1 146 ? -4.792  -6.971  4.019   1.00 7.63  ? 142 ALA A C   1 
ATOM   1142 O O   . ALA A 1 146 ? -4.587  -6.801  5.167   1.00 6.65  ? 142 ALA A O   1 
ATOM   1143 C CB  . ALA A 1 146 ? -3.002  -7.770  2.574   1.00 7.17  ? 142 ALA A CB  1 
ATOM   1144 N N   . CYS A 1 147 ? -5.491  -6.110  3.300   1.00 7.29  ? 143 CYS A N   1 
ATOM   1145 C CA  . CYS A 1 147 ? -5.948  -4.887  3.912   1.00 8.10  ? 143 CYS A CA  1 
ATOM   1146 C C   . CYS A 1 147 ? -7.038  -5.088  4.940   1.00 8.53  ? 143 CYS A C   1 
ATOM   1147 O O   . CYS A 1 147 ? -7.108  -4.455  5.878   1.00 8.52  ? 143 CYS A O   1 
ATOM   1148 C CB  . CYS A 1 147 ? -6.485  -3.928  2.864   1.00 7.95  ? 143 CYS A CB  1 
ATOM   1149 S SG  . CYS A 1 147 ? -5.196  -3.202  1.809   1.00 9.54  ? 143 CYS A SG  1 
ATOM   1150 N N   . GLU A 1 148 ? -7.867  -6.052  4.668   1.00 9.20  ? 144 GLU A N   1 
ATOM   1151 C CA  . GLU A 1 148 ? -8.882  -6.388  5.611   1.00 9.46  ? 144 GLU A CA  1 
ATOM   1152 C C   . GLU A 1 148 ? -8.309  -6.905  6.939   1.00 9.78  ? 144 GLU A C   1 
ATOM   1153 O O   . GLU A 1 148 ? -8.711  -6.513  7.951   1.00 9.96  ? 144 GLU A O   1 
ATOM   1154 C CB  . GLU A 1 148 ? -9.826  -7.394  4.994   1.00 9.68  ? 144 GLU A CB  1 
ATOM   1155 C CG  . GLU A 1 148 ? -11.159 -7.473  5.713   1.00 13.23 ? 144 GLU A CG  1 
ATOM   1156 C CD  . GLU A 1 148 ? -12.041 -6.325  5.433   1.00 14.74 ? 144 GLU A CD  1 
ATOM   1157 O OE1 . GLU A 1 148 ? -12.272 -5.880  4.319   1.00 18.53 ? 144 GLU A OE1 1 
ATOM   1158 O OE2 . GLU A 1 148 ? -12.520 -5.824  6.330   1.00 18.49 ? 144 GLU A OE2 1 
ATOM   1159 N N   . ASN A 1 149 ? -7.374  -7.809  6.867   1.00 9.07  ? 145 ASN A N   1 
ATOM   1160 C CA  . ASN A 1 149 ? -6.687  -8.258  8.072   1.00 9.85  ? 145 ASN A CA  1 
ATOM   1161 C C   . ASN A 1 149 ? -5.868  -7.104  8.718   1.00 9.51  ? 145 ASN A C   1 
ATOM   1162 O O   . ASN A 1 149 ? -5.774  -6.990  9.883   1.00 9.46  ? 145 ASN A O   1 
ATOM   1163 C CB  . ASN A 1 149 ? -5.793  -9.465  7.779   1.00 10.08 ? 145 ASN A CB  1 
ATOM   1164 C CG  . ASN A 1 149 ? -5.277  -10.144 9.071   1.00 13.96 ? 145 ASN A CG  1 
ATOM   1165 O OD1 . ASN A 1 149 ? -5.992  -10.237 10.049  1.00 13.92 ? 145 ASN A OD1 1 
ATOM   1166 N ND2 . ASN A 1 149 ? -4.053  -10.570 9.063   1.00 14.33 ? 145 ASN A ND2 1 
ATOM   1167 N N   . LEU A 1 150 ? -5.271  -6.277  7.896   1.00 8.37  ? 146 LEU A N   1 
ATOM   1168 C CA  . LEU A 1 150 ? -4.452  -5.184  8.439   1.00 8.72  ? 146 LEU A CA  1 
ATOM   1169 C C   . LEU A 1 150 ? -5.284  -4.233  9.316   1.00 8.95  ? 146 LEU A C   1 
ATOM   1170 O O   . LEU A 1 150 ? -4.839  -3.822  10.395  1.00 9.15  ? 146 LEU A O   1 
ATOM   1171 C CB  . LEU A 1 150 ? -3.760  -4.390  7.310   1.00 8.29  ? 146 LEU A CB  1 
ATOM   1172 C CG  . LEU A 1 150 ? -2.898  -3.167  7.674   1.00 6.44  ? 146 LEU A CG  1 
ATOM   1173 C CD1 . LEU A 1 150 ? -1.811  -3.538  8.699   1.00 8.35  ? 146 LEU A CD1 1 
ATOM   1174 C CD2 . LEU A 1 150 ? -2.275  -2.570  6.391   1.00 6.49  ? 146 LEU A CD2 1 
ATOM   1175 N N   . ILE A 1 151 ? -6.473  -3.870  8.862   1.00 8.54  ? 147 ILE A N   1 
ATOM   1176 C CA  . ILE A 1 151 ? -7.294  -2.944  9.657   1.00 9.57  ? 147 ILE A CA  1 
ATOM   1177 C C   . ILE A 1 151 ? -7.652  -3.599  10.984  1.00 10.26 ? 147 ILE A C   1 
ATOM   1178 O O   . ILE A 1 151 ? -7.636  -2.934  12.019  1.00 9.81  ? 147 ILE A O   1 
ATOM   1179 C CB  . ILE A 1 151 ? -8.537  -2.379  8.904   1.00 9.11  ? 147 ILE A CB  1 
ATOM   1180 C CG1 . ILE A 1 151 ? -9.102  -1.133  9.627   1.00 9.07  ? 147 ILE A CG1 1 
ATOM   1181 C CG2 . ILE A 1 151 ? -9.605  -3.433  8.688   1.00 8.12  ? 147 ILE A CG2 1 
ATOM   1182 C CD1 . ILE A 1 151 ? -8.058  -0.045  9.951   1.00 10.23 ? 147 ILE A CD1 1 
ATOM   1183 N N   . ILE A 1 152 ? -7.921  -4.905  10.939  1.00 11.02 ? 148 ILE A N   1 
ATOM   1184 C CA  . ILE A 1 152 ? -8.223  -5.709  12.143  1.00 12.03 ? 148 ILE A CA  1 
ATOM   1185 C C   . ILE A 1 152 ? -7.077  -5.602  13.132  1.00 12.08 ? 148 ILE A C   1 
ATOM   1186 O O   . ILE A 1 152 ? -7.259  -5.208  14.301  1.00 11.56 ? 148 ILE A O   1 
ATOM   1187 C CB  . ILE A 1 152 ? -8.503  -7.199  11.779  1.00 12.26 ? 148 ILE A CB  1 
ATOM   1188 C CG1 . ILE A 1 152 ? -9.811  -7.324  10.996  1.00 14.07 ? 148 ILE A CG1 1 
ATOM   1189 C CG2 . ILE A 1 152 ? -8.491  -8.108  13.009  1.00 13.65 ? 148 ILE A CG2 1 
ATOM   1190 C CD1 . ILE A 1 152 ? -10.823 -6.277  11.346  1.00 16.44 ? 148 ILE A CD1 1 
ATOM   1191 N N   . LYS A 1 153 ? -5.891  -5.923  12.633  1.00 11.59 ? 149 LYS A N   1 
ATOM   1192 C CA  . LYS A 1 153 ? -4.675  -5.847  13.415  1.00 11.49 ? 149 LYS A CA  1 
ATOM   1193 C C   . LYS A 1 153 ? -4.380  -4.432  13.945  1.00 11.77 ? 149 LYS A C   1 
ATOM   1194 O O   . LYS A 1 153 ? -3.994  -4.281  15.104  1.00 12.05 ? 149 LYS A O   1 
ATOM   1195 C CB  . LYS A 1 153 ? -3.497  -6.402  12.611  1.00 11.10 ? 149 LYS A CB  1 
ATOM   1196 C CG  . LYS A 1 153 ? -3.675  -7.850  12.133  1.00 11.74 ? 149 LYS A CG  1 
ATOM   1197 C CD  . LYS A 1 153 ? -3.621  -8.810  13.314  1.00 13.59 ? 149 LYS A CD  1 
ATOM   1198 C CE  . LYS A 1 153 ? -4.141  -10.172 12.965  1.00 14.05 ? 149 LYS A CE  1 
ATOM   1199 N NZ  . LYS A 1 153 ? -4.127  -11.019 14.182  1.00 16.02 ? 149 LYS A NZ  1 
ATOM   1200 N N   . LEU A 1 154 ? -4.587  -3.421  13.134  1.00 11.66 ? 150 LEU A N   1 
ATOM   1201 C CA  . LEU A 1 154 ? -4.223  -2.110  13.520  1.00 12.13 ? 150 LEU A CA  1 
ATOM   1202 C C   . LEU A 1 154 ? -5.055  -1.625  14.729  1.00 12.82 ? 150 LEU A C   1 
ATOM   1203 O O   . LEU A 1 154 ? -4.600  -0.890  15.564  1.00 12.02 ? 150 LEU A O   1 
ATOM   1204 C CB  . LEU A 1 154 ? -4.427  -1.160  12.389  1.00 11.39 ? 150 LEU A CB  1 
ATOM   1205 C CG  . LEU A 1 154 ? -3.346  -1.099  11.331  1.00 10.31 ? 150 LEU A CG  1 
ATOM   1206 C CD1 . LEU A 1 154 ? -3.902  -0.499  10.135  1.00 7.50  ? 150 LEU A CD1 1 
ATOM   1207 C CD2 . LEU A 1 154 ? -2.208  -0.322  11.831  1.00 10.79 ? 150 LEU A CD2 1 
ATOM   1208 N N   . GLU A 1 155 ? -6.290  -2.059  14.734  1.00 13.58 ? 151 GLU A N   1 
ATOM   1209 C CA  . GLU A 1 155 ? -7.220  -1.679  15.799  1.00 14.52 ? 151 GLU A CA  1 
ATOM   1210 C C   . GLU A 1 155 ? -6.951  -2.569  17.017  1.00 14.82 ? 151 GLU A C   1 
ATOM   1211 O O   . GLU A 1 155 ? -7.291  -2.213  18.048  1.00 15.81 ? 151 GLU A O   1 
ATOM   1212 C CB  . GLU A 1 155 ? -8.652  -1.818  15.321  1.00 14.73 ? 151 GLU A CB  1 
ATOM   1213 C CG  . GLU A 1 155 ? -9.075  -0.737  14.328  1.00 15.61 ? 151 GLU A CG  1 
ATOM   1214 C CD  . GLU A 1 155 ? -9.392  0.532   14.997  1.00 16.82 ? 151 GLU A CD  1 
ATOM   1215 O OE1 . GLU A 1 155 ? -10.422 0.574   15.613  1.00 17.65 ? 151 GLU A OE1 1 
ATOM   1216 O OE2 . GLU A 1 155 ? -8.634  1.485   14.907  1.00 18.47 ? 151 GLU A OE2 1 
ATOM   1217 N N   . GLU A 1 156 ? -6.311  -3.693  16.860  1.00 15.23 ? 152 GLU A N   1 
ATOM   1218 C CA  . GLU A 1 156 ? -6.024  -4.565  18.001  1.00 15.60 ? 152 GLU A CA  1 
ATOM   1219 C C   . GLU A 1 156 ? -4.901  -4.034  18.872  1.00 15.93 ? 152 GLU A C   1 
ATOM   1220 O O   . GLU A 1 156 ? -4.880  -4.277  20.037  1.00 16.11 ? 152 GLU A O   1 
ATOM   1221 C CB  . GLU A 1 156 ? -5.748  -6.020  17.625  1.00 15.88 ? 152 GLU A CB  1 
ATOM   1222 C CG  . GLU A 1 156 ? -6.944  -6.929  17.188  1.00 16.91 ? 152 GLU A CG  1 
ATOM   1223 C CD  . GLU A 1 156 ? -6.558  -8.273  16.617  1.00 20.32 ? 152 GLU A CD  1 
ATOM   1224 O OE1 . GLU A 1 156 ? -5.389  -8.561  16.402  1.00 23.18 ? 152 GLU A OE1 1 
ATOM   1225 O OE2 . GLU A 1 156 ? -7.426  -9.106  16.365  1.00 22.49 ? 152 GLU A OE2 1 
ATOM   1226 N N   . GLY A 1 157 ? -3.954  -3.332  18.268  1.00 15.40 ? 153 GLY A N   1 
ATOM   1227 C CA  . GLY A 1 157 ? -2.803  -2.789  18.985  1.00 15.11 ? 153 GLY A CA  1 
ATOM   1228 C C   . GLY A 1 157 ? -1.669  -2.492  18.025  1.00 14.70 ? 153 GLY A C   1 
ATOM   1229 O O   . GLY A 1 157 ? -1.895  -2.243  16.844  1.00 14.06 ? 153 GLY A O   1 
ATOM   1230 N N   . LYS A 1 158 ? -0.446  -2.546  18.547  1.00 14.20 ? 154 LYS A N   1 
ATOM   1231 C CA  . LYS A 1 158 ? 0.753   -2.392  17.740  1.00 14.85 ? 154 LYS A CA  1 
ATOM   1232 C C   . LYS A 1 158 ? 0.838   -3.544  16.748  1.00 14.59 ? 154 LYS A C   1 
ATOM   1233 O O   . LYS A 1 158 ? 0.464   -4.660  17.071  1.00 14.00 ? 154 LYS A O   1 
ATOM   1234 C CB  . LYS A 1 158 ? 1.979   -2.387  18.637  1.00 14.92 ? 154 LYS A CB  1 
ATOM   1235 C CG  . LYS A 1 158 ? 2.993   -1.389  18.201  1.00 18.04 ? 154 LYS A CG  1 
ATOM   1236 C CD  . LYS A 1 158 ? 3.805   -0.903  19.381  1.00 20.06 ? 154 LYS A CD  1 
ATOM   1237 C CE  . LYS A 1 158 ? 4.961   -1.811  19.604  1.00 20.04 ? 154 LYS A CE  1 
ATOM   1238 N NZ  . LYS A 1 158 ? 5.962   -1.769  18.478  1.00 21.16 ? 154 LYS A NZ  1 
ATOM   1239 N N   . LEU A 1 159 ? 1.301   -3.264  15.533  1.00 14.09 ? 155 LEU A N   1 
ATOM   1240 C CA  . LEU A 1 159 ? 1.463   -4.317  14.536  1.00 14.56 ? 155 LEU A CA  1 
ATOM   1241 C C   . LEU A 1 159 ? 2.595   -5.265  14.892  1.00 15.51 ? 155 LEU A C   1 
ATOM   1242 O O   . LEU A 1 159 ? 3.701   -4.820  15.224  1.00 14.24 ? 155 LEU A O   1 
ATOM   1243 C CB  . LEU A 1 159 ? 1.709   -3.713  13.156  1.00 14.27 ? 155 LEU A CB  1 
ATOM   1244 C CG  . LEU A 1 159 ? 0.516   -3.001  12.541  1.00 14.05 ? 155 LEU A CG  1 
ATOM   1245 C CD1 . LEU A 1 159 ? 0.837   -2.645  11.082  1.00 11.76 ? 155 LEU A CD1 1 
ATOM   1246 C CD2 . LEU A 1 159 ? -0.774  -3.860  12.615  1.00 13.50 ? 155 LEU A CD2 1 
ATOM   1247 N N   . ILE A 1 160 ? 2.305   -6.564  14.771  1.00 16.69 ? 156 ILE A N   1 
ATOM   1248 C CA  . ILE A 1 160 ? 3.147   -7.642  15.283  1.00 18.62 ? 156 ILE A CA  1 
ATOM   1249 C C   . ILE A 1 160 ? 3.314   -8.828  14.308  1.00 19.62 ? 156 ILE A C   1 
ATOM   1250 O O   . ILE A 1 160 ? 3.964   -9.812  14.625  1.00 20.38 ? 156 ILE A O   1 
ATOM   1251 C CB  . ILE A 1 160 ? 2.599   -8.073  16.692  1.00 18.76 ? 156 ILE A CB  1 
ATOM   1252 C CG1 . ILE A 1 160 ? 3.486   -7.503  17.794  1.00 18.79 ? 156 ILE A CG1 1 
ATOM   1253 C CG2 . ILE A 1 160 ? 2.379   -9.582  16.847  1.00 19.66 ? 156 ILE A CG2 1 
ATOM   1254 C CD1 . ILE A 1 160 ? 3.194   -6.050  18.115  1.00 21.36 ? 156 ILE A CD1 1 
ATOM   1255 N N   . ASN A 1 161 ? 2.728   -8.738  13.143  1.00 21.12 ? 157 ASN A N   1 
ATOM   1256 C CA  . ASN A 1 161 ? 2.826   -9.822  12.154  1.00 22.02 ? 157 ASN A CA  1 
ATOM   1257 C C   . ASN A 1 161 ? 4.172   -9.892  11.493  1.00 22.74 ? 157 ASN A C   1 
ATOM   1258 O O   . ASN A 1 161 ? 4.232   -10.361 10.369  1.00 23.12 ? 157 ASN A O   1 
ATOM   1259 C CB  . ASN A 1 161 ? 1.788   -9.649  11.079  1.00 22.17 ? 157 ASN A CB  1 
ATOM   1260 C CG  . ASN A 1 161 ? 0.403   -10.144 11.481  1.00 22.70 ? 157 ASN A CG  1 
ATOM   1261 O OD1 . ASN A 1 161 ? -0.246  -10.839 10.714  1.00 22.03 ? 157 ASN A OD1 1 
ATOM   1262 N ND2 . ASN A 1 161 ? -0.057  -9.738  12.607  1.00 22.53 ? 157 ASN A ND2 1 
ATOM   1263 O OXT . ASN A 1 161 ? 5.211   -9.499  11.952  1.00 23.08 ? 157 ASN A OXT 1 
HETATM 1264 S S   . SO4 B 2 .   ? 4.231   0.058   -8.836  1.00 34.21 ? 201 SO4 A S   1 
HETATM 1265 O O1  . SO4 B 2 .   ? 3.489   -1.046  -9.462  1.00 34.24 ? 201 SO4 A O1  1 
HETATM 1266 O O2  . SO4 B 2 .   ? 3.553   0.414   -7.598  1.00 32.77 ? 201 SO4 A O2  1 
HETATM 1267 O O3  . SO4 B 2 .   ? 5.619   -0.367  -8.608  1.00 33.14 ? 201 SO4 A O3  1 
HETATM 1268 O O4  . SO4 B 2 .   ? 4.215   1.246   -9.685  1.00 31.62 ? 201 SO4 A O4  1 
HETATM 1269 O O   . HOH C 3 .   ? 20.870  4.765   11.451  1.00 18.46 ? 158 HOH A O   1 
HETATM 1270 O O   . HOH C 3 .   ? -10.153 4.025   -9.606  1.00 12.64 ? 159 HOH A O   1 
HETATM 1271 O O   . HOH C 3 .   ? 8.177   8.298   14.899  1.00 20.29 ? 160 HOH A O   1 
HETATM 1272 O O   . HOH C 3 .   ? 4.473   -7.574  0.482   1.00 9.74  ? 161 HOH A O   1 
HETATM 1273 O O   . HOH C 3 .   ? -0.184  -2.952  21.375  1.00 12.18 ? 162 HOH A O   1 
HETATM 1274 O O   . HOH C 3 .   ? 12.444  14.462  3.314   1.00 8.43  ? 163 HOH A O   1 
HETATM 1275 O O   . HOH C 3 .   ? -10.780 3.756   -2.575  1.00 8.07  ? 164 HOH A O   1 
HETATM 1276 O O   . HOH C 3 .   ? -4.576  5.679   -4.970  1.00 8.98  ? 165 HOH A O   1 
HETATM 1277 O O   . HOH C 3 .   ? 5.966   -7.890  7.564   1.00 19.81 ? 166 HOH A O   1 
HETATM 1278 O O   . HOH C 3 .   ? 0.371   7.392   -9.011  1.00 20.35 ? 167 HOH A O   1 
HETATM 1279 O O   . HOH C 3 .   ? 18.181  6.149   13.764  1.00 10.73 ? 168 HOH A O   1 
HETATM 1280 O O   . HOH C 3 .   ? -1.777  -6.134  16.021  1.00 15.00 ? 169 HOH A O   1 
HETATM 1281 O O   . HOH C 3 .   ? 8.091   12.826  -2.417  1.00 7.55  ? 170 HOH A O   1 
HETATM 1282 O O   . HOH C 3 .   ? -13.944 -3.665  4.678   1.00 17.75 ? 171 HOH A O   1 
HETATM 1283 O O   . HOH C 3 .   ? 16.155  7.819   4.166   1.00 14.94 ? 172 HOH A O   1 
HETATM 1284 O O   . HOH C 3 .   ? -8.713  4.752   -16.593 1.00 16.26 ? 173 HOH A O   1 
HETATM 1285 O O   . HOH C 3 .   ? 6.675   -9.388  -0.184  1.00 11.36 ? 174 HOH A O   1 
HETATM 1286 O O   . HOH C 3 .   ? -1.652  11.429  -4.432  1.00 8.60  ? 175 HOH A O   1 
HETATM 1287 O O   . HOH C 3 .   ? -9.334  -12.323 -9.798  1.00 8.97  ? 176 HOH A O   1 
HETATM 1288 O O   . HOH C 3 .   ? -15.965 -5.034  -4.953  1.00 13.41 ? 177 HOH A O   1 
HETATM 1289 O O   . HOH C 3 .   ? 4.624   3.175   14.449  1.00 13.63 ? 178 HOH A O   1 
HETATM 1290 O O   . HOH C 3 .   ? -8.160  -6.039  -16.341 1.00 21.56 ? 179 HOH A O   1 
HETATM 1291 O O   . HOH C 3 .   ? 1.243   8.934   -4.218  1.00 15.74 ? 180 HOH A O   1 
HETATM 1292 O O   . HOH C 3 .   ? -10.970 5.902   4.601   1.00 10.08 ? 181 HOH A O   1 
HETATM 1293 O O   . HOH C 3 .   ? -17.813 -3.233  -6.620  1.00 20.82 ? 182 HOH A O   1 
HETATM 1294 O O   . HOH C 3 .   ? -4.952  -7.174  21.392  1.00 10.43 ? 183 HOH A O   1 
HETATM 1295 O O   . HOH C 3 .   ? 0.292   10.886  -15.885 1.00 10.76 ? 184 HOH A O   1 
HETATM 1296 O O   . HOH C 3 .   ? 1.207   12.609  -4.213  1.00 20.28 ? 185 HOH A O   1 
HETATM 1297 O O   . HOH C 3 .   ? 13.941  6.857   -0.462  1.00 15.13 ? 186 HOH A O   1 
HETATM 1298 O O   . HOH C 3 .   ? -5.676  -11.823 -18.418 1.00 27.53 ? 187 HOH A O   1 
HETATM 1299 O O   . HOH C 3 .   ? -1.114  9.379   -2.647  1.00 16.59 ? 188 HOH A O   1 
HETATM 1300 O O   . HOH C 3 .   ? -6.920  -14.226 -6.870  1.00 11.93 ? 189 HOH A O   1 
HETATM 1301 O O   . HOH C 3 .   ? -9.082  -11.706 -1.503  1.00 12.70 ? 190 HOH A O   1 
HETATM 1302 O O   . HOH C 3 .   ? -8.332  -11.096 5.110   1.00 17.27 ? 191 HOH A O   1 
HETATM 1303 O O   . HOH C 3 .   ? -10.356 -11.210 0.922   1.00 17.83 ? 192 HOH A O   1 
HETATM 1304 O O   . HOH C 3 .   ? 6.651   12.527  4.449   1.00 17.67 ? 193 HOH A O   1 
HETATM 1305 O O   . HOH C 3 .   ? 9.819   -3.805  -7.159  1.00 18.40 ? 194 HOH A O   1 
HETATM 1306 O O   . HOH C 3 .   ? -4.618  9.674   -3.044  1.00 26.09 ? 195 HOH A O   1 
HETATM 1307 O O   . HOH C 3 .   ? 14.314  1.673   -6.350  1.00 17.95 ? 196 HOH A O   1 
HETATM 1308 O O   . HOH C 3 .   ? -7.128  -8.366  20.342  1.00 20.67 ? 197 HOH A O   1 
HETATM 1309 O O   . HOH C 3 .   ? 22.091  -0.834  -0.008  1.00 26.11 ? 198 HOH A O   1 
HETATM 1310 O O   . HOH C 3 .   ? -10.878 4.963   -14.854 1.00 24.28 ? 199 HOH A O   1 
HETATM 1311 O O   . HOH C 3 .   ? 15.145  7.194   -7.714  1.00 25.18 ? 200 HOH A O   1 
HETATM 1312 O O   . HOH C 3 .   ? 10.196  3.352   -11.356 1.00 29.75 ? 202 HOH A O   1 
HETATM 1313 O O   . HOH C 3 .   ? -9.672  -5.364  15.636  1.00 16.69 ? 203 HOH A O   1 
HETATM 1314 O O   . HOH C 3 .   ? 0.057   -5.898  19.631  1.00 13.80 ? 204 HOH A O   1 
HETATM 1315 O O   . HOH C 3 .   ? -10.148 7.957   -13.638 1.00 39.36 ? 205 HOH A O   1 
HETATM 1316 O O   . HOH C 3 .   ? -5.593  -10.707 -20.872 1.00 29.46 ? 206 HOH A O   1 
HETATM 1317 O O   . HOH C 3 .   ? -0.474  -7.344  14.064  1.00 20.82 ? 207 HOH A O   1 
HETATM 1318 O O   . HOH C 3 .   ? 8.562   -3.773  -9.273  1.00 24.84 ? 208 HOH A O   1 
HETATM 1319 O O   . HOH C 3 .   ? 22.306  1.380   4.090   1.00 16.67 ? 209 HOH A O   1 
HETATM 1320 O O   . HOH C 3 .   ? -9.068  8.437   -10.513 1.00 30.95 ? 210 HOH A O   1 
HETATM 1321 O O   . HOH C 3 .   ? 14.783  8.094   1.586   1.00 10.74 ? 211 HOH A O   1 
HETATM 1322 O O   . HOH C 3 .   ? 22.945  1.483   0.640   1.00 12.36 ? 212 HOH A O   1 
HETATM 1323 O O   . HOH C 3 .   ? 15.189  10.032  -0.460  1.00 7.90  ? 213 HOH A O   1 
HETATM 1324 O O   . HOH C 3 .   ? -6.268  6.367   -2.916  1.00 25.64 ? 214 HOH A O   1 
HETATM 1325 O O   . HOH C 3 .   ? -8.364  6.769   5.441   1.00 20.26 ? 215 HOH A O   1 
HETATM 1326 O O   . HOH C 3 .   ? -6.846  8.343   3.384   1.00 12.31 ? 216 HOH A O   1 
HETATM 1327 O O   . HOH C 3 .   ? -17.669 1.969   2.326   1.00 22.53 ? 217 HOH A O   1 
HETATM 1328 O O   . HOH C 3 .   ? -18.773 2.974   5.155   1.00 23.95 ? 218 HOH A O   1 
HETATM 1329 O O   . HOH C 3 .   ? -12.932 -2.748  12.538  1.00 32.33 ? 219 HOH A O   1 
HETATM 1330 O O   . HOH C 3 .   ? -14.274 7.478   11.167  1.00 21.29 ? 220 HOH A O   1 
HETATM 1331 O O   . HOH C 3 .   ? -13.637 6.472   13.434  1.00 24.60 ? 221 HOH A O   1 
HETATM 1332 O O   . HOH C 3 .   ? -8.209  11.210  7.961   1.00 28.23 ? 222 HOH A O   1 
HETATM 1333 O O   . HOH C 3 .   ? 7.831   8.108   -7.606  1.00 33.58 ? 223 HOH A O   1 
HETATM 1334 O O   . HOH C 3 .   ? 5.033   13.669  -7.217  1.00 18.69 ? 224 HOH A O   1 
HETATM 1335 O O   . HOH C 3 .   ? 9.742   14.518  -3.885  1.00 23.49 ? 225 HOH A O   1 
HETATM 1336 O O   . HOH C 3 .   ? 12.381  6.978   -3.207  1.00 20.63 ? 226 HOH A O   1 
HETATM 1337 O O   . HOH C 3 .   ? -4.149  8.298   -10.200 1.00 18.66 ? 227 HOH A O   1 
HETATM 1338 O O   . HOH C 3 .   ? -5.685  9.989   -11.042 1.00 26.36 ? 228 HOH A O   1 
HETATM 1339 O O   . HOH C 3 .   ? -11.476 -3.174  -21.232 1.00 25.52 ? 229 HOH A O   1 
HETATM 1340 O O   . HOH C 3 .   ? -14.427 1.090   -14.477 1.00 19.04 ? 230 HOH A O   1 
HETATM 1341 O O   . HOH C 3 .   ? -14.275 -5.428  -12.995 1.00 24.20 ? 231 HOH A O   1 
HETATM 1342 O O   . HOH C 3 .   ? -16.407 2.783   -7.907  1.00 25.98 ? 232 HOH A O   1 
HETATM 1343 O O   . HOH C 3 .   ? 6.203   13.664  12.119  1.00 36.04 ? 233 HOH A O   1 
HETATM 1344 O O   . HOH C 3 .   ? 3.335   12.646  11.235  1.00 34.87 ? 234 HOH A O   1 
HETATM 1345 O O   . HOH C 3 .   ? 0.035   9.017   14.383  1.00 24.50 ? 235 HOH A O   1 
HETATM 1346 O O   . HOH C 3 .   ? 7.607   -12.909 1.568   1.00 20.15 ? 236 HOH A O   1 
HETATM 1347 O O   . HOH C 3 .   ? 19.997  -0.549  7.243   1.00 23.22 ? 237 HOH A O   1 
HETATM 1348 O O   . HOH C 3 .   ? 12.730  7.748   17.551  1.00 22.15 ? 238 HOH A O   1 
HETATM 1349 O O   . HOH C 3 .   ? 8.980   6.123   15.804  1.00 28.65 ? 239 HOH A O   1 
HETATM 1350 O O   . HOH C 3 .   ? 5.908   0.371   15.234  1.00 38.58 ? 240 HOH A O   1 
HETATM 1351 O O   . HOH C 3 .   ? -7.531  10.429  -0.736  1.00 33.11 ? 241 HOH A O   1 
HETATM 1352 O O   . HOH C 3 .   ? 8.847   11.005  15.258  1.00 24.63 ? 242 HOH A O   1 
HETATM 1353 O O   . HOH C 3 .   ? 8.406   -4.710  11.450  1.00 22.61 ? 243 HOH A O   1 
HETATM 1354 O O   . HOH C 3 .   ? 11.351  -4.056  10.075  1.00 33.86 ? 244 HOH A O   1 
HETATM 1355 O O   . HOH C 3 .   ? 8.272   -7.408  8.519   1.00 28.64 ? 245 HOH A O   1 
HETATM 1356 O O   . HOH C 3 .   ? 1.436   -14.185 3.719   1.00 27.63 ? 246 HOH A O   1 
HETATM 1357 O O   . HOH C 3 .   ? 1.298   -13.773 7.569   1.00 35.64 ? 247 HOH A O   1 
HETATM 1358 O O   . HOH C 3 .   ? -2.684  -8.215  16.887  1.00 21.24 ? 248 HOH A O   1 
HETATM 1359 O O   . HOH C 3 .   ? -0.678  -18.057 -4.629  1.00 37.27 ? 249 HOH A O   1 
HETATM 1360 O O   . HOH C 3 .   ? -1.160  -9.940  -11.062 1.00 29.00 ? 250 HOH A O   1 
HETATM 1361 O O   . HOH C 3 .   ? -11.205 -8.610  -17.915 1.00 37.51 ? 251 HOH A O   1 
HETATM 1362 O O   . HOH C 3 .   ? -12.695 -7.691  7.718   1.00 36.90 ? 252 HOH A O   1 
HETATM 1363 O O   . HOH C 3 .   ? -11.568 2.126   17.247  1.00 28.41 ? 253 HOH A O   1 
HETATM 1364 O O   . HOH C 3 .   ? -12.149 -1.203  15.853  1.00 34.05 ? 254 HOH A O   1 
HETATM 1365 O O   . HOH C 3 .   ? -7.871  -11.383 18.134  1.00 34.44 ? 255 HOH A O   1 
HETATM 1366 O O   . HOH C 3 .   ? -4.276  -10.503 19.202  1.00 16.02 ? 256 HOH A O   1 
HETATM 1367 O O   . HOH C 3 .   ? -3.989  -13.201 16.547  1.00 20.12 ? 257 HOH A O   1 
HETATM 1368 O O   . HOH C 3 .   ? -2.753  -6.012  20.041  1.00 26.09 ? 258 HOH A O   1 
HETATM 1369 O O   . HOH C 3 .   ? -1.496  -0.035  15.578  1.00 19.69 ? 259 HOH A O   1 
HETATM 1370 O O   . HOH C 3 .   ? -2.813  -12.472 10.719  1.00 26.82 ? 260 HOH A O   1 
HETATM 1371 O O   . HOH C 3 .   ? -0.657  -11.349 14.819  1.00 14.79 ? 261 HOH A O   1 
HETATM 1372 O O   . HOH C 3 .   ? 12.029  -1.212  -4.659  1.00 25.36 ? 262 HOH A O   1 
HETATM 1373 O O   . HOH C 3 .   ? 14.881  -1.684  -5.347  1.00 30.66 ? 263 HOH A O   1 
HETATM 1374 O O   . HOH C 3 .   ? -4.096  1.960   14.996  1.00 32.10 ? 264 HOH A O   1 
HETATM 1375 O O   . HOH C 3 .   ? -9.135  6.293   -2.770  1.00 29.33 ? 265 HOH A O   1 
HETATM 1376 O O   . HOH C 3 .   ? 16.064  3.555   -6.348  1.00 21.79 ? 266 HOH A O   1 
HETATM 1377 O O   . HOH C 3 .   ? 0.273   6.194   -15.449 1.00 20.50 ? 267 HOH A O   1 
HETATM 1378 O O   . HOH C 3 .   ? 1.024   8.681   -17.048 1.00 27.01 ? 268 HOH A O   1 
HETATM 1379 O O   . HOH C 3 .   ? -1.991  10.891  -17.404 1.00 24.47 ? 269 HOH A O   1 
HETATM 1380 O O   . HOH C 3 .   ? -2.843  7.558   -17.553 1.00 27.08 ? 270 HOH A O   1 
HETATM 1381 O O   . HOH C 3 .   ? -6.426  11.093  -17.559 1.00 21.09 ? 271 HOH A O   1 
HETATM 1382 O O   . HOH C 3 .   ? 1.812   0.380   -15.434 1.00 35.04 ? 272 HOH A O   1 
HETATM 1383 O O   . HOH C 3 .   ? -15.868 -2.418  -2.620  1.00 34.04 ? 273 HOH A O   1 
HETATM 1384 O O   . HOH C 3 .   ? -15.736 -3.412  -0.373  1.00 28.85 ? 274 HOH A O   1 
HETATM 1385 O O   . HOH C 3 .   ? 14.334  12.024  12.289  1.00 30.21 ? 275 HOH A O   1 
HETATM 1386 O O   . HOH C 3 .   ? 9.153   15.249  9.334   1.00 24.92 ? 276 HOH A O   1 
HETATM 1387 O O   . HOH C 3 .   ? 4.647   9.803   13.133  1.00 41.75 ? 277 HOH A O   1 
HETATM 1388 O O   . HOH C 3 .   ? 5.386   6.750   14.470  1.00 29.46 ? 278 HOH A O   1 
HETATM 1389 O O   . HOH C 3 .   ? 4.653   -2.396  15.520  1.00 19.93 ? 279 HOH A O   1 
HETATM 1390 O O   . HOH C 3 .   ? 8.214   -7.417  -8.081  1.00 29.43 ? 280 HOH A O   1 
HETATM 1391 O O   . HOH C 3 .   ? 13.123  1.438   17.397  1.00 26.40 ? 281 HOH A O   1 
HETATM 1392 O O   . HOH C 3 .   ? 2.425   -13.232 -5.917  1.00 26.69 ? 282 HOH A O   1 
HETATM 1393 O O   . HOH C 3 .   ? 0.167   -14.032 -8.513  1.00 28.05 ? 283 HOH A O   1 
HETATM 1394 O O   . HOH C 3 .   ? -11.358 -6.321  1.712   1.00 19.10 ? 284 HOH A O   1 
HETATM 1395 O O   . HOH C 3 .   ? -10.278 -3.796  18.319  1.00 20.66 ? 285 HOH A O   1 
HETATM 1396 O O   . HOH C 3 .   ? -2.531  -10.767 16.265  1.00 25.34 ? 286 HOH A O   1 
HETATM 1397 O O   . HOH C 3 .   ? -7.088  -10.788 14.644  1.00 32.34 ? 287 HOH A O   1 
HETATM 1398 O O   . HOH C 3 .   ? 3.798   -3.044  -11.442 1.00 29.44 ? 288 HOH A O   1 
HETATM 1399 O O   . HOH C 3 .   ? 6.663   -2.266  -10.483 1.00 33.86 ? 289 HOH A O   1 
HETATM 1400 O O   . HOH C 3 .   ? -12.398 5.445   -1.789  1.00 27.13 ? 290 HOH A O   1 
HETATM 1401 O O   . HOH C 3 .   ? -14.618 4.529   -6.201  1.00 30.38 ? 291 HOH A O   1 
HETATM 1402 O O   . HOH C 3 .   ? 3.911   -0.832  -13.877 1.00 41.12 ? 292 HOH A O   1 
HETATM 1403 O O   . HOH C 3 .   ? -17.071 1.263   -13.269 1.00 29.26 ? 293 HOH A O   1 
HETATM 1404 O O   . HOH C 3 .   ? 13.740  10.235  8.483   1.00 25.60 ? 294 HOH A O   1 
HETATM 1405 O O   . HOH C 3 .   ? 13.896  12.517  9.689   1.00 22.48 ? 295 HOH A O   1 
HETATM 1406 O O   . HOH C 3 .   ? 1.654   -13.834 -10.628 1.00 34.20 ? 296 HOH A O   1 
HETATM 1407 O O   . HOH C 3 .   ? -7.311  -14.129 -10.186 1.00 34.84 ? 297 HOH A O   1 
HETATM 1408 O O   . HOH C 3 .   ? 6.197   13.282  -14.822 1.00 29.86 ? 298 HOH A O   1 
HETATM 1409 O O   . HOH C 3 .   ? 20.347  0.180   -1.332  1.00 25.82 ? 299 HOH A O   1 
HETATM 1410 O O   . HOH C 3 .   ? 8.645   -13.070 4.865   1.00 33.75 ? 300 HOH A O   1 
HETATM 1411 O O   . HOH C 3 .   ? -10.036 -5.565  19.682  1.00 26.91 ? 301 HOH A O   1 
HETATM 1412 O O   . HOH C 3 .   ? 0.550   1.170   16.476  1.00 29.59 ? 302 HOH A O   1 
# 
loop_
_pdbx_poly_seq_scheme.asym_id 
_pdbx_poly_seq_scheme.entity_id 
_pdbx_poly_seq_scheme.seq_id 
_pdbx_poly_seq_scheme.mon_id 
_pdbx_poly_seq_scheme.ndb_seq_num 
_pdbx_poly_seq_scheme.pdb_seq_num 
_pdbx_poly_seq_scheme.auth_seq_num 
_pdbx_poly_seq_scheme.pdb_mon_id 
_pdbx_poly_seq_scheme.auth_mon_id 
_pdbx_poly_seq_scheme.pdb_strand_id 
_pdbx_poly_seq_scheme.pdb_ins_code 
_pdbx_poly_seq_scheme.hetero 
A 1 1   GLY 1   -3  ?   ?   ?   A . n 
A 1 2   PRO 2   -2  ?   ?   ?   A . n 
A 1 3   GLY 3   -1  ?   ?   ?   A . n 
A 1 4   SER 4   0   0   SER SER A . n 
A 1 5   MET 5   1   1   MET MET A . n 
A 1 6   LYS 6   2   2   LYS LYS A . n 
A 1 7   LEU 7   3   3   LEU LEU A . n 
A 1 8   LEU 8   4   4   LEU LEU A . n 
A 1 9   PHE 9   5   5   PHE PHE A . n 
A 1 10  VAL 10  6   6   VAL VAL A . n 
A 1 11  CYS 11  7   7   CYS CYS A . n 
A 1 12  LEU 12  8   8   LEU LEU A . n 
A 1 13  GLY 13  9   9   GLY GLY A . n 
A 1 14  ASN 14  10  10  ASN ASN A . n 
A 1 15  ILE 15  11  11  ILE ILE A . n 
A 1 16  CYS 16  12  12  CYS CYS A . n 
A 1 17  ARG 17  13  13  ARG ARG A . n 
A 1 18  SER 18  14  14  SER SER A . n 
A 1 19  PRO 19  15  15  PRO PRO A . n 
A 1 20  ALA 20  16  16  ALA ALA A . n 
A 1 21  ALA 21  17  17  ALA ALA A . n 
A 1 22  GLU 22  18  18  GLU GLU A . n 
A 1 23  ALA 23  19  19  ALA ALA A . n 
A 1 24  VAL 24  20  20  VAL VAL A . n 
A 1 25  MET 25  21  21  MET MET A . n 
A 1 26  LYS 26  22  22  LYS LYS A . n 
A 1 27  LYS 27  23  23  LYS LYS A . n 
A 1 28  VAL 28  24  24  VAL VAL A . n 
A 1 29  ILE 29  25  25  ILE ILE A . n 
A 1 30  GLN 30  26  26  GLN GLN A . n 
A 1 31  ASN 31  27  27  ASN ASN A . n 
A 1 32  HIS 32  28  28  HIS HIS A . n 
A 1 33  HIS 33  29  29  HIS HIS A . n 
A 1 34  LEU 34  30  30  LEU LEU A . n 
A 1 35  THR 35  31  31  THR THR A . n 
A 1 36  GLU 36  32  32  GLU GLU A . n 
A 1 37  LYS 37  33  33  LYS LYS A . n 
A 1 38  TYR 38  34  34  TYR TYR A . n 
A 1 39  ILE 39  35  35  ILE ILE A . n 
A 1 40  CYS 40  36  36  CYS CYS A . n 
A 1 41  ASP 41  37  37  ASP ASP A . n 
A 1 42  SER 42  38  38  SER SER A . n 
A 1 43  ALA 43  39  39  ALA ALA A . n 
A 1 44  GLY 44  40  40  GLY GLY A . n 
A 1 45  THR 45  41  41  THR THR A . n 
A 1 46  CYS 46  42  42  CYS CYS A . n 
A 1 47  SER 47  43  43  SER SER A . n 
A 1 48  TYR 48  44  44  TYR TYR A . n 
A 1 49  HIS 49  45  45  HIS HIS A . n 
A 1 50  GLU 50  46  46  GLU GLU A . n 
A 1 51  GLY 51  47  47  GLY GLY A . n 
A 1 52  GLN 52  48  48  GLN GLN A . n 
A 1 53  GLN 53  49  49  GLN GLN A . n 
A 1 54  ALA 54  50  50  ALA ALA A . n 
A 1 55  ASP 55  51  51  ASP ASP A . n 
A 1 56  SER 56  52  52  SER SER A . n 
A 1 57  ARG 57  53  53  ARG ARG A . n 
A 1 58  MET 58  54  54  MET MET A . n 
A 1 59  ARG 59  55  55  ARG ARG A . n 
A 1 60  LYS 60  56  56  LYS LYS A . n 
A 1 61  VAL 61  57  57  VAL VAL A . n 
A 1 62  GLY 62  58  58  GLY GLY A . n 
A 1 63  LYS 63  59  59  LYS LYS A . n 
A 1 64  SER 64  60  60  SER SER A . n 
A 1 65  ARG 65  61  61  ARG ARG A . n 
A 1 66  GLY 66  62  62  GLY GLY A . n 
A 1 67  TYR 67  63  63  TYR TYR A . n 
A 1 68  GLN 68  64  64  GLN GLN A . n 
A 1 69  VAL 69  65  65  VAL VAL A . n 
A 1 70  ASP 70  66  66  ASP ASP A . n 
A 1 71  SER 71  67  67  SER SER A . n 
A 1 72  ILE 72  68  68  ILE ILE A . n 
A 1 73  SER 73  69  69  SER SER A . n 
A 1 74  ARG 74  70  70  ARG ARG A . n 
A 1 75  PRO 75  71  71  PRO PRO A . n 
A 1 76  VAL 76  72  72  VAL VAL A . n 
A 1 77  VAL 77  73  73  VAL VAL A . n 
A 1 78  SER 78  74  74  SER SER A . n 
A 1 79  SER 79  75  75  SER SER A . n 
A 1 80  ASP 80  76  76  ASP ASP A . n 
A 1 81  PHE 81  77  77  PHE PHE A . n 
A 1 82  LYS 82  78  78  LYS LYS A . n 
A 1 83  ASN 83  79  79  ASN ASN A . n 
A 1 84  PHE 84  80  80  PHE PHE A . n 
A 1 85  ASP 85  81  81  ASP ASP A . n 
A 1 86  TYR 86  82  82  TYR TYR A . n 
A 1 87  ILE 87  83  83  ILE ILE A . n 
A 1 88  PHE 88  84  84  PHE PHE A . n 
A 1 89  ALA 89  85  85  ALA ALA A . n 
A 1 90  MET 90  86  86  MET MET A . n 
A 1 91  ASP 91  87  87  ASP ASP A . n 
A 1 92  ASN 92  88  88  ASN ASN A . n 
A 1 93  ASP 93  89  89  ASP ASP A . n 
A 1 94  ASN 94  90  90  ASN ASN A . n 
A 1 95  TYR 95  91  91  TYR TYR A . n 
A 1 96  TYR 96  92  92  TYR TYR A . n 
A 1 97  GLU 97  93  93  GLU GLU A . n 
A 1 98  LEU 98  94  94  LEU LEU A . n 
A 1 99  LEU 99  95  95  LEU LEU A . n 
A 1 100 ASP 100 96  96  ASP ASP A . n 
A 1 101 ARG 101 97  97  ARG ARG A . n 
A 1 102 CYS 102 98  98  CYS CYS A . n 
A 1 103 PRO 103 99  99  PRO PRO A . n 
A 1 104 GLU 104 100 100 GLU GLU A . n 
A 1 105 GLN 105 101 101 GLN GLN A . n 
A 1 106 TYR 106 102 102 TYR TYR A . n 
A 1 107 LYS 107 103 103 LYS LYS A . n 
A 1 108 GLN 108 104 104 GLN GLN A . n 
A 1 109 LYS 109 105 105 LYS LYS A . n 
A 1 110 ILE 110 106 106 ILE ILE A . n 
A 1 111 PHE 111 107 107 PHE PHE A . n 
A 1 112 LYS 112 108 108 LYS LYS A . n 
A 1 113 MET 113 109 109 MET MET A . n 
A 1 114 VAL 114 110 110 VAL VAL A . n 
A 1 115 ASP 115 111 111 ASP ASP A . n 
A 1 116 PHE 116 112 112 PHE PHE A . n 
A 1 117 CYS 117 113 113 CYS CYS A . n 
A 1 118 THR 118 114 114 THR THR A . n 
A 1 119 THR 119 115 115 THR THR A . n 
A 1 120 ILE 120 116 116 ILE ILE A . n 
A 1 121 LYS 121 117 117 LYS LYS A . n 
A 1 122 THR 122 118 118 THR THR A . n 
A 1 123 THR 123 119 119 THR THR A . n 
A 1 124 GLU 124 120 120 GLU GLU A . n 
A 1 125 VAL 125 121 121 VAL VAL A . n 
A 1 126 PRO 126 122 122 PRO PRO A . n 
A 1 127 ASP 127 123 123 ASP ASP A . n 
A 1 128 PRO 128 124 124 PRO PRO A . n 
A 1 129 TYR 129 125 125 TYR TYR A . n 
A 1 130 TYR 130 126 ?   ?   ?   A . n 
A 1 131 GLY 131 127 ?   ?   ?   A . n 
A 1 132 GLY 132 128 128 GLY GLY A . n 
A 1 133 GLU 133 129 129 GLU GLU A . n 
A 1 134 LYS 134 130 130 LYS LYS A . n 
A 1 135 GLY 135 131 131 GLY GLY A . n 
A 1 136 PHE 136 132 132 PHE PHE A . n 
A 1 137 HIS 137 133 133 HIS HIS A . n 
A 1 138 ARG 138 134 134 ARG ARG A . n 
A 1 139 VAL 139 135 135 VAL VAL A . n 
A 1 140 ILE 140 136 136 ILE ILE A . n 
A 1 141 ASP 141 137 137 ASP ASP A . n 
A 1 142 ILE 142 138 138 ILE ILE A . n 
A 1 143 LEU 143 139 139 LEU LEU A . n 
A 1 144 GLU 144 140 140 GLU GLU A . n 
A 1 145 ASP 145 141 141 ASP ASP A . n 
A 1 146 ALA 146 142 142 ALA ALA A . n 
A 1 147 CYS 147 143 143 CYS CYS A . n 
A 1 148 GLU 148 144 144 GLU GLU A . n 
A 1 149 ASN 149 145 145 ASN ASN A . n 
A 1 150 LEU 150 146 146 LEU LEU A . n 
A 1 151 ILE 151 147 147 ILE ILE A . n 
A 1 152 ILE 152 148 148 ILE ILE A . n 
A 1 153 LYS 153 149 149 LYS LYS A . n 
A 1 154 LEU 154 150 150 LEU LEU A . n 
A 1 155 GLU 155 151 151 GLU GLU A . n 
A 1 156 GLU 156 152 152 GLU GLU A . n 
A 1 157 GLY 157 153 153 GLY GLY A . n 
A 1 158 LYS 158 154 154 LYS LYS A . n 
A 1 159 LEU 159 155 155 LEU LEU A . n 
A 1 160 ILE 160 156 156 ILE ILE A . n 
A 1 161 ASN 161 157 157 ASN ASN A . n 
# 
_pdbx_SG_project.id                    1 
_pdbx_SG_project.project_name          ? 
_pdbx_SG_project.full_name_of_center   'Seattle Structural Genomics Center for Infectious Disease' 
_pdbx_SG_project.initial_of_center     SSGCID 
# 
loop_
_pdbx_nonpoly_scheme.asym_id 
_pdbx_nonpoly_scheme.entity_id 
_pdbx_nonpoly_scheme.mon_id 
_pdbx_nonpoly_scheme.ndb_seq_num 
_pdbx_nonpoly_scheme.pdb_seq_num 
_pdbx_nonpoly_scheme.auth_seq_num 
_pdbx_nonpoly_scheme.pdb_mon_id 
_pdbx_nonpoly_scheme.auth_mon_id 
_pdbx_nonpoly_scheme.pdb_strand_id 
_pdbx_nonpoly_scheme.pdb_ins_code 
B 2 SO4 1   201 201 SO4 SO4 A . 
C 3 HOH 1   158 1   HOH HOH A . 
C 3 HOH 2   159 2   HOH HOH A . 
C 3 HOH 3   160 3   HOH HOH A . 
C 3 HOH 4   161 4   HOH HOH A . 
C 3 HOH 5   162 5   HOH HOH A . 
C 3 HOH 6   163 6   HOH HOH A . 
C 3 HOH 7   164 7   HOH HOH A . 
C 3 HOH 8   165 8   HOH HOH A . 
C 3 HOH 9   166 9   HOH HOH A . 
C 3 HOH 10  167 10  HOH HOH A . 
C 3 HOH 11  168 11  HOH HOH A . 
C 3 HOH 12  169 12  HOH HOH A . 
C 3 HOH 13  170 13  HOH HOH A . 
C 3 HOH 14  171 14  HOH HOH A . 
C 3 HOH 15  172 15  HOH HOH A . 
C 3 HOH 16  173 16  HOH HOH A . 
C 3 HOH 17  174 17  HOH HOH A . 
C 3 HOH 18  175 18  HOH HOH A . 
C 3 HOH 19  176 19  HOH HOH A . 
C 3 HOH 20  177 20  HOH HOH A . 
C 3 HOH 21  178 21  HOH HOH A . 
C 3 HOH 22  179 22  HOH HOH A . 
C 3 HOH 23  180 23  HOH HOH A . 
C 3 HOH 24  181 24  HOH HOH A . 
C 3 HOH 25  182 25  HOH HOH A . 
C 3 HOH 26  183 26  HOH HOH A . 
C 3 HOH 27  184 27  HOH HOH A . 
C 3 HOH 28  185 28  HOH HOH A . 
C 3 HOH 29  186 29  HOH HOH A . 
C 3 HOH 30  187 30  HOH HOH A . 
C 3 HOH 31  188 31  HOH HOH A . 
C 3 HOH 32  189 32  HOH HOH A . 
C 3 HOH 33  190 33  HOH HOH A . 
C 3 HOH 34  191 34  HOH HOH A . 
C 3 HOH 35  192 35  HOH HOH A . 
C 3 HOH 36  193 36  HOH HOH A . 
C 3 HOH 37  194 37  HOH HOH A . 
C 3 HOH 38  195 38  HOH HOH A . 
C 3 HOH 39  196 39  HOH HOH A . 
C 3 HOH 40  197 40  HOH HOH A . 
C 3 HOH 41  198 41  HOH HOH A . 
C 3 HOH 42  199 42  HOH HOH A . 
C 3 HOH 43  200 43  HOH HOH A . 
C 3 HOH 44  202 44  HOH HOH A . 
C 3 HOH 45  203 45  HOH HOH A . 
C 3 HOH 46  204 46  HOH HOH A . 
C 3 HOH 47  205 47  HOH HOH A . 
C 3 HOH 48  206 48  HOH HOH A . 
C 3 HOH 49  207 49  HOH HOH A . 
C 3 HOH 50  208 50  HOH HOH A . 
C 3 HOH 51  209 51  HOH HOH A . 
C 3 HOH 52  210 52  HOH HOH A . 
C 3 HOH 53  211 53  HOH HOH A . 
C 3 HOH 54  212 54  HOH HOH A . 
C 3 HOH 55  213 55  HOH HOH A . 
C 3 HOH 56  214 56  HOH HOH A . 
C 3 HOH 57  215 57  HOH HOH A . 
C 3 HOH 58  216 58  HOH HOH A . 
C 3 HOH 59  217 59  HOH HOH A . 
C 3 HOH 60  218 60  HOH HOH A . 
C 3 HOH 61  219 61  HOH HOH A . 
C 3 HOH 62  220 63  HOH HOH A . 
C 3 HOH 63  221 64  HOH HOH A . 
C 3 HOH 64  222 65  HOH HOH A . 
C 3 HOH 65  223 66  HOH HOH A . 
C 3 HOH 66  224 67  HOH HOH A . 
C 3 HOH 67  225 68  HOH HOH A . 
C 3 HOH 68  226 69  HOH HOH A . 
C 3 HOH 69  227 70  HOH HOH A . 
C 3 HOH 70  228 71  HOH HOH A . 
C 3 HOH 71  229 72  HOH HOH A . 
C 3 HOH 72  230 73  HOH HOH A . 
C 3 HOH 73  231 74  HOH HOH A . 
C 3 HOH 74  232 75  HOH HOH A . 
C 3 HOH 75  233 76  HOH HOH A . 
C 3 HOH 76  234 77  HOH HOH A . 
C 3 HOH 77  235 78  HOH HOH A . 
C 3 HOH 78  236 79  HOH HOH A . 
C 3 HOH 79  237 80  HOH HOH A . 
C 3 HOH 80  238 81  HOH HOH A . 
C 3 HOH 81  239 82  HOH HOH A . 
C 3 HOH 82  240 83  HOH HOH A . 
C 3 HOH 83  241 84  HOH HOH A . 
C 3 HOH 84  242 85  HOH HOH A . 
C 3 HOH 85  243 86  HOH HOH A . 
C 3 HOH 86  244 87  HOH HOH A . 
C 3 HOH 87  245 88  HOH HOH A . 
C 3 HOH 88  246 89  HOH HOH A . 
C 3 HOH 89  247 90  HOH HOH A . 
C 3 HOH 90  248 91  HOH HOH A . 
C 3 HOH 91  249 92  HOH HOH A . 
C 3 HOH 92  250 93  HOH HOH A . 
C 3 HOH 93  251 94  HOH HOH A . 
C 3 HOH 94  252 95  HOH HOH A . 
C 3 HOH 95  253 96  HOH HOH A . 
C 3 HOH 96  254 97  HOH HOH A . 
C 3 HOH 97  255 98  HOH HOH A . 
C 3 HOH 98  256 99  HOH HOH A . 
C 3 HOH 99  257 100 HOH HOH A . 
C 3 HOH 100 258 101 HOH HOH A . 
C 3 HOH 101 259 102 HOH HOH A . 
C 3 HOH 102 260 103 HOH HOH A . 
C 3 HOH 103 261 104 HOH HOH A . 
C 3 HOH 104 262 105 HOH HOH A . 
C 3 HOH 105 263 106 HOH HOH A . 
C 3 HOH 106 264 107 HOH HOH A . 
C 3 HOH 107 265 108 HOH HOH A . 
C 3 HOH 108 266 109 HOH HOH A . 
C 3 HOH 109 267 110 HOH HOH A . 
C 3 HOH 110 268 111 HOH HOH A . 
C 3 HOH 111 269 112 HOH HOH A . 
C 3 HOH 112 270 113 HOH HOH A . 
C 3 HOH 113 271 114 HOH HOH A . 
C 3 HOH 114 272 115 HOH HOH A . 
C 3 HOH 115 273 116 HOH HOH A . 
C 3 HOH 116 274 117 HOH HOH A . 
C 3 HOH 117 275 118 HOH HOH A . 
C 3 HOH 118 276 119 HOH HOH A . 
C 3 HOH 119 277 120 HOH HOH A . 
C 3 HOH 120 278 121 HOH HOH A . 
C 3 HOH 121 279 122 HOH HOH A . 
C 3 HOH 122 280 123 HOH HOH A . 
C 3 HOH 123 281 124 HOH HOH A . 
C 3 HOH 124 282 125 HOH HOH A . 
C 3 HOH 125 283 126 HOH HOH A . 
C 3 HOH 126 284 127 HOH HOH A . 
C 3 HOH 127 285 128 HOH HOH A . 
C 3 HOH 128 286 129 HOH HOH A . 
C 3 HOH 129 287 130 HOH HOH A . 
C 3 HOH 130 288 131 HOH HOH A . 
C 3 HOH 131 289 132 HOH HOH A . 
C 3 HOH 132 290 133 HOH HOH A . 
C 3 HOH 133 291 134 HOH HOH A . 
C 3 HOH 134 292 136 HOH HOH A . 
C 3 HOH 135 293 137 HOH HOH A . 
C 3 HOH 136 294 138 HOH HOH A . 
C 3 HOH 137 295 139 HOH HOH A . 
C 3 HOH 138 296 140 HOH HOH A . 
C 3 HOH 139 297 141 HOH HOH A . 
C 3 HOH 140 298 142 HOH HOH A . 
C 3 HOH 141 299 143 HOH HOH A . 
C 3 HOH 142 300 144 HOH HOH A . 
C 3 HOH 143 301 145 HOH HOH A . 
C 3 HOH 144 302 146 HOH HOH A . 
# 
_pdbx_struct_assembly.id                   1 
_pdbx_struct_assembly.details              author_and_software_defined_assembly 
_pdbx_struct_assembly.method_details       PISA 
_pdbx_struct_assembly.oligomeric_details   monomeric 
_pdbx_struct_assembly.oligomeric_count     1 
# 
_pdbx_struct_assembly_gen.assembly_id       1 
_pdbx_struct_assembly_gen.oper_expression   1 
_pdbx_struct_assembly_gen.asym_id_list      A,B,C 
# 
_pdbx_struct_oper_list.id                   1 
_pdbx_struct_oper_list.type                 'identity operation' 
_pdbx_struct_oper_list.name                 1_555 
_pdbx_struct_oper_list.symmetry_operation   x,y,z 
_pdbx_struct_oper_list.matrix[1][1]         1.0000000000 
_pdbx_struct_oper_list.matrix[1][2]         0.0000000000 
_pdbx_struct_oper_list.matrix[1][3]         0.0000000000 
_pdbx_struct_oper_list.vector[1]            0.0000000000 
_pdbx_struct_oper_list.matrix[2][1]         0.0000000000 
_pdbx_struct_oper_list.matrix[2][2]         1.0000000000 
_pdbx_struct_oper_list.matrix[2][3]         0.0000000000 
_pdbx_struct_oper_list.vector[2]            0.0000000000 
_pdbx_struct_oper_list.matrix[3][1]         0.0000000000 
_pdbx_struct_oper_list.matrix[3][2]         0.0000000000 
_pdbx_struct_oper_list.matrix[3][3]         1.0000000000 
_pdbx_struct_oper_list.vector[3]            0.0000000000 
# 
loop_
_pdbx_audit_revision_history.ordinal 
_pdbx_audit_revision_history.data_content_type 
_pdbx_audit_revision_history.major_revision 
_pdbx_audit_revision_history.minor_revision 
_pdbx_audit_revision_history.revision_date 
1 'Structure model' 1 0 2009-09-22 
2 'Structure model' 1 1 2011-07-13 
3 'Structure model' 1 2 2014-03-12 
4 'Structure model' 1 3 2014-04-09 
5 'Structure model' 1 4 2017-11-01 
6 'Structure model' 1 5 2023-09-06 
# 
_pdbx_audit_revision_details.ordinal             1 
_pdbx_audit_revision_details.revision_ordinal    1 
_pdbx_audit_revision_details.data_content_type   'Structure model' 
_pdbx_audit_revision_details.provider            repository 
_pdbx_audit_revision_details.type                'Initial release' 
_pdbx_audit_revision_details.description         ? 
_pdbx_audit_revision_details.details             ? 
# 
loop_
_pdbx_audit_revision_group.ordinal 
_pdbx_audit_revision_group.revision_ordinal 
_pdbx_audit_revision_group.data_content_type 
_pdbx_audit_revision_group.group 
1  2 'Structure model' Advisory                    
2  2 'Structure model' 'Refinement description'    
3  2 'Structure model' 'Source and taxonomy'       
4  2 'Structure model' 'Version format compliance' 
5  3 'Structure model' 'Database references'       
6  4 'Structure model' 'Database references'       
7  5 'Structure model' 'Refinement description'    
8  6 'Structure model' 'Data collection'           
9  6 'Structure model' 'Database references'       
10 6 'Structure model' 'Derived calculations'      
11 6 'Structure model' 'Refinement description'    
# 
loop_
_pdbx_audit_revision_category.ordinal 
_pdbx_audit_revision_category.revision_ordinal 
_pdbx_audit_revision_category.data_content_type 
_pdbx_audit_revision_category.category 
1 5 'Structure model' software                      
2 6 'Structure model' chem_comp_atom                
3 6 'Structure model' chem_comp_bond                
4 6 'Structure model' database_2                    
5 6 'Structure model' pdbx_initial_refinement_model 
6 6 'Structure model' struct_ref_seq_dif            
7 6 'Structure model' struct_site                   
# 
loop_
_pdbx_audit_revision_item.ordinal 
_pdbx_audit_revision_item.revision_ordinal 
_pdbx_audit_revision_item.data_content_type 
_pdbx_audit_revision_item.item 
1 6 'Structure model' '_database_2.pdbx_DOI'                
2 6 'Structure model' '_database_2.pdbx_database_accession' 
3 6 'Structure model' '_struct_ref_seq_dif.details'         
4 6 'Structure model' '_struct_site.pdbx_auth_asym_id'      
5 6 'Structure model' '_struct_site.pdbx_auth_comp_id'      
6 6 'Structure model' '_struct_site.pdbx_auth_seq_id'       
# 
loop_
_pdbx_refine_tls.pdbx_refine_id 
_pdbx_refine_tls.id 
_pdbx_refine_tls.details 
_pdbx_refine_tls.method 
_pdbx_refine_tls.origin_x 
_pdbx_refine_tls.origin_y 
_pdbx_refine_tls.origin_z 
_pdbx_refine_tls.T[1][1] 
_pdbx_refine_tls.T[2][2] 
_pdbx_refine_tls.T[3][3] 
_pdbx_refine_tls.T[1][2] 
_pdbx_refine_tls.T[1][3] 
_pdbx_refine_tls.T[2][3] 
_pdbx_refine_tls.L[1][1] 
_pdbx_refine_tls.L[2][2] 
_pdbx_refine_tls.L[3][3] 
_pdbx_refine_tls.L[1][2] 
_pdbx_refine_tls.L[1][3] 
_pdbx_refine_tls.L[2][3] 
_pdbx_refine_tls.S[1][1] 
_pdbx_refine_tls.S[2][2] 
_pdbx_refine_tls.S[3][3] 
_pdbx_refine_tls.S[1][2] 
_pdbx_refine_tls.S[1][3] 
_pdbx_refine_tls.S[2][3] 
_pdbx_refine_tls.S[2][1] 
_pdbx_refine_tls.S[3][1] 
_pdbx_refine_tls.S[3][2] 
'X-RAY DIFFRACTION' 1 ? refined -3.1613 3.5316  1.1928   0.0258 0.0237 0.0265 -0.0042 0.0061  -0.0035 1.4405 0.4551 1.1615 0.1600 0.3246  -0.0665 -0.0158 0.0496  -0.0338 -0.0544 0.0946  0.0399  -0.0732 0.0196  -0.0165 
'X-RAY DIFFRACTION' 2 ? refined -6.4203 3.6708  -11.3565 0.0728 0.0159 0.0333 -0.0082 -0.0314 0.0088  3.2921 2.6237 1.9328 1.6913 -0.0623 -1.4107 -0.0743 0.0891  -0.0149 0.2153  0.1444  0.2138  -0.0933 -0.1732 0.0306  
'X-RAY DIFFRACTION' 3 ? refined 7.4728  -0.9498 3.0584   0.0429 0.0269 0.0189 -0.0053 0.0107  0.0137  2.1745 0.8579 0.5416 0.2258 0.6976  0.1710  0.0278  -0.0142 -0.0136 -0.1067 -0.1379 -0.0607 -0.0068 0.0221  0.0434  
'X-RAY DIFFRACTION' 4 ? refined -5.0189 -7.0180 3.0888   0.0461 0.0249 0.0898 -0.0227 -0.0394 0.0435  1.0969 0.5231 5.9543 0.4433 1.4084  1.3839  0.1870  0.0064  -0.1933 -0.1092 -0.2214 0.0094  0.0617  0.3052  -0.1083 
# 
loop_
_pdbx_refine_tls_group.pdbx_refine_id 
_pdbx_refine_tls_group.id 
_pdbx_refine_tls_group.refine_tls_id 
_pdbx_refine_tls_group.beg_auth_asym_id 
_pdbx_refine_tls_group.beg_auth_seq_id 
_pdbx_refine_tls_group.end_auth_asym_id 
_pdbx_refine_tls_group.end_auth_seq_id 
_pdbx_refine_tls_group.selection_details 
_pdbx_refine_tls_group.beg_label_asym_id 
_pdbx_refine_tls_group.beg_label_seq_id 
_pdbx_refine_tls_group.end_label_asym_id 
_pdbx_refine_tls_group.end_label_seq_id 
_pdbx_refine_tls_group.selection 
'X-RAY DIFFRACTION' 1 1 A 1   A 44  ? . . . . ? 
'X-RAY DIFFRACTION' 2 2 A 45  A 67  ? . . . . ? 
'X-RAY DIFFRACTION' 3 3 A 68  A 125 ? . . . . ? 
'X-RAY DIFFRACTION' 4 4 A 128 A 157 ? . . . . ? 
# 
_pdbx_phasing_MR.entry_id                     3JVI 
_pdbx_phasing_MR.method_rotation              ? 
_pdbx_phasing_MR.method_translation           ? 
_pdbx_phasing_MR.model_details                'Phaser MODE: MR_AUTO' 
_pdbx_phasing_MR.R_factor                     30.690 
_pdbx_phasing_MR.R_rigid_body                 ? 
_pdbx_phasing_MR.correlation_coeff_Fo_to_Fc   ? 
_pdbx_phasing_MR.correlation_coeff_Io_to_Ic   ? 
_pdbx_phasing_MR.d_res_high_rotation          2.500 
_pdbx_phasing_MR.d_res_low_rotation           28.710 
_pdbx_phasing_MR.d_res_high_translation       2.500 
_pdbx_phasing_MR.d_res_low_translation        28.710 
_pdbx_phasing_MR.packing                      ? 
_pdbx_phasing_MR.reflns_percent_rotation      ? 
_pdbx_phasing_MR.reflns_percent_translation   ? 
_pdbx_phasing_MR.sigma_F_rotation             ? 
_pdbx_phasing_MR.sigma_F_translation          ? 
_pdbx_phasing_MR.sigma_I_rotation             ? 
_pdbx_phasing_MR.sigma_I_translation          ? 
# 
_phasing.method   MR 
# 
loop_
_software.pdbx_ordinal 
_software.name 
_software.version 
_software.date 
_software.type 
_software.contact_author 
_software.contact_author_email 
_software.classification 
_software.location 
_software.language 
_software.citation_id 
1 PHASER      2.1.4 'Thu Nov 13 10:53:32 2008' program 'Randy J. Read'      cimr-phaser@lists.cam.ac.uk phasing           
http://www-structmed.cimr.cam.ac.uk/phaser/  ?          ? 
2 REFMAC      .     ?                          program 'Garib N. Murshudov' garib@ysbl.york.ac.uk       refinement        
http://www.ccp4.ac.uk/dist/html/refmac5.html Fortran_77 ? 
3 PDB_EXTRACT 3.005 'June 11, 2008'            package PDB                  help@deposit.rcsb.org       'data extraction' 
http://sw-tools.pdb.org/apps/PDB_EXTRACT/    C++        ? 
4 HKL-2000    .     ?                          ?       ?                    ?                           'data reduction'  ? ? ? 
5 HKL-2000    .     ?                          ?       ?                    ?                           'data scaling'    ? ? ? 
# 
_pdbx_validate_close_contact.id               1 
_pdbx_validate_close_contact.PDB_model_num    1 
_pdbx_validate_close_contact.auth_atom_id_1   SG 
_pdbx_validate_close_contact.auth_asym_id_1   A 
_pdbx_validate_close_contact.auth_comp_id_1   CYS 
_pdbx_validate_close_contact.auth_seq_id_1    7 
_pdbx_validate_close_contact.PDB_ins_code_1   ? 
_pdbx_validate_close_contact.label_alt_id_1   ? 
_pdbx_validate_close_contact.auth_atom_id_2   O2 
_pdbx_validate_close_contact.auth_asym_id_2   A 
_pdbx_validate_close_contact.auth_comp_id_2   SO4 
_pdbx_validate_close_contact.auth_seq_id_2    201 
_pdbx_validate_close_contact.PDB_ins_code_2   ? 
_pdbx_validate_close_contact.label_alt_id_2   ? 
_pdbx_validate_close_contact.dist             2.14 
# 
loop_
_pdbx_validate_rmsd_bond.id 
_pdbx_validate_rmsd_bond.PDB_model_num 
_pdbx_validate_rmsd_bond.auth_atom_id_1 
_pdbx_validate_rmsd_bond.auth_asym_id_1 
_pdbx_validate_rmsd_bond.auth_comp_id_1 
_pdbx_validate_rmsd_bond.auth_seq_id_1 
_pdbx_validate_rmsd_bond.PDB_ins_code_1 
_pdbx_validate_rmsd_bond.label_alt_id_1 
_pdbx_validate_rmsd_bond.auth_atom_id_2 
_pdbx_validate_rmsd_bond.auth_asym_id_2 
_pdbx_validate_rmsd_bond.auth_comp_id_2 
_pdbx_validate_rmsd_bond.auth_seq_id_2 
_pdbx_validate_rmsd_bond.PDB_ins_code_2 
_pdbx_validate_rmsd_bond.label_alt_id_2 
_pdbx_validate_rmsd_bond.bond_value 
_pdbx_validate_rmsd_bond.bond_target_value 
_pdbx_validate_rmsd_bond.bond_deviation 
_pdbx_validate_rmsd_bond.bond_standard_deviation 
_pdbx_validate_rmsd_bond.linker_flag 
1 1 CB  A GLN 101 ? ? CG  A GLN 101 ? ? 1.311 1.521 -0.210 0.027 N 
2 1 CD1 A TYR 102 ? ? CE1 A TYR 102 ? ? 1.297 1.389 -0.092 0.015 N 
3 1 CD  A GLU 120 ? ? OE1 A GLU 120 ? ? 1.175 1.252 -0.077 0.011 N 
4 1 CD  A GLU 144 ? ? OE2 A GLU 144 ? ? 1.134 1.252 -0.118 0.011 N 
# 
loop_
_pdbx_validate_torsion.id 
_pdbx_validate_torsion.PDB_model_num 
_pdbx_validate_torsion.auth_comp_id 
_pdbx_validate_torsion.auth_asym_id 
_pdbx_validate_torsion.auth_seq_id 
_pdbx_validate_torsion.PDB_ins_code 
_pdbx_validate_torsion.label_alt_id 
_pdbx_validate_torsion.phi 
_pdbx_validate_torsion.psi 
1 1 CYS A 7   ? ? -137.44 -156.86 
2 1 CYS A 12  ? ? -125.03 -77.52  
3 1 PRO A 124 ? ? -60.36  35.11   
# 
loop_
_pdbx_unobs_or_zero_occ_atoms.id 
_pdbx_unobs_or_zero_occ_atoms.PDB_model_num 
_pdbx_unobs_or_zero_occ_atoms.polymer_flag 
_pdbx_unobs_or_zero_occ_atoms.occupancy_flag 
_pdbx_unobs_or_zero_occ_atoms.auth_asym_id 
_pdbx_unobs_or_zero_occ_atoms.auth_comp_id 
_pdbx_unobs_or_zero_occ_atoms.auth_seq_id 
_pdbx_unobs_or_zero_occ_atoms.PDB_ins_code 
_pdbx_unobs_or_zero_occ_atoms.auth_atom_id 
_pdbx_unobs_or_zero_occ_atoms.label_alt_id 
_pdbx_unobs_or_zero_occ_atoms.label_asym_id 
_pdbx_unobs_or_zero_occ_atoms.label_comp_id 
_pdbx_unobs_or_zero_occ_atoms.label_seq_id 
_pdbx_unobs_or_zero_occ_atoms.label_atom_id 
1  1 Y 1 A LYS 33  ? CG  ? A LYS 37  CG  
2  1 Y 1 A LYS 33  ? CD  ? A LYS 37  CD  
3  1 Y 1 A LYS 33  ? CE  ? A LYS 37  CE  
4  1 Y 1 A LYS 33  ? NZ  ? A LYS 37  NZ  
5  1 Y 1 A TYR 44  ? CG  ? A TYR 48  CG  
6  1 Y 1 A TYR 44  ? CD1 ? A TYR 48  CD1 
7  1 Y 1 A TYR 44  ? CD2 ? A TYR 48  CD2 
8  1 Y 1 A TYR 44  ? CE1 ? A TYR 48  CE1 
9  1 Y 1 A TYR 44  ? CE2 ? A TYR 48  CE2 
10 1 Y 1 A TYR 44  ? CZ  ? A TYR 48  CZ  
11 1 Y 1 A TYR 44  ? OH  ? A TYR 48  OH  
12 1 Y 1 A GLU 46  ? CG  ? A GLU 50  CG  
13 1 Y 1 A GLU 46  ? CD  ? A GLU 50  CD  
14 1 Y 1 A GLU 46  ? OE1 ? A GLU 50  OE1 
15 1 Y 1 A GLU 46  ? OE2 ? A GLU 50  OE2 
16 1 Y 1 A LYS 117 ? CG  ? A LYS 121 CG  
17 1 Y 1 A LYS 117 ? CD  ? A LYS 121 CD  
18 1 Y 1 A LYS 117 ? CE  ? A LYS 121 CE  
19 1 Y 1 A LYS 117 ? NZ  ? A LYS 121 NZ  
# 
loop_
_pdbx_unobs_or_zero_occ_residues.id 
_pdbx_unobs_or_zero_occ_residues.PDB_model_num 
_pdbx_unobs_or_zero_occ_residues.polymer_flag 
_pdbx_unobs_or_zero_occ_residues.occupancy_flag 
_pdbx_unobs_or_zero_occ_residues.auth_asym_id 
_pdbx_unobs_or_zero_occ_residues.auth_comp_id 
_pdbx_unobs_or_zero_occ_residues.auth_seq_id 
_pdbx_unobs_or_zero_occ_residues.PDB_ins_code 
_pdbx_unobs_or_zero_occ_residues.label_asym_id 
_pdbx_unobs_or_zero_occ_residues.label_comp_id 
_pdbx_unobs_or_zero_occ_residues.label_seq_id 
1 1 Y 1 A GLY -3  ? A GLY 1   
2 1 Y 1 A PRO -2  ? A PRO 2   
3 1 Y 1 A GLY -1  ? A GLY 3   
4 1 Y 1 A TYR 126 ? A TYR 130 
5 1 Y 1 A GLY 127 ? A GLY 131 
# 
loop_
_chem_comp_atom.comp_id 
_chem_comp_atom.atom_id 
_chem_comp_atom.type_symbol 
_chem_comp_atom.pdbx_aromatic_flag 
_chem_comp_atom.pdbx_stereo_config 
_chem_comp_atom.pdbx_ordinal 
ALA N    N N N 1   
ALA CA   C N S 2   
ALA C    C N N 3   
ALA O    O N N 4   
ALA CB   C N N 5   
ALA OXT  O N N 6   
ALA H    H N N 7   
ALA H2   H N N 8   
ALA HA   H N N 9   
ALA HB1  H N N 10  
ALA HB2  H N N 11  
ALA HB3  H N N 12  
ALA HXT  H N N 13  
ARG N    N N N 14  
ARG CA   C N S 15  
ARG C    C N N 16  
ARG O    O N N 17  
ARG CB   C N N 18  
ARG CG   C N N 19  
ARG CD   C N N 20  
ARG NE   N N N 21  
ARG CZ   C N N 22  
ARG NH1  N N N 23  
ARG NH2  N N N 24  
ARG OXT  O N N 25  
ARG H    H N N 26  
ARG H2   H N N 27  
ARG HA   H N N 28  
ARG HB2  H N N 29  
ARG HB3  H N N 30  
ARG HG2  H N N 31  
ARG HG3  H N N 32  
ARG HD2  H N N 33  
ARG HD3  H N N 34  
ARG HE   H N N 35  
ARG HH11 H N N 36  
ARG HH12 H N N 37  
ARG HH21 H N N 38  
ARG HH22 H N N 39  
ARG HXT  H N N 40  
ASN N    N N N 41  
ASN CA   C N S 42  
ASN C    C N N 43  
ASN O    O N N 44  
ASN CB   C N N 45  
ASN CG   C N N 46  
ASN OD1  O N N 47  
ASN ND2  N N N 48  
ASN OXT  O N N 49  
ASN H    H N N 50  
ASN H2   H N N 51  
ASN HA   H N N 52  
ASN HB2  H N N 53  
ASN HB3  H N N 54  
ASN HD21 H N N 55  
ASN HD22 H N N 56  
ASN HXT  H N N 57  
ASP N    N N N 58  
ASP CA   C N S 59  
ASP C    C N N 60  
ASP O    O N N 61  
ASP CB   C N N 62  
ASP CG   C N N 63  
ASP OD1  O N N 64  
ASP OD2  O N N 65  
ASP OXT  O N N 66  
ASP H    H N N 67  
ASP H2   H N N 68  
ASP HA   H N N 69  
ASP HB2  H N N 70  
ASP HB3  H N N 71  
ASP HD2  H N N 72  
ASP HXT  H N N 73  
CYS N    N N N 74  
CYS CA   C N R 75  
CYS C    C N N 76  
CYS O    O N N 77  
CYS CB   C N N 78  
CYS SG   S N N 79  
CYS OXT  O N N 80  
CYS H    H N N 81  
CYS H2   H N N 82  
CYS HA   H N N 83  
CYS HB2  H N N 84  
CYS HB3  H N N 85  
CYS HG   H N N 86  
CYS HXT  H N N 87  
GLN N    N N N 88  
GLN CA   C N S 89  
GLN C    C N N 90  
GLN O    O N N 91  
GLN CB   C N N 92  
GLN CG   C N N 93  
GLN CD   C N N 94  
GLN OE1  O N N 95  
GLN NE2  N N N 96  
GLN OXT  O N N 97  
GLN H    H N N 98  
GLN H2   H N N 99  
GLN HA   H N N 100 
GLN HB2  H N N 101 
GLN HB3  H N N 102 
GLN HG2  H N N 103 
GLN HG3  H N N 104 
GLN HE21 H N N 105 
GLN HE22 H N N 106 
GLN HXT  H N N 107 
GLU N    N N N 108 
GLU CA   C N S 109 
GLU C    C N N 110 
GLU O    O N N 111 
GLU CB   C N N 112 
GLU CG   C N N 113 
GLU CD   C N N 114 
GLU OE1  O N N 115 
GLU OE2  O N N 116 
GLU OXT  O N N 117 
GLU H    H N N 118 
GLU H2   H N N 119 
GLU HA   H N N 120 
GLU HB2  H N N 121 
GLU HB3  H N N 122 
GLU HG2  H N N 123 
GLU HG3  H N N 124 
GLU HE2  H N N 125 
GLU HXT  H N N 126 
GLY N    N N N 127 
GLY CA   C N N 128 
GLY C    C N N 129 
GLY O    O N N 130 
GLY OXT  O N N 131 
GLY H    H N N 132 
GLY H2   H N N 133 
GLY HA2  H N N 134 
GLY HA3  H N N 135 
GLY HXT  H N N 136 
HIS N    N N N 137 
HIS CA   C N S 138 
HIS C    C N N 139 
HIS O    O N N 140 
HIS CB   C N N 141 
HIS CG   C Y N 142 
HIS ND1  N Y N 143 
HIS CD2  C Y N 144 
HIS CE1  C Y N 145 
HIS NE2  N Y N 146 
HIS OXT  O N N 147 
HIS H    H N N 148 
HIS H2   H N N 149 
HIS HA   H N N 150 
HIS HB2  H N N 151 
HIS HB3  H N N 152 
HIS HD1  H N N 153 
HIS HD2  H N N 154 
HIS HE1  H N N 155 
HIS HE2  H N N 156 
HIS HXT  H N N 157 
HOH O    O N N 158 
HOH H1   H N N 159 
HOH H2   H N N 160 
ILE N    N N N 161 
ILE CA   C N S 162 
ILE C    C N N 163 
ILE O    O N N 164 
ILE CB   C N S 165 
ILE CG1  C N N 166 
ILE CG2  C N N 167 
ILE CD1  C N N 168 
ILE OXT  O N N 169 
ILE H    H N N 170 
ILE H2   H N N 171 
ILE HA   H N N 172 
ILE HB   H N N 173 
ILE HG12 H N N 174 
ILE HG13 H N N 175 
ILE HG21 H N N 176 
ILE HG22 H N N 177 
ILE HG23 H N N 178 
ILE HD11 H N N 179 
ILE HD12 H N N 180 
ILE HD13 H N N 181 
ILE HXT  H N N 182 
LEU N    N N N 183 
LEU CA   C N S 184 
LEU C    C N N 185 
LEU O    O N N 186 
LEU CB   C N N 187 
LEU CG   C N N 188 
LEU CD1  C N N 189 
LEU CD2  C N N 190 
LEU OXT  O N N 191 
LEU H    H N N 192 
LEU H2   H N N 193 
LEU HA   H N N 194 
LEU HB2  H N N 195 
LEU HB3  H N N 196 
LEU HG   H N N 197 
LEU HD11 H N N 198 
LEU HD12 H N N 199 
LEU HD13 H N N 200 
LEU HD21 H N N 201 
LEU HD22 H N N 202 
LEU HD23 H N N 203 
LEU HXT  H N N 204 
LYS N    N N N 205 
LYS CA   C N S 206 
LYS C    C N N 207 
LYS O    O N N 208 
LYS CB   C N N 209 
LYS CG   C N N 210 
LYS CD   C N N 211 
LYS CE   C N N 212 
LYS NZ   N N N 213 
LYS OXT  O N N 214 
LYS H    H N N 215 
LYS H2   H N N 216 
LYS HA   H N N 217 
LYS HB2  H N N 218 
LYS HB3  H N N 219 
LYS HG2  H N N 220 
LYS HG3  H N N 221 
LYS HD2  H N N 222 
LYS HD3  H N N 223 
LYS HE2  H N N 224 
LYS HE3  H N N 225 
LYS HZ1  H N N 226 
LYS HZ2  H N N 227 
LYS HZ3  H N N 228 
LYS HXT  H N N 229 
MET N    N N N 230 
MET CA   C N S 231 
MET C    C N N 232 
MET O    O N N 233 
MET CB   C N N 234 
MET CG   C N N 235 
MET SD   S N N 236 
MET CE   C N N 237 
MET OXT  O N N 238 
MET H    H N N 239 
MET H2   H N N 240 
MET HA   H N N 241 
MET HB2  H N N 242 
MET HB3  H N N 243 
MET HG2  H N N 244 
MET HG3  H N N 245 
MET HE1  H N N 246 
MET HE2  H N N 247 
MET HE3  H N N 248 
MET HXT  H N N 249 
PHE N    N N N 250 
PHE CA   C N S 251 
PHE C    C N N 252 
PHE O    O N N 253 
PHE CB   C N N 254 
PHE CG   C Y N 255 
PHE CD1  C Y N 256 
PHE CD2  C Y N 257 
PHE CE1  C Y N 258 
PHE CE2  C Y N 259 
PHE CZ   C Y N 260 
PHE OXT  O N N 261 
PHE H    H N N 262 
PHE H2   H N N 263 
PHE HA   H N N 264 
PHE HB2  H N N 265 
PHE HB3  H N N 266 
PHE HD1  H N N 267 
PHE HD2  H N N 268 
PHE HE1  H N N 269 
PHE HE2  H N N 270 
PHE HZ   H N N 271 
PHE HXT  H N N 272 
PRO N    N N N 273 
PRO CA   C N S 274 
PRO C    C N N 275 
PRO O    O N N 276 
PRO CB   C N N 277 
PRO CG   C N N 278 
PRO CD   C N N 279 
PRO OXT  O N N 280 
PRO H    H N N 281 
PRO HA   H N N 282 
PRO HB2  H N N 283 
PRO HB3  H N N 284 
PRO HG2  H N N 285 
PRO HG3  H N N 286 
PRO HD2  H N N 287 
PRO HD3  H N N 288 
PRO HXT  H N N 289 
SER N    N N N 290 
SER CA   C N S 291 
SER C    C N N 292 
SER O    O N N 293 
SER CB   C N N 294 
SER OG   O N N 295 
SER OXT  O N N 296 
SER H    H N N 297 
SER H2   H N N 298 
SER HA   H N N 299 
SER HB2  H N N 300 
SER HB3  H N N 301 
SER HG   H N N 302 
SER HXT  H N N 303 
SO4 S    S N N 304 
SO4 O1   O N N 305 
SO4 O2   O N N 306 
SO4 O3   O N N 307 
SO4 O4   O N N 308 
THR N    N N N 309 
THR CA   C N S 310 
THR C    C N N 311 
THR O    O N N 312 
THR CB   C N R 313 
THR OG1  O N N 314 
THR CG2  C N N 315 
THR OXT  O N N 316 
THR H    H N N 317 
THR H2   H N N 318 
THR HA   H N N 319 
THR HB   H N N 320 
THR HG1  H N N 321 
THR HG21 H N N 322 
THR HG22 H N N 323 
THR HG23 H N N 324 
THR HXT  H N N 325 
TYR N    N N N 326 
TYR CA   C N S 327 
TYR C    C N N 328 
TYR O    O N N 329 
TYR CB   C N N 330 
TYR CG   C Y N 331 
TYR CD1  C Y N 332 
TYR CD2  C Y N 333 
TYR CE1  C Y N 334 
TYR CE2  C Y N 335 
TYR CZ   C Y N 336 
TYR OH   O N N 337 
TYR OXT  O N N 338 
TYR H    H N N 339 
TYR H2   H N N 340 
TYR HA   H N N 341 
TYR HB2  H N N 342 
TYR HB3  H N N 343 
TYR HD1  H N N 344 
TYR HD2  H N N 345 
TYR HE1  H N N 346 
TYR HE2  H N N 347 
TYR HH   H N N 348 
TYR HXT  H N N 349 
VAL N    N N N 350 
VAL CA   C N S 351 
VAL C    C N N 352 
VAL O    O N N 353 
VAL CB   C N N 354 
VAL CG1  C N N 355 
VAL CG2  C N N 356 
VAL OXT  O N N 357 
VAL H    H N N 358 
VAL H2   H N N 359 
VAL HA   H N N 360 
VAL HB   H N N 361 
VAL HG11 H N N 362 
VAL HG12 H N N 363 
VAL HG13 H N N 364 
VAL HG21 H N N 365 
VAL HG22 H N N 366 
VAL HG23 H N N 367 
VAL HXT  H N N 368 
# 
loop_
_chem_comp_bond.comp_id 
_chem_comp_bond.atom_id_1 
_chem_comp_bond.atom_id_2 
_chem_comp_bond.value_order 
_chem_comp_bond.pdbx_aromatic_flag 
_chem_comp_bond.pdbx_stereo_config 
_chem_comp_bond.pdbx_ordinal 
ALA N   CA   sing N N 1   
ALA N   H    sing N N 2   
ALA N   H2   sing N N 3   
ALA CA  C    sing N N 4   
ALA CA  CB   sing N N 5   
ALA CA  HA   sing N N 6   
ALA C   O    doub N N 7   
ALA C   OXT  sing N N 8   
ALA CB  HB1  sing N N 9   
ALA CB  HB2  sing N N 10  
ALA CB  HB3  sing N N 11  
ALA OXT HXT  sing N N 12  
ARG N   CA   sing N N 13  
ARG N   H    sing N N 14  
ARG N   H2   sing N N 15  
ARG CA  C    sing N N 16  
ARG CA  CB   sing N N 17  
ARG CA  HA   sing N N 18  
ARG C   O    doub N N 19  
ARG C   OXT  sing N N 20  
ARG CB  CG   sing N N 21  
ARG CB  HB2  sing N N 22  
ARG CB  HB3  sing N N 23  
ARG CG  CD   sing N N 24  
ARG CG  HG2  sing N N 25  
ARG CG  HG3  sing N N 26  
ARG CD  NE   sing N N 27  
ARG CD  HD2  sing N N 28  
ARG CD  HD3  sing N N 29  
ARG NE  CZ   sing N N 30  
ARG NE  HE   sing N N 31  
ARG CZ  NH1  sing N N 32  
ARG CZ  NH2  doub N N 33  
ARG NH1 HH11 sing N N 34  
ARG NH1 HH12 sing N N 35  
ARG NH2 HH21 sing N N 36  
ARG NH2 HH22 sing N N 37  
ARG OXT HXT  sing N N 38  
ASN N   CA   sing N N 39  
ASN N   H    sing N N 40  
ASN N   H2   sing N N 41  
ASN CA  C    sing N N 42  
ASN CA  CB   sing N N 43  
ASN CA  HA   sing N N 44  
ASN C   O    doub N N 45  
ASN C   OXT  sing N N 46  
ASN CB  CG   sing N N 47  
ASN CB  HB2  sing N N 48  
ASN CB  HB3  sing N N 49  
ASN CG  OD1  doub N N 50  
ASN CG  ND2  sing N N 51  
ASN ND2 HD21 sing N N 52  
ASN ND2 HD22 sing N N 53  
ASN OXT HXT  sing N N 54  
ASP N   CA   sing N N 55  
ASP N   H    sing N N 56  
ASP N   H2   sing N N 57  
ASP CA  C    sing N N 58  
ASP CA  CB   sing N N 59  
ASP CA  HA   sing N N 60  
ASP C   O    doub N N 61  
ASP C   OXT  sing N N 62  
ASP CB  CG   sing N N 63  
ASP CB  HB2  sing N N 64  
ASP CB  HB3  sing N N 65  
ASP CG  OD1  doub N N 66  
ASP CG  OD2  sing N N 67  
ASP OD2 HD2  sing N N 68  
ASP OXT HXT  sing N N 69  
CYS N   CA   sing N N 70  
CYS N   H    sing N N 71  
CYS N   H2   sing N N 72  
CYS CA  C    sing N N 73  
CYS CA  CB   sing N N 74  
CYS CA  HA   sing N N 75  
CYS C   O    doub N N 76  
CYS C   OXT  sing N N 77  
CYS CB  SG   sing N N 78  
CYS CB  HB2  sing N N 79  
CYS CB  HB3  sing N N 80  
CYS SG  HG   sing N N 81  
CYS OXT HXT  sing N N 82  
GLN N   CA   sing N N 83  
GLN N   H    sing N N 84  
GLN N   H2   sing N N 85  
GLN CA  C    sing N N 86  
GLN CA  CB   sing N N 87  
GLN CA  HA   sing N N 88  
GLN C   O    doub N N 89  
GLN C   OXT  sing N N 90  
GLN CB  CG   sing N N 91  
GLN CB  HB2  sing N N 92  
GLN CB  HB3  sing N N 93  
GLN CG  CD   sing N N 94  
GLN CG  HG2  sing N N 95  
GLN CG  HG3  sing N N 96  
GLN CD  OE1  doub N N 97  
GLN CD  NE2  sing N N 98  
GLN NE2 HE21 sing N N 99  
GLN NE2 HE22 sing N N 100 
GLN OXT HXT  sing N N 101 
GLU N   CA   sing N N 102 
GLU N   H    sing N N 103 
GLU N   H2   sing N N 104 
GLU CA  C    sing N N 105 
GLU CA  CB   sing N N 106 
GLU CA  HA   sing N N 107 
GLU C   O    doub N N 108 
GLU C   OXT  sing N N 109 
GLU CB  CG   sing N N 110 
GLU CB  HB2  sing N N 111 
GLU CB  HB3  sing N N 112 
GLU CG  CD   sing N N 113 
GLU CG  HG2  sing N N 114 
GLU CG  HG3  sing N N 115 
GLU CD  OE1  doub N N 116 
GLU CD  OE2  sing N N 117 
GLU OE2 HE2  sing N N 118 
GLU OXT HXT  sing N N 119 
GLY N   CA   sing N N 120 
GLY N   H    sing N N 121 
GLY N   H2   sing N N 122 
GLY CA  C    sing N N 123 
GLY CA  HA2  sing N N 124 
GLY CA  HA3  sing N N 125 
GLY C   O    doub N N 126 
GLY C   OXT  sing N N 127 
GLY OXT HXT  sing N N 128 
HIS N   CA   sing N N 129 
HIS N   H    sing N N 130 
HIS N   H2   sing N N 131 
HIS CA  C    sing N N 132 
HIS CA  CB   sing N N 133 
HIS CA  HA   sing N N 134 
HIS C   O    doub N N 135 
HIS C   OXT  sing N N 136 
HIS CB  CG   sing N N 137 
HIS CB  HB2  sing N N 138 
HIS CB  HB3  sing N N 139 
HIS CG  ND1  sing Y N 140 
HIS CG  CD2  doub Y N 141 
HIS ND1 CE1  doub Y N 142 
HIS ND1 HD1  sing N N 143 
HIS CD2 NE2  sing Y N 144 
HIS CD2 HD2  sing N N 145 
HIS CE1 NE2  sing Y N 146 
HIS CE1 HE1  sing N N 147 
HIS NE2 HE2  sing N N 148 
HIS OXT HXT  sing N N 149 
HOH O   H1   sing N N 150 
HOH O   H2   sing N N 151 
ILE N   CA   sing N N 152 
ILE N   H    sing N N 153 
ILE N   H2   sing N N 154 
ILE CA  C    sing N N 155 
ILE CA  CB   sing N N 156 
ILE CA  HA   sing N N 157 
ILE C   O    doub N N 158 
ILE C   OXT  sing N N 159 
ILE CB  CG1  sing N N 160 
ILE CB  CG2  sing N N 161 
ILE CB  HB   sing N N 162 
ILE CG1 CD1  sing N N 163 
ILE CG1 HG12 sing N N 164 
ILE CG1 HG13 sing N N 165 
ILE CG2 HG21 sing N N 166 
ILE CG2 HG22 sing N N 167 
ILE CG2 HG23 sing N N 168 
ILE CD1 HD11 sing N N 169 
ILE CD1 HD12 sing N N 170 
ILE CD1 HD13 sing N N 171 
ILE OXT HXT  sing N N 172 
LEU N   CA   sing N N 173 
LEU N   H    sing N N 174 
LEU N   H2   sing N N 175 
LEU CA  C    sing N N 176 
LEU CA  CB   sing N N 177 
LEU CA  HA   sing N N 178 
LEU C   O    doub N N 179 
LEU C   OXT  sing N N 180 
LEU CB  CG   sing N N 181 
LEU CB  HB2  sing N N 182 
LEU CB  HB3  sing N N 183 
LEU CG  CD1  sing N N 184 
LEU CG  CD2  sing N N 185 
LEU CG  HG   sing N N 186 
LEU CD1 HD11 sing N N 187 
LEU CD1 HD12 sing N N 188 
LEU CD1 HD13 sing N N 189 
LEU CD2 HD21 sing N N 190 
LEU CD2 HD22 sing N N 191 
LEU CD2 HD23 sing N N 192 
LEU OXT HXT  sing N N 193 
LYS N   CA   sing N N 194 
LYS N   H    sing N N 195 
LYS N   H2   sing N N 196 
LYS CA  C    sing N N 197 
LYS CA  CB   sing N N 198 
LYS CA  HA   sing N N 199 
LYS C   O    doub N N 200 
LYS C   OXT  sing N N 201 
LYS CB  CG   sing N N 202 
LYS CB  HB2  sing N N 203 
LYS CB  HB3  sing N N 204 
LYS CG  CD   sing N N 205 
LYS CG  HG2  sing N N 206 
LYS CG  HG3  sing N N 207 
LYS CD  CE   sing N N 208 
LYS CD  HD2  sing N N 209 
LYS CD  HD3  sing N N 210 
LYS CE  NZ   sing N N 211 
LYS CE  HE2  sing N N 212 
LYS CE  HE3  sing N N 213 
LYS NZ  HZ1  sing N N 214 
LYS NZ  HZ2  sing N N 215 
LYS NZ  HZ3  sing N N 216 
LYS OXT HXT  sing N N 217 
MET N   CA   sing N N 218 
MET N   H    sing N N 219 
MET N   H2   sing N N 220 
MET CA  C    sing N N 221 
MET CA  CB   sing N N 222 
MET CA  HA   sing N N 223 
MET C   O    doub N N 224 
MET C   OXT  sing N N 225 
MET CB  CG   sing N N 226 
MET CB  HB2  sing N N 227 
MET CB  HB3  sing N N 228 
MET CG  SD   sing N N 229 
MET CG  HG2  sing N N 230 
MET CG  HG3  sing N N 231 
MET SD  CE   sing N N 232 
MET CE  HE1  sing N N 233 
MET CE  HE2  sing N N 234 
MET CE  HE3  sing N N 235 
MET OXT HXT  sing N N 236 
PHE N   CA   sing N N 237 
PHE N   H    sing N N 238 
PHE N   H2   sing N N 239 
PHE CA  C    sing N N 240 
PHE CA  CB   sing N N 241 
PHE CA  HA   sing N N 242 
PHE C   O    doub N N 243 
PHE C   OXT  sing N N 244 
PHE CB  CG   sing N N 245 
PHE CB  HB2  sing N N 246 
PHE CB  HB3  sing N N 247 
PHE CG  CD1  doub Y N 248 
PHE CG  CD2  sing Y N 249 
PHE CD1 CE1  sing Y N 250 
PHE CD1 HD1  sing N N 251 
PHE CD2 CE2  doub Y N 252 
PHE CD2 HD2  sing N N 253 
PHE CE1 CZ   doub Y N 254 
PHE CE1 HE1  sing N N 255 
PHE CE2 CZ   sing Y N 256 
PHE CE2 HE2  sing N N 257 
PHE CZ  HZ   sing N N 258 
PHE OXT HXT  sing N N 259 
PRO N   CA   sing N N 260 
PRO N   CD   sing N N 261 
PRO N   H    sing N N 262 
PRO CA  C    sing N N 263 
PRO CA  CB   sing N N 264 
PRO CA  HA   sing N N 265 
PRO C   O    doub N N 266 
PRO C   OXT  sing N N 267 
PRO CB  CG   sing N N 268 
PRO CB  HB2  sing N N 269 
PRO CB  HB3  sing N N 270 
PRO CG  CD   sing N N 271 
PRO CG  HG2  sing N N 272 
PRO CG  HG3  sing N N 273 
PRO CD  HD2  sing N N 274 
PRO CD  HD3  sing N N 275 
PRO OXT HXT  sing N N 276 
SER N   CA   sing N N 277 
SER N   H    sing N N 278 
SER N   H2   sing N N 279 
SER CA  C    sing N N 280 
SER CA  CB   sing N N 281 
SER CA  HA   sing N N 282 
SER C   O    doub N N 283 
SER C   OXT  sing N N 284 
SER CB  OG   sing N N 285 
SER CB  HB2  sing N N 286 
SER CB  HB3  sing N N 287 
SER OG  HG   sing N N 288 
SER OXT HXT  sing N N 289 
SO4 S   O1   doub N N 290 
SO4 S   O2   doub N N 291 
SO4 S   O3   sing N N 292 
SO4 S   O4   sing N N 293 
THR N   CA   sing N N 294 
THR N   H    sing N N 295 
THR N   H2   sing N N 296 
THR CA  C    sing N N 297 
THR CA  CB   sing N N 298 
THR CA  HA   sing N N 299 
THR C   O    doub N N 300 
THR C   OXT  sing N N 301 
THR CB  OG1  sing N N 302 
THR CB  CG2  sing N N 303 
THR CB  HB   sing N N 304 
THR OG1 HG1  sing N N 305 
THR CG2 HG21 sing N N 306 
THR CG2 HG22 sing N N 307 
THR CG2 HG23 sing N N 308 
THR OXT HXT  sing N N 309 
TYR N   CA   sing N N 310 
TYR N   H    sing N N 311 
TYR N   H2   sing N N 312 
TYR CA  C    sing N N 313 
TYR CA  CB   sing N N 314 
TYR CA  HA   sing N N 315 
TYR C   O    doub N N 316 
TYR C   OXT  sing N N 317 
TYR CB  CG   sing N N 318 
TYR CB  HB2  sing N N 319 
TYR CB  HB3  sing N N 320 
TYR CG  CD1  doub Y N 321 
TYR CG  CD2  sing Y N 322 
TYR CD1 CE1  sing Y N 323 
TYR CD1 HD1  sing N N 324 
TYR CD2 CE2  doub Y N 325 
TYR CD2 HD2  sing N N 326 
TYR CE1 CZ   doub Y N 327 
TYR CE1 HE1  sing N N 328 
TYR CE2 CZ   sing Y N 329 
TYR CE2 HE2  sing N N 330 
TYR CZ  OH   sing N N 331 
TYR OH  HH   sing N N 332 
TYR OXT HXT  sing N N 333 
VAL N   CA   sing N N 334 
VAL N   H    sing N N 335 
VAL N   H2   sing N N 336 
VAL CA  C    sing N N 337 
VAL CA  CB   sing N N 338 
VAL CA  HA   sing N N 339 
VAL C   O    doub N N 340 
VAL C   OXT  sing N N 341 
VAL CB  CG1  sing N N 342 
VAL CB  CG2  sing N N 343 
VAL CB  HB   sing N N 344 
VAL CG1 HG11 sing N N 345 
VAL CG1 HG12 sing N N 346 
VAL CG1 HG13 sing N N 347 
VAL CG2 HG21 sing N N 348 
VAL CG2 HG22 sing N N 349 
VAL CG2 HG23 sing N N 350 
VAL OXT HXT  sing N N 351 
# 
loop_
_pdbx_entity_nonpoly.entity_id 
_pdbx_entity_nonpoly.name 
_pdbx_entity_nonpoly.comp_id 
2 'SULFATE ION' SO4 
3 water         HOH 
# 
_pdbx_initial_refinement_model.id               1 
_pdbx_initial_refinement_model.entity_id_list   ? 
_pdbx_initial_refinement_model.type             'experimental model' 
_pdbx_initial_refinement_model.source_name      PDB 
_pdbx_initial_refinement_model.accession_code   3IDO 
_pdbx_initial_refinement_model.details          'PDB entry 3IDO' 
# 
